data_4RFL
#
_entry.id   4RFL
#
_cell.length_a   59.391
_cell.length_b   72.115
_cell.length_c   101.714
_cell.angle_alpha   77.62
_cell.angle_beta   79.58
_cell.angle_gamma   75.63
#
_symmetry.space_group_name_H-M   'P 1'
#
loop_
_entity.id
_entity.type
_entity.pdbx_description
1 polymer 'Glycerol-1-phosphate dehydrogenase [NAD(P)+]'
2 non-polymer 'NADPH DIHYDRO-NICOTINAMIDE-ADENINE-DINUCLEOTIDE PHOSPHATE'
3 non-polymer 'POTASSIUM ION'
4 non-polymer 'ZINC ION'
5 non-polymer 1,2-ETHANEDIOL
6 non-polymer 'SODIUM ION'
7 water water
#
_entity_poly.entity_id   1
_entity_poly.type   'polypeptide(L)'
_entity_poly.pdbx_seq_one_letter_code
;MRGSHHHHHHGMASMTGGQQMGRDLYDDDDKDHPFTMIIVTPRYTIIEDGAINKIEEILKKLNLKNPLVITGKNTKKYCR
FFYDIVYYDEILNNLEIELKKYTAYDCVIGIGGGRSIDTGKYLAYKLGIPFISVPTTASNDGIASPIVSIRQPSFMVDAP
IAIIADTEIIKKSPRRLLSAGMGDIVSNITAVLDWKLAYKEKGEKYSESSAIFSKTIAKELISYVLNSDLSEYHNKLVKA
LVGSGIAIAIANSSRPASGSEHLFSHALDKLKEEYNLNINSLHGEQCGIGTIMMSYLHEKENKKLSGLHEKIKMSLKKVD
APTTAKELGFDEDIIIEALTMAHKIRNRWTILRDGLSREEARKLAEETGVI
;
_entity_poly.pdbx_strand_id   A,B,C,D
#
# COMPACT_ATOMS: atom_id res chain seq x y z
N ILE A 38 31.35 -26.73 12.96
CA ILE A 38 30.42 -25.79 13.62
C ILE A 38 30.17 -24.47 12.81
N ILE A 39 28.90 -24.17 12.56
CA ILE A 39 28.52 -22.97 11.85
C ILE A 39 27.86 -21.96 12.80
N VAL A 40 28.39 -20.73 12.78
CA VAL A 40 27.89 -19.66 13.60
C VAL A 40 27.22 -18.61 12.70
N THR A 41 25.94 -18.38 12.92
CA THR A 41 25.22 -17.40 12.14
C THR A 41 24.64 -16.34 13.06
N PRO A 42 24.15 -15.22 12.50
CA PRO A 42 23.38 -14.35 13.34
C PRO A 42 22.14 -15.01 13.90
N ARG A 43 21.72 -14.53 15.04
CA ARG A 43 20.44 -14.91 15.62
C ARG A 43 19.32 -14.02 15.14
N TYR A 44 19.55 -12.71 15.17
CA TYR A 44 18.56 -11.74 14.77
C TYR A 44 19.04 -10.79 13.72
N THR A 45 18.17 -10.55 12.73
CA THR A 45 18.45 -9.66 11.67
C THR A 45 17.26 -8.78 11.47
N ILE A 46 17.50 -7.48 11.55
CA ILE A 46 16.43 -6.47 11.32
C ILE A 46 16.87 -5.49 10.28
N ILE A 47 16.08 -5.34 9.24
CA ILE A 47 16.37 -4.39 8.21
C ILE A 47 15.09 -3.59 7.95
N GLU A 48 15.05 -2.37 8.47
CA GLU A 48 13.87 -1.49 8.33
C GLU A 48 14.11 -0.08 8.83
N ASP A 49 13.20 0.81 8.46
CA ASP A 49 13.27 2.22 8.83
C ASP A 49 13.06 2.33 10.34
N GLY A 50 13.92 3.08 11.00
CA GLY A 50 13.88 3.21 12.44
C GLY A 50 14.44 2.02 13.26
N ALA A 51 15.12 1.09 12.62
CA ALA A 51 15.61 -0.11 13.30
C ALA A 51 16.54 0.23 14.46
N ILE A 52 17.19 1.39 14.41
CA ILE A 52 18.14 1.73 15.45
C ILE A 52 17.47 1.80 16.82
N ASN A 53 16.17 2.07 16.84
CA ASN A 53 15.42 2.12 18.07
C ASN A 53 15.12 0.75 18.67
N LYS A 54 15.49 -0.30 17.95
CA LYS A 54 15.28 -1.69 18.40
C LYS A 54 16.49 -2.35 19.06
N ILE A 55 17.55 -1.58 19.28
CA ILE A 55 18.73 -2.08 20.02
C ILE A 55 18.33 -2.73 21.33
N GLU A 56 17.56 -2.00 22.12
CA GLU A 56 17.26 -2.48 23.45
C GLU A 56 16.38 -3.75 23.40
N GLU A 57 15.42 -3.77 22.49
CA GLU A 57 14.57 -4.90 22.32
C GLU A 57 15.41 -6.15 22.00
N ILE A 58 16.39 -6.00 21.14
CA ILE A 58 17.24 -7.11 20.80
C ILE A 58 18.13 -7.54 21.97
N LEU A 59 18.75 -6.57 22.61
CA LEU A 59 19.56 -6.88 23.80
C LEU A 59 18.76 -7.69 24.83
N LYS A 60 17.50 -7.31 25.00
CA LYS A 60 16.65 -7.96 25.98
C LYS A 60 16.36 -9.40 25.58
N LYS A 61 16.03 -9.58 24.31
CA LYS A 61 15.88 -10.89 23.73
C LYS A 61 17.10 -11.77 23.89
N LEU A 62 18.28 -11.20 23.81
CA LEU A 62 19.53 -11.93 24.03
C LEU A 62 20.00 -11.95 25.47
N ASN A 63 19.19 -11.43 26.38
CA ASN A 63 19.61 -11.37 27.79
C ASN A 63 20.95 -10.65 28.02
N LEU A 64 21.09 -9.48 27.42
CA LEU A 64 22.32 -8.72 27.48
C LEU A 64 21.98 -7.36 28.02
N LYS A 65 22.89 -6.80 28.81
CA LYS A 65 22.59 -5.62 29.63
C LYS A 65 23.58 -4.45 29.65
N ASN A 66 24.81 -4.69 29.24
CA ASN A 66 25.84 -3.69 29.42
C ASN A 66 26.77 -3.67 28.23
N PRO A 67 26.28 -3.18 27.11
CA PRO A 67 27.15 -3.13 25.97
C PRO A 67 28.18 -2.04 26.01
N LEU A 68 29.29 -2.31 25.35
CA LEU A 68 30.25 -1.27 24.98
C LEU A 68 30.00 -0.92 23.51
N VAL A 69 29.84 0.35 23.23
CA VAL A 69 29.58 0.80 21.90
C VAL A 69 30.88 1.29 21.30
N ILE A 70 31.14 0.82 20.10
CA ILE A 70 32.27 1.30 19.30
C ILE A 70 31.73 2.03 18.07
N THR A 71 32.20 3.25 17.86
CA THR A 71 31.69 4.07 16.79
C THR A 71 32.78 4.98 16.23
N GLY A 72 32.38 5.78 15.24
CA GLY A 72 33.27 6.75 14.61
C GLY A 72 32.83 8.16 14.97
N LYS A 73 33.72 9.10 14.77
CA LYS A 73 33.44 10.50 15.00
C LYS A 73 32.29 10.99 14.15
N ASN A 74 32.25 10.57 12.88
CA ASN A 74 31.19 11.02 11.96
C ASN A 74 29.85 10.34 12.16
N THR A 75 29.85 9.25 12.92
CA THR A 75 28.63 8.49 13.12
C THR A 75 28.11 8.55 14.55
N LYS A 76 28.86 9.22 15.41
CA LYS A 76 28.50 9.36 16.83
C LYS A 76 27.12 9.97 17.00
N LYS A 77 26.74 10.83 16.08
CA LYS A 77 25.40 11.42 16.10
C LYS A 77 24.23 10.42 16.09
N TYR A 78 24.47 9.18 15.64
CA TYR A 78 23.42 8.18 15.63
C TYR A 78 23.35 7.36 16.92
N CYS A 79 24.26 7.66 17.84
CA CYS A 79 24.33 6.97 19.12
C CYS A 79 23.53 7.70 20.21
N ARG A 80 22.26 7.38 20.33
CA ARG A 80 21.35 8.02 21.26
C ARG A 80 20.87 7.04 22.33
N PHE A 81 21.64 6.87 23.39
CA PHE A 81 21.34 5.95 24.43
C PHE A 81 22.34 6.16 25.52
N PHE A 82 22.24 5.38 26.59
CA PHE A 82 23.11 5.59 27.77
C PHE A 82 24.45 4.83 27.74
N TYR A 83 24.63 3.96 26.77
CA TYR A 83 25.73 3.02 26.83
C TYR A 83 27.04 3.76 26.72
N ASP A 84 28.08 3.17 27.29
CA ASP A 84 29.42 3.70 27.08
C ASP A 84 29.80 3.66 25.61
N ILE A 85 30.52 4.70 25.21
CA ILE A 85 30.99 4.82 23.82
C ILE A 85 32.47 5.06 23.74
N VAL A 86 33.07 4.36 22.80
CA VAL A 86 34.47 4.49 22.49
C VAL A 86 34.61 4.64 20.98
N TYR A 87 35.56 5.47 20.57
CA TYR A 87 35.90 5.58 19.15
C TYR A 87 36.90 4.50 18.70
N TYR A 88 36.72 4.00 17.48
CA TYR A 88 37.61 2.93 16.99
C TYR A 88 39.10 3.32 16.97
N ASP A 89 39.44 4.56 16.72
CA ASP A 89 40.85 5.03 16.89
CA ASP A 89 40.84 5.03 16.87
C ASP A 89 41.53 4.57 18.20
N GLU A 90 41.00 5.02 19.32
CA GLU A 90 41.47 4.63 20.66
C GLU A 90 41.77 3.13 20.73
N ILE A 91 40.77 2.33 20.51
CA ILE A 91 41.02 0.91 20.53
C ILE A 91 42.24 0.55 19.66
N LEU A 92 42.22 1.03 18.43
CA LEU A 92 43.13 0.55 17.40
C LEU A 92 44.60 0.83 17.68
N ASN A 93 44.86 2.01 18.22
CA ASN A 93 46.22 2.43 18.56
C ASN A 93 46.79 1.50 19.64
N ASN A 94 45.89 1.02 20.50
CA ASN A 94 46.24 0.26 21.69
C ASN A 94 45.42 -1.00 22.02
N LEU A 95 45.33 -1.93 21.09
CA LEU A 95 44.59 -3.19 21.33
C LEU A 95 44.70 -3.64 22.80
N GLU A 96 45.86 -4.15 23.18
CA GLU A 96 46.08 -4.69 24.50
C GLU A 96 46.45 -3.62 25.52
N LEU A 99 43.13 -3.58 28.41
CA LEU A 99 42.25 -4.61 27.91
C LEU A 99 41.31 -5.11 28.97
N LYS A 100 41.86 -5.33 30.17
CA LYS A 100 41.07 -5.72 31.37
C LYS A 100 40.21 -4.50 31.77
N LYS A 101 40.46 -3.43 31.04
CA LYS A 101 39.63 -2.26 30.98
C LYS A 101 38.14 -2.53 30.59
N TYR A 102 37.89 -3.67 29.95
CA TYR A 102 36.60 -3.94 29.27
C TYR A 102 35.82 -5.05 29.96
N THR A 103 36.23 -5.31 31.17
CA THR A 103 35.79 -6.44 31.93
C THR A 103 34.29 -6.47 32.20
N ALA A 104 33.73 -5.31 32.41
CA ALA A 104 32.33 -5.14 32.78
C ALA A 104 31.27 -5.33 31.68
N TYR A 105 31.70 -5.29 30.44
CA TYR A 105 30.73 -5.36 29.34
C TYR A 105 30.35 -6.80 29.04
N ASP A 106 29.08 -7.01 28.77
CA ASP A 106 28.65 -8.35 28.35
C ASP A 106 28.44 -8.44 26.85
N CYS A 107 28.66 -7.34 26.13
CA CYS A 107 28.68 -7.38 24.62
C CYS A 107 29.29 -6.12 24.04
N VAL A 108 29.52 -6.18 22.73
CA VAL A 108 29.96 -5.03 21.97
C VAL A 108 28.99 -4.69 20.85
N ILE A 109 28.71 -3.40 20.71
CA ILE A 109 27.85 -2.92 19.64
C ILE A 109 28.67 -2.04 18.74
N GLY A 110 28.79 -2.43 17.49
CA GLY A 110 29.48 -1.63 16.51
C GLY A 110 28.50 -0.82 15.69
N ILE A 111 28.65 0.51 15.79
CA ILE A 111 27.75 1.40 15.11
C ILE A 111 28.51 2.29 14.16
N GLY A 112 28.20 2.14 12.90
CA GLY A 112 28.70 3.04 11.91
C GLY A 112 29.11 2.34 10.67
N GLY A 113 30.28 2.75 10.18
CA GLY A 113 30.80 2.25 8.90
C GLY A 113 31.56 0.98 9.09
N GLY A 114 32.20 0.54 8.00
CA GLY A 114 32.93 -0.70 7.99
C GLY A 114 33.96 -0.86 9.08
N ARG A 115 34.70 0.19 9.34
CA ARG A 115 35.77 0.18 10.33
C ARG A 115 35.26 0.11 11.78
N SER A 116 34.16 0.83 12.06
CA SER A 116 33.54 0.76 13.37
C SER A 116 33.11 -0.67 13.64
N ILE A 117 32.50 -1.26 12.63
CA ILE A 117 31.99 -2.61 12.73
C ILE A 117 33.10 -3.61 12.89
N ASP A 118 34.08 -3.49 12.01
CA ASP A 118 35.21 -4.39 12.02
C ASP A 118 35.94 -4.31 13.38
N THR A 119 36.08 -3.12 13.90
CA THR A 119 36.80 -2.93 15.16
C THR A 119 36.04 -3.54 16.34
N GLY A 120 34.73 -3.30 16.38
CA GLY A 120 33.86 -3.88 17.41
C GLY A 120 33.87 -5.40 17.36
N LYS A 121 33.80 -5.91 16.16
CA LYS A 121 33.82 -7.36 15.91
C LYS A 121 35.07 -7.97 16.47
N TYR A 122 36.18 -7.33 16.19
CA TYR A 122 37.48 -7.81 16.68
C TYR A 122 37.52 -7.75 18.21
N LEU A 123 37.08 -6.61 18.74
CA LEU A 123 37.07 -6.40 20.18
C LEU A 123 36.22 -7.44 20.91
N ALA A 124 35.03 -7.71 20.39
CA ALA A 124 34.15 -8.74 20.94
C ALA A 124 34.79 -10.10 21.00
N TYR A 125 35.43 -10.45 19.91
CA TYR A 125 36.20 -11.66 19.83
C TYR A 125 37.30 -11.73 20.91
N LYS A 126 38.08 -10.68 21.03
CA LYS A 126 39.11 -10.67 22.06
C LYS A 126 38.56 -10.81 23.46
N LEU A 127 37.40 -10.21 23.72
CA LEU A 127 36.75 -10.28 25.05
C LEU A 127 35.91 -11.53 25.30
N GLY A 128 35.74 -12.36 24.28
CA GLY A 128 34.84 -13.52 24.34
C GLY A 128 33.35 -13.21 24.54
N ILE A 129 32.86 -12.11 23.97
CA ILE A 129 31.48 -11.70 24.17
C ILE A 129 30.77 -11.46 22.85
N PRO A 130 29.44 -11.47 22.85
CA PRO A 130 28.76 -11.31 21.57
C PRO A 130 28.91 -9.94 20.94
N PHE A 131 28.81 -9.89 19.62
CA PHE A 131 28.90 -8.65 18.86
C PHE A 131 27.61 -8.37 18.10
N ILE A 132 27.15 -7.14 18.22
CA ILE A 132 25.99 -6.65 17.53
C ILE A 132 26.37 -5.58 16.52
N SER A 133 25.90 -5.78 15.31
CA SER A 133 26.29 -4.98 14.18
C SER A 133 25.20 -4.04 13.77
N VAL A 134 25.52 -2.74 13.81
CA VAL A 134 24.56 -1.68 13.58
C VAL A 134 25.10 -0.72 12.49
N PRO A 135 24.99 -1.12 11.22
CA PRO A 135 25.53 -0.30 10.16
C PRO A 135 24.76 0.96 9.87
N THR A 136 25.48 2.06 9.74
CA THR A 136 24.87 3.35 9.39
C THR A 136 25.02 3.67 7.92
N THR A 137 25.63 2.75 7.20
CA THR A 137 25.68 2.82 5.75
C THR A 137 25.68 1.39 5.16
N ALA A 138 25.84 1.30 3.87
CA ALA A 138 25.80 0.04 3.16
C ALA A 138 26.98 -0.03 2.22
N SER A 139 28.15 -0.13 2.80
CA SER A 139 29.38 0.09 2.05
C SER A 139 30.24 -1.14 1.83
N ASN A 140 30.00 -2.17 2.60
CA ASN A 140 30.76 -3.39 2.53
C ASN A 140 29.99 -4.56 3.12
N ASP A 141 30.44 -5.78 2.88
CA ASP A 141 29.77 -6.98 3.38
C ASP A 141 30.31 -7.50 4.70
N GLY A 142 31.09 -6.68 5.38
CA GLY A 142 31.48 -6.92 6.75
C GLY A 142 30.29 -6.81 7.73
N ILE A 143 29.20 -6.22 7.28
CA ILE A 143 28.06 -5.94 8.15
C ILE A 143 27.63 -7.17 8.95
N ALA A 144 27.51 -8.29 8.25
CA ALA A 144 27.00 -9.49 8.82
C ALA A 144 27.94 -10.65 8.69
N SER A 145 29.15 -10.37 8.25
CA SER A 145 30.11 -11.47 8.03
C SER A 145 30.92 -11.87 9.25
N PRO A 146 31.37 -13.12 9.28
CA PRO A 146 32.31 -13.53 10.30
C PRO A 146 33.73 -13.13 10.05
N ILE A 147 33.96 -12.21 9.13
CA ILE A 147 35.33 -11.86 8.80
C ILE A 147 35.78 -10.61 9.52
N VAL A 148 36.95 -10.71 10.13
CA VAL A 148 37.62 -9.55 10.70
C VAL A 148 38.76 -9.15 9.77
N SER A 149 38.75 -7.89 9.35
CA SER A 149 39.71 -7.35 8.42
C SER A 149 40.45 -6.15 8.97
N ILE A 150 40.86 -6.24 10.22
CA ILE A 150 41.51 -5.11 10.92
C ILE A 150 42.82 -4.82 10.20
N ARG A 151 43.69 -5.82 10.26
CA ARG A 151 44.92 -5.87 9.49
C ARG A 151 44.82 -7.12 8.66
N GLN A 152 45.18 -7.02 7.39
CA GLN A 152 45.42 -8.23 6.62
C GLN A 152 46.61 -8.98 7.28
N PRO A 153 46.64 -10.36 7.29
CA PRO A 153 45.55 -11.09 6.61
C PRO A 153 44.31 -11.18 7.49
N SER A 154 43.17 -11.19 6.84
CA SER A 154 41.92 -11.25 7.58
C SER A 154 41.63 -12.69 8.05
N PHE A 155 40.86 -12.80 9.12
CA PHE A 155 40.53 -14.08 9.72
C PHE A 155 39.08 -14.17 10.12
N MET A 156 38.70 -15.38 10.44
CA MET A 156 37.36 -15.71 10.73
C MET A 156 37.12 -15.65 12.21
N VAL A 157 35.97 -15.11 12.59
CA VAL A 157 35.48 -15.14 13.98
C VAL A 157 34.05 -15.57 13.91
N ASP A 158 33.27 -15.24 14.92
CA ASP A 158 31.85 -15.51 14.88
C ASP A 158 31.11 -14.45 14.05
N ALA A 159 30.09 -14.84 13.31
CA ALA A 159 29.17 -13.87 12.74
C ALA A 159 28.57 -13.06 13.86
N PRO A 160 28.22 -11.81 13.60
CA PRO A 160 27.55 -11.08 14.66
C PRO A 160 26.29 -11.76 15.12
N ILE A 161 26.01 -11.64 16.41
CA ILE A 161 24.83 -12.25 16.97
C ILE A 161 23.54 -11.57 16.48
N ALA A 162 23.65 -10.29 16.17
CA ALA A 162 22.52 -9.56 15.62
C ALA A 162 22.97 -8.52 14.66
N ILE A 163 22.10 -8.29 13.70
CA ILE A 163 22.28 -7.23 12.70
C ILE A 163 21.08 -6.32 12.77
N ILE A 164 21.34 -5.07 13.01
CA ILE A 164 20.27 -4.06 13.12
C ILE A 164 20.56 -2.93 12.18
N ALA A 165 19.88 -2.99 11.05
CA ALA A 165 20.15 -2.13 9.89
C ALA A 165 19.02 -1.16 9.66
N ASP A 166 19.23 0.07 10.10
CA ASP A 166 18.25 1.08 10.01
C ASP A 166 18.31 1.67 8.61
N THR A 167 17.35 1.34 7.77
CA THR A 167 17.35 1.85 6.39
C THR A 167 17.08 3.35 6.21
N GLU A 168 16.44 3.98 7.19
CA GLU A 168 16.23 5.44 7.23
C GLU A 168 17.56 6.17 7.45
N ILE A 169 18.39 5.65 8.34
CA ILE A 169 19.76 6.14 8.50
C ILE A 169 20.60 5.87 7.28
N ILE A 170 20.50 4.64 6.79
CA ILE A 170 21.37 4.20 5.69
C ILE A 170 21.05 4.99 4.40
N LYS A 171 19.80 5.30 4.19
CA LYS A 171 19.37 6.04 3.04
C LYS A 171 20.06 7.37 2.95
N LYS A 172 20.35 7.96 4.09
CA LYS A 172 20.90 9.29 4.17
C LYS A 172 22.38 9.31 4.30
N SER A 173 23.03 8.17 4.25
CA SER A 173 24.48 8.14 4.35
C SER A 173 25.10 8.75 3.09
N PRO A 174 26.36 9.17 3.18
CA PRO A 174 26.98 9.75 1.97
C PRO A 174 26.84 8.82 0.78
N ARG A 175 26.42 9.37 -0.35
CA ARG A 175 26.17 8.65 -1.58
C ARG A 175 27.37 7.82 -2.03
N ARG A 176 28.55 8.35 -1.87
CA ARG A 176 29.74 7.63 -2.23
C ARG A 176 29.86 6.21 -1.59
N LEU A 177 29.42 6.11 -0.34
CA LEU A 177 29.46 4.85 0.41
C LEU A 177 28.43 3.84 -0.10
N LEU A 178 27.25 4.32 -0.43
CA LEU A 178 26.24 3.51 -1.05
C LEU A 178 26.67 2.99 -2.43
N SER A 179 27.38 3.83 -3.17
CA SER A 179 27.85 3.45 -4.48
C SER A 179 28.93 2.37 -4.33
N ALA A 180 29.80 2.57 -3.37
CA ALA A 180 30.84 1.59 -3.04
C ALA A 180 30.31 0.21 -2.66
N GLY A 181 29.21 0.19 -1.94
CA GLY A 181 28.56 -1.08 -1.58
C GLY A 181 28.30 -1.97 -2.80
N MET A 182 27.99 -1.34 -3.94
CA MET A 182 27.68 -2.12 -5.16
C MET A 182 28.93 -2.91 -5.56
N GLY A 183 30.08 -2.29 -5.33
CA GLY A 183 31.36 -2.91 -5.62
C GLY A 183 31.60 -4.18 -4.87
N ASP A 184 31.21 -4.18 -3.60
CA ASP A 184 31.31 -5.34 -2.75
C ASP A 184 30.33 -6.41 -3.18
N ILE A 185 29.11 -6.07 -3.53
CA ILE A 185 28.17 -7.08 -4.04
C ILE A 185 28.53 -7.74 -5.39
N VAL A 186 28.88 -6.94 -6.42
CA VAL A 186 29.20 -7.56 -7.73
C VAL A 186 30.40 -8.50 -7.66
N SER A 187 31.28 -8.24 -6.73
CA SER A 187 32.42 -9.10 -6.51
C SER A 187 32.06 -10.57 -6.14
N ASN A 188 30.85 -10.82 -5.63
CA ASN A 188 30.42 -12.21 -5.38
C ASN A 188 30.47 -13.02 -6.67
N ILE A 189 30.20 -12.34 -7.79
CA ILE A 189 30.14 -13.00 -9.10
C ILE A 189 31.51 -13.61 -9.45
N THR A 190 32.54 -12.81 -9.38
CA THR A 190 33.87 -13.30 -9.66
C THR A 190 34.37 -14.19 -8.55
N ALA A 191 33.95 -13.91 -7.32
CA ALA A 191 34.35 -14.78 -6.20
C ALA A 191 33.84 -16.21 -6.43
N VAL A 192 32.59 -16.33 -6.84
CA VAL A 192 32.00 -17.63 -7.10
C VAL A 192 32.60 -18.30 -8.33
N LEU A 193 32.83 -17.51 -9.38
CA LEU A 193 33.54 -18.01 -10.56
C LEU A 193 34.94 -18.57 -10.22
N ASP A 194 35.66 -17.82 -9.40
CA ASP A 194 36.98 -18.22 -8.93
C ASP A 194 36.90 -19.48 -8.03
N TRP A 195 35.89 -19.56 -7.19
CA TRP A 195 35.67 -20.73 -6.34
C TRP A 195 35.47 -21.99 -7.19
N LYS A 196 34.56 -21.91 -8.14
CA LYS A 196 34.30 -23.02 -9.08
C LYS A 196 35.58 -23.43 -9.80
N LEU A 197 36.36 -22.44 -10.18
CA LEU A 197 37.58 -22.69 -10.89
C LEU A 197 38.57 -23.45 -10.00
N ALA A 198 38.65 -23.04 -8.74
CA ALA A 198 39.57 -23.66 -7.79
C ALA A 198 39.11 -25.10 -7.47
N TYR A 199 37.83 -25.30 -7.48
CA TYR A 199 37.32 -26.62 -7.33
C TYR A 199 37.78 -27.49 -8.50
N LYS A 200 37.50 -27.02 -9.69
CA LYS A 200 37.73 -27.79 -10.91
C LYS A 200 39.25 -28.06 -11.11
N GLU A 201 40.09 -27.07 -10.92
CA GLU A 201 41.50 -27.16 -11.24
C GLU A 201 42.41 -27.58 -10.08
N LYS A 202 41.95 -27.42 -8.86
CA LYS A 202 42.73 -27.82 -7.71
C LYS A 202 42.00 -28.71 -6.71
N GLY A 203 40.82 -29.17 -7.06
CA GLY A 203 39.99 -29.96 -6.13
C GLY A 203 39.67 -29.31 -4.79
N GLU A 204 39.59 -27.98 -4.76
CA GLU A 204 39.24 -27.29 -3.52
C GLU A 204 37.80 -27.54 -3.15
N LYS A 205 37.56 -27.59 -1.87
CA LYS A 205 36.26 -27.85 -1.32
C LYS A 205 35.28 -26.78 -1.77
N TYR A 206 34.10 -27.22 -2.15
CA TYR A 206 33.15 -26.37 -2.79
C TYR A 206 31.73 -26.72 -2.43
N SER A 207 30.91 -25.69 -2.24
CA SER A 207 29.48 -25.89 -1.98
C SER A 207 28.63 -25.18 -3.04
N GLU A 208 27.91 -25.94 -3.83
CA GLU A 208 27.12 -25.38 -4.93
C GLU A 208 25.99 -24.51 -4.39
N SER A 209 25.38 -24.96 -3.31
CA SER A 209 24.21 -24.25 -2.82
C SER A 209 24.62 -22.92 -2.14
N SER A 210 25.74 -22.87 -1.45
CA SER A 210 26.25 -21.58 -0.94
C SER A 210 26.65 -20.60 -2.06
N ALA A 211 27.37 -21.13 -3.04
CA ALA A 211 27.85 -20.36 -4.17
C ALA A 211 26.69 -19.77 -4.97
N ILE A 212 25.68 -20.55 -5.27
CA ILE A 212 24.60 -20.03 -6.04
C ILE A 212 23.77 -18.98 -5.26
N PHE A 213 23.71 -19.16 -3.95
CA PHE A 213 23.06 -18.20 -3.10
C PHE A 213 23.77 -16.87 -3.22
N SER A 214 25.08 -16.89 -3.00
CA SER A 214 25.92 -15.70 -3.07
C SER A 214 25.86 -15.03 -4.43
N LYS A 215 26.01 -15.82 -5.46
CA LYS A 215 25.92 -15.34 -6.82
C LYS A 215 24.57 -14.72 -7.18
N THR A 216 23.52 -15.38 -6.74
CA THR A 216 22.17 -14.94 -7.09
C THR A 216 21.82 -13.64 -6.37
N ILE A 217 22.34 -13.49 -5.18
CA ILE A 217 22.19 -12.21 -4.48
C ILE A 217 22.70 -11.08 -5.37
N ALA A 218 23.88 -11.28 -5.93
CA ALA A 218 24.51 -10.26 -6.76
C ALA A 218 23.75 -10.03 -8.03
N LYS A 219 23.37 -11.13 -8.66
CA LYS A 219 22.58 -11.10 -9.89
C LYS A 219 21.32 -10.30 -9.74
N GLU A 220 20.58 -10.57 -8.68
CA GLU A 220 19.30 -9.85 -8.45
C GLU A 220 19.54 -8.35 -8.24
N LEU A 221 20.62 -7.99 -7.56
CA LEU A 221 20.83 -6.58 -7.30
C LEU A 221 21.26 -5.86 -8.60
N ILE A 222 22.06 -6.54 -9.40
CA ILE A 222 22.45 -6.03 -10.70
C ILE A 222 21.23 -5.79 -11.57
N SER A 223 20.38 -6.78 -11.61
CA SER A 223 19.21 -6.71 -12.43
C SER A 223 18.25 -5.60 -11.90
N TYR A 224 18.16 -5.44 -10.59
CA TYR A 224 17.39 -4.33 -10.03
C TYR A 224 17.96 -2.96 -10.44
N VAL A 225 19.26 -2.84 -10.29
CA VAL A 225 19.96 -1.61 -10.65
C VAL A 225 19.76 -1.27 -12.14
N LEU A 226 19.81 -2.24 -13.01
CA LEU A 226 19.72 -2.00 -14.45
C LEU A 226 18.31 -1.78 -14.97
N ASN A 227 17.31 -2.11 -14.18
CA ASN A 227 15.93 -2.05 -14.66
C ASN A 227 14.97 -1.18 -13.86
N SER A 228 15.45 -0.47 -12.86
CA SER A 228 14.57 0.27 -11.98
C SER A 228 14.94 1.71 -11.94
N ASP A 229 14.14 2.47 -11.21
CA ASP A 229 14.43 3.87 -10.90
C ASP A 229 15.32 4.09 -9.70
N LEU A 230 15.75 3.01 -9.05
CA LEU A 230 16.73 3.03 -7.95
C LEU A 230 16.19 3.55 -6.64
N SER A 231 14.90 3.69 -6.55
CA SER A 231 14.27 4.30 -5.38
C SER A 231 14.36 3.41 -4.14
N GLU A 232 14.54 2.11 -4.34
CA GLU A 232 14.77 1.17 -3.25
C GLU A 232 16.19 0.60 -3.23
N TYR A 233 17.13 1.30 -3.88
CA TYR A 233 18.50 0.77 -4.02
C TYR A 233 19.15 0.53 -2.66
N HIS A 234 19.03 1.51 -1.78
CA HIS A 234 19.69 1.45 -0.48
C HIS A 234 19.19 0.24 0.29
N ASN A 235 17.93 -0.01 0.17
CA ASN A 235 17.31 -1.15 0.81
C ASN A 235 17.79 -2.47 0.27
N LYS A 236 17.68 -2.59 -1.03
CA LYS A 236 18.08 -3.81 -1.72
C LYS A 236 19.58 -4.10 -1.55
N LEU A 237 20.35 -3.04 -1.51
CA LEU A 237 21.79 -3.14 -1.26
C LEU A 237 22.13 -3.70 0.14
N VAL A 238 21.46 -3.20 1.15
CA VAL A 238 21.74 -3.66 2.52
C VAL A 238 21.30 -5.11 2.68
N LYS A 239 20.18 -5.46 2.07
CA LYS A 239 19.74 -6.86 2.10
C LYS A 239 20.75 -7.76 1.40
N ALA A 240 21.25 -7.31 0.29
CA ALA A 240 22.28 -8.04 -0.43
C ALA A 240 23.57 -8.21 0.37
N LEU A 241 24.02 -7.13 0.99
CA LEU A 241 25.24 -7.19 1.80
C LEU A 241 25.12 -8.14 3.00
N VAL A 242 23.99 -8.08 3.67
CA VAL A 242 23.71 -8.99 4.79
C VAL A 242 23.64 -10.44 4.31
N GLY A 243 22.89 -10.69 3.24
CA GLY A 243 22.84 -12.01 2.61
C GLY A 243 24.23 -12.57 2.34
N SER A 244 25.10 -11.72 1.88
CA SER A 244 26.47 -12.16 1.55
C SER A 244 27.21 -12.59 2.78
N GLY A 245 26.99 -11.88 3.88
CA GLY A 245 27.64 -12.24 5.13
C GLY A 245 27.15 -13.60 5.62
N ILE A 246 25.87 -13.81 5.50
CA ILE A 246 25.28 -15.12 5.83
C ILE A 246 25.88 -16.22 4.97
N ALA A 247 26.02 -15.96 3.68
CA ALA A 247 26.63 -16.94 2.75
C ALA A 247 28.04 -17.33 3.23
N ILE A 248 28.82 -16.34 3.64
CA ILE A 248 30.14 -16.60 4.15
C ILE A 248 30.06 -17.58 5.35
N ALA A 249 29.14 -17.29 6.26
CA ALA A 249 29.02 -18.02 7.53
C ALA A 249 28.68 -19.47 7.28
N ILE A 250 27.72 -19.66 6.40
CA ILE A 250 27.19 -20.95 6.04
CA ILE A 250 27.20 -20.99 6.09
C ILE A 250 28.20 -21.83 5.31
N ALA A 251 29.03 -21.20 4.46
CA ALA A 251 30.09 -21.89 3.72
C ALA A 251 31.34 -22.07 4.58
N ASN A 252 31.37 -21.38 5.70
N ASN A 252 31.37 -21.36 5.70
CA ASN A 252 32.52 -21.35 6.60
CA ASN A 252 32.53 -21.35 6.58
C ASN A 252 33.77 -20.92 5.87
C ASN A 252 33.78 -20.91 5.86
N SER A 253 33.59 -19.94 4.99
CA SER A 253 34.65 -19.46 4.12
C SER A 253 34.24 -18.15 3.47
N SER A 254 35.20 -17.28 3.25
CA SER A 254 34.96 -16.08 2.46
C SER A 254 34.83 -16.33 0.95
N ARG A 255 35.04 -17.56 0.54
CA ARG A 255 34.98 -17.93 -0.90
C ARG A 255 33.79 -17.42 -1.68
N PRO A 256 32.56 -17.49 -1.10
CA PRO A 256 31.45 -17.00 -1.93
C PRO A 256 31.39 -15.49 -2.10
N ALA A 257 32.25 -14.76 -1.40
CA ALA A 257 32.15 -13.29 -1.41
C ALA A 257 33.45 -12.60 -1.76
N SER A 258 34.50 -13.38 -1.85
CA SER A 258 35.81 -12.82 -2.01
C SER A 258 36.66 -13.75 -2.87
N GLY A 259 37.15 -13.19 -3.96
CA GLY A 259 38.09 -13.88 -4.87
C GLY A 259 39.16 -12.94 -5.40
N SER A 260 39.47 -13.10 -6.68
CA SER A 260 40.57 -12.36 -7.28
C SER A 260 40.36 -10.84 -7.15
N GLU A 261 39.12 -10.39 -7.33
CA GLU A 261 38.83 -9.00 -7.29
C GLU A 261 39.19 -8.41 -5.93
N HIS A 262 39.06 -9.19 -4.90
CA HIS A 262 39.46 -8.80 -3.58
C HIS A 262 40.97 -8.84 -3.38
N LEU A 263 41.61 -9.79 -3.99
CA LEU A 263 43.06 -9.84 -4.01
C LEU A 263 43.63 -8.58 -4.63
N PHE A 264 43.05 -8.19 -5.74
CA PHE A 264 43.40 -6.97 -6.39
C PHE A 264 43.23 -5.76 -5.48
N SER A 265 42.09 -5.66 -4.85
CA SER A 265 41.86 -4.56 -3.90
C SER A 265 42.89 -4.52 -2.76
N HIS A 266 43.19 -5.68 -2.17
CA HIS A 266 44.17 -5.75 -1.07
C HIS A 266 45.53 -5.29 -1.60
N ALA A 267 45.84 -5.70 -2.82
CA ALA A 267 47.10 -5.27 -3.43
C ALA A 267 47.15 -3.74 -3.50
N LEU A 268 46.07 -3.14 -3.96
CA LEU A 268 45.98 -1.69 -4.00
C LEU A 268 46.23 -1.07 -2.61
N ASP A 269 45.61 -1.64 -1.60
CA ASP A 269 45.82 -1.19 -0.24
C ASP A 269 47.28 -1.29 0.20
N LYS A 270 47.93 -2.39 -0.15
CA LYS A 270 49.35 -2.59 0.16
C LYS A 270 50.18 -1.49 -0.46
N LEU A 271 49.88 -1.18 -1.72
CA LEU A 271 50.65 -0.18 -2.45
C LEU A 271 50.43 1.23 -1.96
N LYS A 272 49.22 1.53 -1.51
CA LYS A 272 48.92 2.82 -0.91
C LYS A 272 49.80 3.06 0.29
N GLU A 273 49.84 2.07 1.16
CA GLU A 273 50.66 2.13 2.37
C GLU A 273 52.15 2.26 2.02
N GLU A 274 52.58 1.45 1.07
CA GLU A 274 53.96 1.38 0.68
C GLU A 274 54.44 2.68 0.08
N TYR A 275 53.71 3.18 -0.90
CA TYR A 275 54.11 4.43 -1.55
C TYR A 275 53.60 5.67 -0.82
N ASN A 276 53.01 5.45 0.34
CA ASN A 276 52.46 6.54 1.14
C ASN A 276 51.60 7.47 0.26
N LEU A 277 50.74 6.87 -0.54
CA LEU A 277 49.86 7.62 -1.42
C LEU A 277 48.71 8.15 -0.58
N ASN A 278 48.23 9.34 -0.90
CA ASN A 278 47.11 9.93 -0.16
C ASN A 278 45.84 9.85 -1.02
N ILE A 279 45.24 8.68 -1.02
CA ILE A 279 44.09 8.41 -1.87
C ILE A 279 43.02 7.77 -1.03
N ASN A 280 41.89 8.40 -0.91
CA ASN A 280 40.84 7.80 -0.09
C ASN A 280 39.81 7.05 -0.94
N SER A 281 40.32 6.09 -1.67
CA SER A 281 39.46 5.16 -2.32
C SER A 281 38.89 4.17 -1.28
N LEU A 282 37.63 3.83 -1.48
CA LEU A 282 36.95 2.93 -0.58
C LEU A 282 37.17 1.51 -1.07
N HIS A 283 37.17 0.59 -0.13
CA HIS A 283 37.21 -0.84 -0.38
C HIS A 283 36.23 -1.33 -1.44
N GLY A 284 34.99 -1.00 -1.31
CA GLY A 284 33.99 -1.40 -2.27
C GLY A 284 34.28 -0.92 -3.67
N GLU A 285 34.76 0.33 -3.78
CA GLU A 285 35.10 0.94 -5.05
C GLU A 285 36.20 0.12 -5.76
N GLN A 286 37.22 -0.25 -4.98
CA GLN A 286 38.34 -0.98 -5.49
C GLN A 286 37.91 -2.39 -5.92
N CYS A 287 37.10 -3.04 -5.11
CA CYS A 287 36.52 -4.35 -5.44
C CYS A 287 35.68 -4.30 -6.73
N GLY A 288 34.92 -3.21 -6.90
CA GLY A 288 34.09 -3.05 -8.10
C GLY A 288 34.96 -3.07 -9.36
N ILE A 289 35.99 -2.28 -9.32
CA ILE A 289 36.91 -2.16 -10.46
C ILE A 289 37.65 -3.46 -10.71
N GLY A 290 38.05 -4.08 -9.61
CA GLY A 290 38.60 -5.43 -9.63
C GLY A 290 37.67 -6.42 -10.30
N THR A 291 36.40 -6.31 -9.98
CA THR A 291 35.43 -7.25 -10.53
C THR A 291 35.24 -7.09 -12.03
N ILE A 292 35.23 -5.85 -12.47
CA ILE A 292 35.18 -5.54 -13.91
C ILE A 292 36.27 -6.29 -14.66
N MET A 293 37.50 -6.18 -14.14
CA MET A 293 38.67 -6.81 -14.80
C MET A 293 38.67 -8.32 -14.70
N MET A 294 38.41 -8.85 -13.51
CA MET A 294 38.43 -10.31 -13.28
C MET A 294 37.29 -11.03 -13.99
N SER A 295 36.15 -10.38 -14.07
CA SER A 295 35.00 -10.93 -14.81
C SER A 295 35.38 -11.04 -16.31
N TYR A 296 36.03 -10.02 -16.83
CA TYR A 296 36.57 -10.08 -18.17
C TYR A 296 37.54 -11.24 -18.41
N LEU A 297 38.45 -11.53 -17.49
CA LEU A 297 39.35 -12.70 -17.58
C LEU A 297 38.54 -13.99 -17.67
N HIS A 298 37.49 -14.12 -16.85
CA HIS A 298 36.63 -15.30 -16.90
C HIS A 298 35.88 -15.36 -18.24
N GLU A 299 35.46 -14.21 -18.73
CA GLU A 299 34.75 -14.13 -20.02
C GLU A 299 35.58 -14.69 -21.20
N LYS A 300 36.84 -14.29 -21.26
CA LYS A 300 37.78 -14.77 -22.30
C LYS A 300 37.80 -16.27 -22.42
N GLU A 301 37.75 -16.93 -21.28
CA GLU A 301 37.81 -18.39 -21.22
C GLU A 301 36.49 -19.11 -21.36
N ASN A 302 35.38 -18.38 -21.29
CA ASN A 302 34.07 -19.02 -21.25
C ASN A 302 33.01 -18.17 -21.93
N LYS A 303 32.74 -18.56 -23.17
CA LYS A 303 31.87 -17.84 -24.08
C LYS A 303 30.45 -17.76 -23.54
N LYS A 304 30.09 -18.67 -22.65
CA LYS A 304 28.76 -18.66 -22.00
C LYS A 304 28.54 -17.40 -21.15
N LEU A 305 29.62 -16.82 -20.67
CA LEU A 305 29.56 -15.62 -19.84
C LEU A 305 29.61 -14.34 -20.68
N SER A 306 29.37 -14.47 -21.97
CA SER A 306 29.50 -13.33 -22.87
C SER A 306 28.70 -12.15 -22.40
N GLY A 307 29.40 -11.02 -22.31
CA GLY A 307 28.81 -9.78 -21.87
C GLY A 307 28.74 -9.55 -20.38
N LEU A 308 29.34 -10.44 -19.62
CA LEU A 308 29.27 -10.34 -18.19
C LEU A 308 29.96 -9.07 -17.71
N HIS A 309 31.16 -8.83 -18.19
CA HIS A 309 31.95 -7.76 -17.63
C HIS A 309 31.33 -6.43 -17.97
N GLU A 310 30.66 -6.38 -19.11
CA GLU A 310 29.99 -5.18 -19.54
C GLU A 310 28.79 -4.87 -18.65
N LYS A 311 28.04 -5.89 -18.33
CA LYS A 311 26.88 -5.78 -17.50
C LYS A 311 27.26 -5.32 -16.08
N ILE A 312 28.37 -5.84 -15.56
CA ILE A 312 28.88 -5.41 -14.25
C ILE A 312 29.31 -3.97 -14.25
N LYS A 313 30.10 -3.64 -15.25
CA LYS A 313 30.51 -2.27 -15.44
C LYS A 313 29.30 -1.33 -15.51
N MET A 314 28.30 -1.70 -16.27
CA MET A 314 27.07 -0.92 -16.45
C MET A 314 26.35 -0.72 -15.14
N SER A 315 26.23 -1.79 -14.37
CA SER A 315 25.59 -1.72 -13.07
C SER A 315 26.33 -0.73 -12.17
N LEU A 316 27.64 -0.76 -12.21
CA LEU A 316 28.40 0.12 -11.38
C LEU A 316 28.22 1.60 -11.78
N LYS A 317 28.30 1.85 -13.09
CA LYS A 317 28.00 3.18 -13.63
C LYS A 317 26.61 3.66 -13.26
N LYS A 318 25.64 2.78 -13.36
CA LYS A 318 24.30 3.18 -13.01
C LYS A 318 24.14 3.72 -11.56
N VAL A 319 24.96 3.26 -10.63
CA VAL A 319 24.85 3.76 -9.24
C VAL A 319 25.95 4.72 -8.92
N ASP A 320 26.68 5.12 -9.96
CA ASP A 320 27.74 6.12 -9.83
C ASP A 320 29.00 5.62 -9.10
N ALA A 321 29.22 4.32 -9.11
CA ALA A 321 30.46 3.79 -8.56
C ALA A 321 31.56 4.02 -9.60
N PRO A 322 32.80 4.23 -9.16
CA PRO A 322 33.83 4.38 -10.18
C PRO A 322 34.08 3.11 -10.96
N THR A 323 34.42 3.28 -12.22
CA THR A 323 34.82 2.16 -13.09
C THR A 323 36.20 2.31 -13.74
N THR A 324 36.87 3.40 -13.47
CA THR A 324 38.21 3.64 -14.01
C THR A 324 39.18 4.02 -12.92
N ALA A 325 40.45 3.80 -13.22
CA ALA A 325 41.55 4.16 -12.33
C ALA A 325 41.55 5.67 -12.04
N LYS A 326 41.23 6.45 -13.05
CA LYS A 326 41.19 7.89 -12.91
C LYS A 326 40.10 8.33 -11.94
N GLU A 327 38.91 7.78 -12.08
CA GLU A 327 37.83 8.14 -11.14
C GLU A 327 38.18 7.70 -9.73
N LEU A 328 38.86 6.57 -9.65
CA LEU A 328 39.22 5.98 -8.38
C LEU A 328 40.34 6.73 -7.67
N GLY A 329 41.13 7.49 -8.43
CA GLY A 329 42.23 8.31 -7.92
C GLY A 329 43.65 7.74 -8.15
N PHE A 330 43.79 6.71 -8.98
CA PHE A 330 45.09 6.02 -9.14
C PHE A 330 45.69 6.21 -10.50
N ASP A 331 47.02 6.33 -10.48
CA ASP A 331 47.83 6.28 -11.67
C ASP A 331 47.79 4.86 -12.25
N GLU A 332 47.85 4.76 -13.57
CA GLU A 332 47.80 3.47 -14.23
C GLU A 332 48.88 2.46 -13.77
N ASP A 333 50.04 2.93 -13.35
CA ASP A 333 51.12 2.02 -12.98
C ASP A 333 50.79 1.27 -11.69
N ILE A 334 50.05 1.93 -10.80
CA ILE A 334 49.63 1.30 -9.55
C ILE A 334 48.63 0.20 -9.84
N ILE A 335 47.69 0.47 -10.73
CA ILE A 335 46.70 -0.54 -11.13
C ILE A 335 47.42 -1.76 -11.64
N ILE A 336 48.36 -1.52 -12.55
CA ILE A 336 49.12 -2.61 -13.23
C ILE A 336 49.97 -3.39 -12.21
N GLU A 337 50.66 -2.67 -11.32
CA GLU A 337 51.44 -3.32 -10.29
C GLU A 337 50.54 -4.17 -9.38
N ALA A 338 49.39 -3.61 -9.03
CA ALA A 338 48.44 -4.31 -8.17
C ALA A 338 47.97 -5.60 -8.84
N LEU A 339 47.68 -5.52 -10.11
CA LEU A 339 47.27 -6.73 -10.87
C LEU A 339 48.31 -7.82 -10.85
N THR A 340 49.56 -7.44 -10.99
CA THR A 340 50.65 -8.44 -11.12
C THR A 340 50.93 -9.08 -9.78
N MET A 341 50.63 -8.36 -8.70
CA MET A 341 50.93 -8.91 -7.38
C MET A 341 49.74 -9.58 -6.72
N ALA A 342 48.57 -9.46 -7.32
CA ALA A 342 47.30 -9.84 -6.67
C ALA A 342 47.25 -11.33 -6.30
N HIS A 343 47.72 -12.19 -7.20
CA HIS A 343 47.68 -13.63 -6.97
C HIS A 343 48.53 -14.06 -5.77
N LYS A 344 49.49 -13.25 -5.36
CA LYS A 344 50.37 -13.52 -4.20
C LYS A 344 49.82 -13.06 -2.88
N ILE A 345 48.79 -12.21 -2.91
CA ILE A 345 48.25 -11.60 -1.69
C ILE A 345 47.78 -12.69 -0.72
N ARG A 346 47.27 -13.78 -1.25
CA ARG A 346 46.84 -14.89 -0.44
C ARG A 346 46.91 -16.15 -1.26
N ASN A 347 47.04 -17.25 -0.54
CA ASN A 347 47.16 -18.56 -1.13
C ASN A 347 45.80 -19.14 -1.58
N ARG A 348 45.20 -18.48 -2.57
CA ARG A 348 43.81 -18.78 -2.97
C ARG A 348 43.76 -18.77 -4.48
N TRP A 349 43.52 -19.94 -5.06
CA TRP A 349 43.54 -20.08 -6.49
C TRP A 349 42.37 -19.31 -7.09
N THR A 350 42.68 -18.52 -8.10
CA THR A 350 41.70 -17.77 -8.86
C THR A 350 42.05 -17.77 -10.34
N ILE A 351 41.20 -17.11 -11.14
CA ILE A 351 41.41 -16.92 -12.56
C ILE A 351 42.79 -16.29 -12.83
N LEU A 352 43.34 -15.57 -11.86
CA LEU A 352 44.71 -15.09 -12.00
C LEU A 352 45.77 -16.22 -12.14
N ARG A 353 45.41 -17.44 -11.74
CA ARG A 353 46.33 -18.56 -11.67
C ARG A 353 47.69 -18.22 -11.07
N ASP A 354 48.78 -18.45 -11.77
CA ASP A 354 50.09 -18.18 -11.21
C ASP A 354 50.54 -16.75 -11.39
N GLY A 355 49.67 -15.92 -11.94
CA GLY A 355 49.96 -14.49 -11.97
C GLY A 355 50.00 -13.87 -13.37
N LEU A 356 49.69 -12.59 -13.40
CA LEU A 356 49.75 -11.83 -14.64
C LEU A 356 51.11 -11.18 -14.81
N SER A 357 51.59 -11.17 -16.05
CA SER A 357 52.73 -10.32 -16.40
C SER A 357 52.31 -8.86 -16.41
N ARG A 358 53.29 -7.97 -16.36
CA ARG A 358 53.00 -6.54 -16.47
C ARG A 358 52.28 -6.25 -17.77
N GLU A 359 52.60 -7.01 -18.79
CA GLU A 359 52.11 -6.76 -20.15
C GLU A 359 50.66 -7.19 -20.21
N GLU A 360 50.38 -8.38 -19.71
CA GLU A 360 48.99 -8.88 -19.64
C GLU A 360 48.13 -7.97 -18.73
N ALA A 361 48.72 -7.50 -17.66
CA ALA A 361 48.01 -6.64 -16.71
C ALA A 361 47.58 -5.36 -17.41
N ARG A 362 48.52 -4.78 -18.15
CA ARG A 362 48.28 -3.54 -18.89
C ARG A 362 47.18 -3.75 -19.94
N LYS A 363 47.27 -4.86 -20.67
CA LYS A 363 46.24 -5.20 -21.65
C LYS A 363 44.85 -5.27 -21.05
N LEU A 364 44.77 -6.04 -19.96
CA LEU A 364 43.52 -6.29 -19.25
C LEU A 364 42.87 -4.99 -18.81
N ALA A 365 43.66 -4.20 -18.10
CA ALA A 365 43.24 -2.88 -17.66
C ALA A 365 42.86 -1.93 -18.80
N GLU A 366 43.60 -2.00 -19.89
CA GLU A 366 43.18 -1.20 -21.10
C GLU A 366 41.86 -1.70 -21.72
N GLU A 367 41.78 -2.99 -21.98
CA GLU A 367 40.64 -3.55 -22.69
C GLU A 367 39.34 -3.38 -21.95
N THR A 368 39.40 -3.27 -20.64
CA THR A 368 38.20 -3.15 -19.82
C THR A 368 37.87 -1.70 -19.52
N GLY A 369 38.74 -0.81 -19.97
CA GLY A 369 38.51 0.62 -19.83
C GLY A 369 38.88 1.13 -18.47
N VAL A 370 39.61 0.35 -17.69
CA VAL A 370 40.04 0.79 -16.36
C VAL A 370 41.14 1.83 -16.48
N ILE A 371 41.99 1.64 -17.48
CA ILE A 371 42.96 2.66 -17.88
C ILE A 371 42.90 2.87 -19.41
N ILE B 38 11.75 -8.82 11.65
CA ILE B 38 12.85 -9.70 12.11
C ILE B 38 13.04 -11.03 11.31
N ILE B 39 14.29 -11.34 11.01
CA ILE B 39 14.65 -12.64 10.59
C ILE B 39 15.36 -13.28 11.77
N VAL B 40 14.86 -14.45 12.16
CA VAL B 40 15.41 -15.20 13.26
C VAL B 40 16.02 -16.47 12.71
N THR B 41 17.31 -16.61 12.91
CA THR B 41 18.04 -17.80 12.46
C THR B 41 18.73 -18.52 13.61
N PRO B 42 19.16 -19.77 13.37
CA PRO B 42 19.98 -20.38 14.39
C PRO B 42 21.24 -19.62 14.66
N ARG B 43 21.72 -19.76 15.87
CA ARG B 43 23.01 -19.21 16.24
C ARG B 43 24.13 -20.20 15.99
N TYR B 44 23.91 -21.43 16.45
CA TYR B 44 24.92 -22.48 16.35
C TYR B 44 24.34 -23.68 15.62
N THR B 45 25.15 -24.19 14.71
CA THR B 45 24.79 -25.37 13.97
C THR B 45 25.98 -26.33 13.93
N ILE B 46 25.77 -27.54 14.47
CA ILE B 46 26.82 -28.54 14.57
C ILE B 46 26.32 -29.82 13.93
N ILE B 47 27.04 -30.28 12.94
CA ILE B 47 26.69 -31.49 12.29
C ILE B 47 27.94 -32.33 12.19
N GLU B 48 28.01 -33.35 13.05
CA GLU B 48 29.17 -34.23 13.14
C GLU B 48 29.00 -35.39 14.08
N ASP B 49 29.87 -36.37 13.92
CA ASP B 49 29.82 -37.57 14.73
C ASP B 49 30.10 -37.18 16.19
N GLY B 50 29.25 -37.66 17.11
CA GLY B 50 29.39 -37.34 18.55
C GLY B 50 28.91 -35.95 18.98
N ALA B 51 28.25 -35.24 18.07
CA ALA B 51 27.78 -33.89 18.39
C ALA B 51 26.90 -33.82 19.64
N ILE B 52 26.22 -34.92 19.98
CA ILE B 52 25.33 -34.94 21.13
C ILE B 52 26.08 -34.55 22.38
N ASN B 53 27.36 -34.82 22.42
CA ASN B 53 28.19 -34.49 23.59
C ASN B 53 28.56 -33.03 23.70
N LYS B 54 28.15 -32.24 22.72
CA LYS B 54 28.38 -30.79 22.78
C LYS B 54 27.23 -29.96 23.40
N ILE B 55 26.18 -30.60 23.86
CA ILE B 55 25.05 -29.88 24.46
C ILE B 55 25.53 -28.91 25.57
N GLU B 56 26.34 -29.43 26.50
CA GLU B 56 26.80 -28.63 27.63
C GLU B 56 27.59 -27.41 27.16
N GLU B 57 28.52 -27.66 26.26
CA GLU B 57 29.30 -26.60 25.70
C GLU B 57 28.42 -25.53 25.05
N ILE B 58 27.39 -25.92 24.30
CA ILE B 58 26.54 -24.98 23.58
C ILE B 58 25.68 -24.16 24.59
N LEU B 59 25.08 -24.85 25.56
CA LEU B 59 24.32 -24.15 26.61
C LEU B 59 25.14 -23.09 27.32
N LYS B 60 26.40 -23.41 27.55
CA LYS B 60 27.29 -22.49 28.22
C LYS B 60 27.57 -21.26 27.34
N LYS B 61 27.83 -21.50 26.08
CA LYS B 61 28.01 -20.41 25.12
C LYS B 61 26.78 -19.53 25.03
N LEU B 62 25.61 -20.12 25.14
CA LEU B 62 24.37 -19.31 25.11
C LEU B 62 23.93 -18.80 26.45
N ASN B 63 24.74 -19.02 27.49
CA ASN B 63 24.40 -18.59 28.86
C ASN B 63 23.05 -19.11 29.24
N LEU B 64 22.87 -20.39 28.99
CA LEU B 64 21.63 -21.08 29.36
C LEU B 64 22.00 -22.16 30.32
N LYS B 65 21.15 -22.39 31.31
CA LYS B 65 21.55 -23.24 32.44
C LYS B 65 20.47 -24.17 33.02
N ASN B 66 19.24 -24.08 32.56
CA ASN B 66 18.20 -24.91 33.09
C ASN B 66 17.29 -25.45 32.04
N PRO B 67 17.74 -26.41 31.22
CA PRO B 67 16.83 -26.82 30.16
C PRO B 67 15.78 -27.83 30.59
N LEU B 68 14.66 -27.82 29.87
CA LEU B 68 13.72 -28.90 29.89
C LEU B 68 13.92 -29.72 28.62
N VAL B 69 14.08 -31.03 28.78
CA VAL B 69 14.28 -31.93 27.65
C VAL B 69 12.99 -32.62 27.30
N ILE B 70 12.66 -32.57 26.03
CA ILE B 70 11.49 -33.23 25.51
C ILE B 70 11.96 -34.29 24.58
N THR B 71 11.46 -35.51 24.78
CA THR B 71 11.88 -36.64 23.96
C THR B 71 10.77 -37.67 23.74
N GLY B 72 11.11 -38.73 23.03
CA GLY B 72 10.22 -39.87 22.81
C GLY B 72 10.72 -41.13 23.52
N LYS B 73 9.84 -42.13 23.60
CA LYS B 73 10.17 -43.41 24.27
C LYS B 73 11.27 -44.22 23.57
N ASN B 74 11.23 -44.21 22.25
CA ASN B 74 12.29 -44.86 21.45
C ASN B 74 13.62 -44.10 21.39
N THR B 75 13.61 -42.83 21.78
CA THR B 75 14.81 -41.99 21.66
C THR B 75 15.38 -41.54 23.00
N LYS B 76 14.66 -41.87 24.06
CA LYS B 76 15.13 -41.54 25.41
C LYS B 76 16.54 -42.07 25.72
N LYS B 77 16.86 -43.20 25.15
CA LYS B 77 18.17 -43.78 25.32
C LYS B 77 19.37 -42.89 24.90
N TYR B 78 19.11 -41.90 24.07
CA TYR B 78 20.16 -40.97 23.68
C TYR B 78 20.27 -39.73 24.56
N CYS B 79 19.39 -39.62 25.54
CA CYS B 79 19.46 -38.56 26.51
C CYS B 79 20.37 -38.97 27.65
N ARG B 80 21.68 -38.79 27.48
CA ARG B 80 22.62 -39.16 28.52
C ARG B 80 23.03 -37.89 29.30
N PHE B 81 22.15 -37.39 30.11
CA PHE B 81 22.45 -36.23 30.94
C PHE B 81 21.45 -36.20 32.07
N PHE B 82 21.59 -35.26 32.98
CA PHE B 82 20.78 -35.20 34.19
C PHE B 82 19.69 -34.09 34.15
N TYR B 83 19.33 -33.63 32.96
CA TYR B 83 18.31 -32.59 32.83
C TYR B 83 16.97 -33.20 33.08
N ASP B 84 15.99 -32.39 33.49
CA ASP B 84 14.63 -32.88 33.53
C ASP B 84 14.20 -33.32 32.14
N ILE B 85 13.46 -34.42 32.09
CA ILE B 85 13.00 -34.99 30.85
C ILE B 85 11.51 -35.22 30.90
N VAL B 86 10.85 -34.93 29.80
CA VAL B 86 9.43 -35.15 29.64
C VAL B 86 9.17 -35.75 28.28
N TYR B 87 8.18 -36.64 28.18
CA TYR B 87 7.81 -37.24 26.90
C TYR B 87 6.80 -36.39 26.16
N TYR B 88 6.93 -36.34 24.83
CA TYR B 88 6.05 -35.48 24.04
C TYR B 88 4.61 -35.90 24.09
N ASP B 89 4.32 -37.19 24.03
CA ASP B 89 2.95 -37.67 24.01
C ASP B 89 2.23 -37.16 25.26
N GLU B 90 2.91 -37.26 26.38
CA GLU B 90 2.32 -36.89 27.65
C GLU B 90 2.02 -35.36 27.65
N ILE B 91 2.98 -34.54 27.32
CA ILE B 91 2.72 -33.09 27.08
C ILE B 91 1.65 -32.73 26.02
N LEU B 92 1.46 -33.62 25.06
CA LEU B 92 0.64 -33.33 23.84
C LEU B 92 -0.88 -33.34 24.11
N ASN B 93 -1.34 -34.23 24.98
CA ASN B 93 -2.80 -34.39 25.18
C ASN B 93 -3.40 -33.23 25.97
N ASN B 94 -2.67 -32.85 27.03
CA ASN B 94 -3.09 -31.82 27.96
C ASN B 94 -2.19 -30.60 27.86
N LEU B 95 -2.02 -30.08 26.64
CA LEU B 95 -1.10 -28.96 26.35
C LEU B 95 -1.03 -27.79 27.36
N GLU B 96 -2.09 -26.96 27.36
CA GLU B 96 -2.15 -25.71 28.12
C GLU B 96 -1.71 -25.95 29.56
N LEU B 99 1.65 -25.60 33.06
CA LEU B 99 1.98 -24.46 32.18
C LEU B 99 2.78 -23.41 32.90
N LYS B 100 2.39 -23.13 34.16
CA LYS B 100 3.33 -22.56 35.16
C LYS B 100 4.14 -23.70 35.81
N LYS B 101 3.80 -24.93 35.43
CA LYS B 101 4.66 -26.10 35.68
C LYS B 101 6.12 -25.92 35.16
N TYR B 102 6.27 -25.03 34.18
CA TYR B 102 7.51 -24.92 33.41
C TYR B 102 8.18 -23.58 33.55
N THR B 103 7.67 -22.80 34.46
CA THR B 103 8.13 -21.45 34.68
C THR B 103 9.63 -21.35 34.92
N ALA B 104 10.20 -22.36 35.55
CA ALA B 104 11.60 -22.32 35.93
C ALA B 104 12.62 -22.47 34.78
N TYR B 105 12.25 -23.17 33.71
CA TYR B 105 13.25 -23.54 32.66
C TYR B 105 13.64 -22.33 31.84
N ASP B 106 14.91 -22.23 31.48
CA ASP B 106 15.34 -21.11 30.61
C ASP B 106 15.49 -21.51 29.12
N CYS B 107 15.26 -22.77 28.82
CA CYS B 107 15.19 -23.24 27.45
C CYS B 107 14.60 -24.64 27.36
N VAL B 108 14.32 -25.05 26.13
CA VAL B 108 13.82 -26.37 25.84
C VAL B 108 14.78 -27.05 24.86
N ILE B 109 15.07 -28.32 25.12
CA ILE B 109 15.89 -29.13 24.23
C ILE B 109 15.03 -30.25 23.71
N GLY B 110 14.83 -30.29 22.42
CA GLY B 110 14.10 -31.36 21.80
C GLY B 110 15.05 -32.39 21.25
N ILE B 111 14.91 -33.61 21.75
CA ILE B 111 15.76 -34.71 21.33
C ILE B 111 14.96 -35.85 20.75
N GLY B 112 15.21 -36.10 19.46
CA GLY B 112 14.63 -37.25 18.83
C GLY B 112 14.17 -37.02 17.43
N GLY B 113 13.00 -37.58 17.13
CA GLY B 113 12.38 -37.49 15.84
C GLY B 113 11.58 -36.23 15.64
N GLY B 114 10.92 -36.14 14.50
CA GLY B 114 10.19 -34.91 14.12
C GLY B 114 9.20 -34.40 15.17
N ARG B 115 8.53 -35.32 15.82
CA ARG B 115 7.51 -35.03 16.79
C ARG B 115 8.07 -34.56 18.11
N SER B 116 9.19 -35.11 18.53
CA SER B 116 9.88 -34.61 19.74
C SER B 116 10.30 -33.14 19.52
N ILE B 117 10.87 -32.90 18.35
CA ILE B 117 11.38 -31.59 17.98
C ILE B 117 10.25 -30.58 17.85
N ASP B 118 9.22 -30.98 17.12
CA ASP B 118 8.06 -30.12 16.87
C ASP B 118 7.35 -29.77 18.19
N THR B 119 7.23 -30.73 19.06
CA THR B 119 6.63 -30.50 20.39
C THR B 119 7.47 -29.55 21.25
N GLY B 120 8.77 -29.79 21.30
CA GLY B 120 9.70 -28.92 22.08
C GLY B 120 9.73 -27.50 21.55
N LYS B 121 9.74 -27.41 20.24
CA LYS B 121 9.68 -26.12 19.58
C LYS B 121 8.43 -25.34 19.98
N TYR B 122 7.30 -26.03 19.96
CA TYR B 122 6.00 -25.43 20.34
C TYR B 122 6.03 -24.98 21.78
N LEU B 123 6.50 -25.86 22.62
CA LEU B 123 6.62 -25.57 24.05
C LEU B 123 7.51 -24.36 24.32
N ALA B 124 8.68 -24.30 23.69
CA ALA B 124 9.58 -23.15 23.84
C ALA B 124 8.92 -21.85 23.46
N TYR B 125 8.18 -21.89 22.36
CA TYR B 125 7.40 -20.76 21.91
C TYR B 125 6.35 -20.29 22.96
N LYS B 126 5.58 -21.23 23.45
CA LYS B 126 4.62 -20.92 24.50
C LYS B 126 5.27 -20.29 25.75
N LEU B 127 6.44 -20.79 26.12
CA LEU B 127 7.17 -20.31 27.31
C LEU B 127 8.00 -19.05 27.08
N GLY B 128 8.08 -18.60 25.82
CA GLY B 128 8.97 -17.52 25.46
C GLY B 128 10.46 -17.75 25.71
N ILE B 129 10.95 -18.97 25.49
CA ILE B 129 12.35 -19.28 25.75
C ILE B 129 13.02 -19.96 24.54
N PRO B 130 14.36 -19.98 24.47
CA PRO B 130 14.99 -20.58 23.30
C PRO B 130 14.80 -22.10 23.18
N PHE B 131 14.80 -22.57 21.96
CA PHE B 131 14.69 -24.01 21.64
C PHE B 131 15.97 -24.54 21.00
N ILE B 132 16.48 -25.64 21.55
CA ILE B 132 17.61 -26.36 20.99
C ILE B 132 17.16 -27.65 20.37
N SER B 133 17.54 -27.81 19.11
CA SER B 133 17.10 -28.95 18.33
C SER B 133 18.18 -29.99 18.22
N VAL B 134 17.85 -31.20 18.64
CA VAL B 134 18.81 -32.29 18.69
C VAL B 134 18.25 -33.54 18.00
N PRO B 135 18.30 -33.57 16.66
CA PRO B 135 17.68 -34.67 15.97
C PRO B 135 18.44 -35.97 16.09
N THR B 136 17.72 -37.04 16.29
CA THR B 136 18.28 -38.39 16.26
C THR B 136 18.01 -39.14 14.94
N THR B 137 17.36 -38.47 14.00
CA THR B 137 17.26 -38.96 12.63
C THR B 137 17.20 -37.77 11.64
N ALA B 138 17.01 -38.07 10.38
CA ALA B 138 17.02 -37.10 9.34
C ALA B 138 15.80 -37.36 8.46
N SER B 139 14.64 -37.10 9.03
CA SER B 139 13.41 -37.51 8.40
C SER B 139 12.58 -36.41 7.82
N ASN B 140 12.83 -35.19 8.26
CA ASN B 140 12.24 -34.03 7.67
C ASN B 140 12.93 -32.76 8.03
N ASP B 141 12.47 -31.68 7.43
CA ASP B 141 13.08 -30.38 7.61
C ASP B 141 12.60 -29.54 8.80
N GLY B 142 11.90 -30.16 9.73
CA GLY B 142 11.50 -29.52 10.97
C GLY B 142 12.71 -29.30 11.85
N ILE B 143 13.79 -29.97 11.55
CA ILE B 143 14.99 -29.95 12.37
C ILE B 143 15.48 -28.55 12.70
N ALA B 144 15.58 -27.72 11.66
CA ALA B 144 16.12 -26.37 11.81
C ALA B 144 15.15 -25.28 11.42
N SER B 145 13.92 -25.67 11.16
CA SER B 145 12.97 -24.72 10.63
C SER B 145 12.24 -23.96 11.71
N PRO B 146 11.75 -22.77 11.36
CA PRO B 146 10.86 -22.04 12.29
C PRO B 146 9.42 -22.49 12.23
N ILE B 147 9.14 -23.65 11.67
CA ILE B 147 7.76 -24.10 11.54
C ILE B 147 7.32 -25.09 12.59
N VAL B 148 6.18 -24.81 13.19
CA VAL B 148 5.57 -25.71 14.13
C VAL B 148 4.41 -26.37 13.42
N SER B 149 4.43 -27.69 13.39
CA SER B 149 3.43 -28.51 12.67
C SER B 149 2.69 -29.50 13.56
N ILE B 150 2.37 -29.12 14.77
CA ILE B 150 1.76 -30.06 15.73
C ILE B 150 0.49 -30.65 15.10
N ARG B 151 -0.37 -29.72 14.71
CA ARG B 151 -1.59 -29.95 13.91
C ARG B 151 -1.73 -28.78 12.94
N GLN B 152 -2.34 -29.03 11.80
CA GLN B 152 -2.60 -27.97 10.82
C GLN B 152 -3.67 -26.99 11.41
N PRO B 153 -3.66 -25.71 11.00
CA PRO B 153 -2.59 -25.23 10.16
C PRO B 153 -1.29 -25.08 10.97
N SER B 154 -0.19 -25.24 10.29
CA SER B 154 1.08 -25.08 10.92
C SER B 154 1.36 -23.58 10.92
N PHE B 155 2.20 -23.16 11.84
CA PHE B 155 2.56 -21.74 11.97
C PHE B 155 4.03 -21.51 12.22
N MET B 156 4.41 -20.25 12.11
CA MET B 156 5.78 -19.84 12.23
C MET B 156 6.11 -19.39 13.63
N VAL B 157 7.28 -19.80 14.12
CA VAL B 157 7.84 -19.36 15.38
C VAL B 157 9.28 -18.98 15.11
N ASP B 158 10.11 -18.96 16.13
CA ASP B 158 11.56 -18.74 15.92
C ASP B 158 12.24 -20.00 15.45
N ALA B 159 13.24 -19.85 14.59
CA ALA B 159 14.14 -20.93 14.30
C ALA B 159 14.79 -21.37 15.61
N PRO B 160 15.13 -22.65 15.71
CA PRO B 160 15.87 -23.03 16.91
C PRO B 160 17.15 -22.22 17.06
N ILE B 161 17.52 -21.96 18.31
CA ILE B 161 18.75 -21.23 18.60
C ILE B 161 20.01 -22.04 18.37
N ALA B 162 19.88 -23.35 18.40
CA ALA B 162 20.95 -24.24 18.07
C ALA B 162 20.42 -25.53 17.49
N ILE B 163 21.22 -26.06 16.56
CA ILE B 163 20.99 -27.35 15.93
C ILE B 163 22.22 -28.21 16.21
N ILE B 164 21.99 -29.32 16.88
CA ILE B 164 23.03 -30.22 17.26
C ILE B 164 22.66 -31.59 16.71
N ALA B 165 23.28 -31.90 15.58
CA ALA B 165 22.97 -33.08 14.80
C ALA B 165 24.13 -34.10 14.80
N ASP B 166 23.93 -35.16 15.58
CA ASP B 166 24.92 -36.13 15.78
C ASP B 166 24.79 -37.14 14.65
N THR B 167 25.70 -37.05 13.68
CA THR B 167 25.60 -37.93 12.51
C THR B 167 25.90 -39.40 12.79
N GLU B 168 26.56 -39.68 13.89
CA GLU B 168 26.75 -41.07 14.38
C GLU B 168 25.44 -41.69 14.89
N ILE B 169 24.69 -40.93 15.65
CA ILE B 169 23.34 -41.36 16.02
C ILE B 169 22.42 -41.46 14.81
N ILE B 170 22.46 -40.46 13.95
CA ILE B 170 21.54 -40.38 12.82
C ILE B 170 21.80 -41.54 11.84
N LYS B 171 23.05 -41.90 11.69
CA LYS B 171 23.44 -42.96 10.77
C LYS B 171 22.78 -44.27 11.12
N LYS B 172 22.57 -44.48 12.39
CA LYS B 172 22.04 -45.69 12.91
C LYS B 172 20.57 -45.68 13.05
N SER B 173 19.92 -44.58 12.74
CA SER B 173 18.46 -44.53 12.85
C SER B 173 17.77 -45.46 11.84
N PRO B 174 16.52 -45.85 12.08
CA PRO B 174 15.85 -46.76 11.17
C PRO B 174 15.88 -46.25 9.73
N ARG B 175 16.25 -47.14 8.82
CA ARG B 175 16.55 -46.77 7.45
C ARG B 175 15.37 -46.05 6.77
N ARG B 176 14.18 -46.51 7.09
CA ARG B 176 13.00 -45.93 6.52
C ARG B 176 12.90 -44.40 6.72
N LEU B 177 13.35 -43.92 7.87
CA LEU B 177 13.32 -42.49 8.24
C LEU B 177 14.32 -41.71 7.42
N LEU B 178 15.49 -42.30 7.17
CA LEU B 178 16.45 -41.67 6.29
C LEU B 178 16.00 -41.59 4.84
N SER B 179 15.29 -42.60 4.41
CA SER B 179 14.74 -42.66 3.07
C SER B 179 13.65 -41.62 2.94
N ALA B 180 12.86 -41.49 3.97
CA ALA B 180 11.79 -40.47 4.01
C ALA B 180 12.35 -39.06 3.90
N GLY B 181 13.49 -38.83 4.54
CA GLY B 181 14.11 -37.50 4.50
C GLY B 181 14.31 -36.98 3.06
N MET B 182 14.57 -37.90 2.14
CA MET B 182 14.77 -37.54 0.74
C MET B 182 13.49 -36.91 0.19
N GLY B 183 12.36 -37.45 0.61
CA GLY B 183 11.07 -36.94 0.23
C GLY B 183 10.88 -35.50 0.59
N ASP B 184 11.35 -35.14 1.77
CA ASP B 184 11.25 -33.80 2.32
C ASP B 184 12.20 -32.85 1.64
N ILE B 185 13.31 -33.35 1.13
CA ILE B 185 14.22 -32.56 0.34
C ILE B 185 13.76 -32.29 -1.13
N VAL B 186 13.34 -33.32 -1.86
CA VAL B 186 13.00 -33.10 -3.26
C VAL B 186 11.80 -32.20 -3.41
N SER B 187 10.97 -32.18 -2.39
CA SER B 187 9.81 -31.30 -2.35
C SER B 187 10.15 -29.80 -2.42
N ASN B 188 11.38 -29.42 -2.07
CA ASN B 188 11.81 -28.04 -2.29
C ASN B 188 11.65 -27.64 -3.78
N ILE B 189 11.84 -28.60 -4.67
CA ILE B 189 11.80 -28.26 -6.11
C ILE B 189 10.43 -27.81 -6.55
N THR B 190 9.41 -28.60 -6.23
CA THR B 190 8.07 -28.22 -6.56
C THR B 190 7.61 -27.02 -5.69
N ALA B 191 8.10 -26.94 -4.47
CA ALA B 191 7.74 -25.81 -3.59
C ALA B 191 8.19 -24.52 -4.25
N VAL B 192 9.42 -24.52 -4.72
CA VAL B 192 9.95 -23.35 -5.41
C VAL B 192 9.25 -23.10 -6.72
N LEU B 193 8.97 -24.14 -7.49
CA LEU B 193 8.16 -23.95 -8.75
C LEU B 193 6.78 -23.31 -8.48
N ASP B 194 6.15 -23.79 -7.42
CA ASP B 194 4.85 -23.27 -6.99
C ASP B 194 4.96 -21.83 -6.49
N TRP B 195 6.05 -21.51 -5.82
CA TRP B 195 6.30 -20.17 -5.32
C TRP B 195 6.46 -19.18 -6.47
N LYS B 196 7.33 -19.52 -7.44
CA LYS B 196 7.47 -18.73 -8.67
C LYS B 196 6.12 -18.54 -9.40
N LEU B 197 5.33 -19.58 -9.43
CA LEU B 197 4.00 -19.50 -10.07
C LEU B 197 3.04 -18.53 -9.33
N ALA B 198 3.06 -18.60 -8.00
CA ALA B 198 2.27 -17.69 -7.18
C ALA B 198 2.75 -16.24 -7.30
N TYR B 199 4.03 -16.06 -7.45
CA TYR B 199 4.54 -14.74 -7.73
C TYR B 199 4.00 -14.22 -9.07
N LYS B 200 4.12 -15.05 -10.09
CA LYS B 200 3.74 -14.70 -11.46
C LYS B 200 2.25 -14.41 -11.55
N GLU B 201 1.44 -15.30 -11.02
CA GLU B 201 0.00 -15.28 -11.24
C GLU B 201 -0.81 -14.51 -10.19
N LYS B 202 -0.24 -14.35 -9.00
CA LYS B 202 -0.96 -13.67 -7.93
C LYS B 202 -0.15 -12.59 -7.28
N GLY B 203 1.00 -12.26 -7.86
CA GLY B 203 1.88 -11.24 -7.27
C GLY B 203 2.29 -11.50 -5.81
N GLU B 204 2.39 -12.76 -5.41
CA GLU B 204 2.86 -13.07 -4.06
C GLU B 204 4.35 -12.74 -3.88
N LYS B 205 4.69 -12.36 -2.67
CA LYS B 205 6.02 -11.93 -2.34
C LYS B 205 7.01 -13.09 -2.57
N TYR B 206 8.12 -12.77 -3.20
CA TYR B 206 9.03 -13.76 -3.71
C TYR B 206 10.46 -13.30 -3.57
N SER B 207 11.32 -14.23 -3.20
CA SER B 207 12.75 -13.96 -3.14
C SER B 207 13.53 -14.96 -4.00
N GLU B 208 14.15 -14.46 -5.04
CA GLU B 208 14.86 -15.31 -5.99
C GLU B 208 16.06 -15.99 -5.33
N SER B 209 16.74 -15.28 -4.47
CA SER B 209 17.92 -15.81 -3.86
C SER B 209 17.59 -16.93 -2.86
N SER B 210 16.49 -16.79 -2.12
CA SER B 210 16.05 -17.84 -1.19
C SER B 210 15.58 -19.07 -1.91
N ALA B 211 14.79 -18.82 -2.97
CA ALA B 211 14.25 -19.88 -3.82
C ALA B 211 15.33 -20.69 -4.49
N ILE B 212 16.30 -20.03 -5.07
CA ILE B 212 17.38 -20.77 -5.75
C ILE B 212 18.25 -21.55 -4.75
N PHE B 213 18.43 -20.99 -3.57
CA PHE B 213 19.16 -21.68 -2.50
C PHE B 213 18.45 -23.00 -2.17
N SER B 214 17.18 -22.91 -1.86
CA SER B 214 16.38 -24.05 -1.48
C SER B 214 16.36 -25.13 -2.58
N LYS B 215 16.09 -24.68 -3.79
CA LYS B 215 16.09 -25.53 -4.95
C LYS B 215 17.45 -26.21 -5.22
N THR B 216 18.52 -25.43 -5.08
CA THR B 216 19.85 -25.97 -5.35
C THR B 216 20.25 -26.99 -4.26
N ILE B 217 19.74 -26.81 -3.06
CA ILE B 217 20.02 -27.80 -2.01
C ILE B 217 19.49 -29.16 -2.47
N ALA B 218 18.29 -29.14 -3.00
CA ALA B 218 17.65 -30.37 -3.42
C ALA B 218 18.41 -30.97 -4.62
N LYS B 219 18.79 -30.13 -5.56
CA LYS B 219 19.57 -30.58 -6.70
C LYS B 219 20.85 -31.25 -6.36
N GLU B 220 21.61 -30.64 -5.47
CA GLU B 220 22.89 -31.19 -4.98
C GLU B 220 22.70 -32.53 -4.35
N LEU B 221 21.62 -32.69 -3.62
CA LEU B 221 21.48 -33.95 -2.92
C LEU B 221 21.05 -35.03 -3.91
N ILE B 222 20.20 -34.66 -4.86
CA ILE B 222 19.75 -35.57 -5.93
C ILE B 222 20.97 -36.06 -6.71
N SER B 223 21.80 -35.12 -7.07
CA SER B 223 23.00 -35.39 -7.80
C SER B 223 24.00 -36.29 -7.00
N TYR B 224 24.13 -36.04 -5.71
CA TYR B 224 24.89 -36.91 -4.86
C TYR B 224 24.28 -38.35 -4.82
N VAL B 225 22.99 -38.42 -4.67
CA VAL B 225 22.32 -39.70 -4.61
C VAL B 225 22.53 -40.50 -5.91
N LEU B 226 22.43 -39.85 -7.05
CA LEU B 226 22.53 -40.54 -8.33
C LEU B 226 23.95 -40.86 -8.77
N ASN B 227 24.94 -40.24 -8.17
CA ASN B 227 26.34 -40.43 -8.57
C ASN B 227 27.22 -41.19 -7.61
N SER B 228 26.79 -41.37 -6.38
CA SER B 228 27.68 -41.86 -5.38
C SER B 228 27.30 -43.25 -4.94
N ASP B 229 28.12 -43.81 -4.06
CA ASP B 229 27.80 -45.08 -3.38
C ASP B 229 26.95 -44.91 -2.15
N LEU B 230 26.57 -43.68 -1.86
CA LEU B 230 25.64 -43.36 -0.75
C LEU B 230 26.25 -43.47 0.63
N SER B 231 27.54 -43.66 0.73
CA SER B 231 28.17 -43.90 2.02
C SER B 231 28.14 -42.67 2.93
N GLU B 232 27.96 -41.47 2.36
CA GLU B 232 27.79 -40.25 3.16
C GLU B 232 26.36 -39.67 3.10
N TYR B 233 25.41 -40.49 2.72
CA TYR B 233 24.07 -40.01 2.42
C TYR B 233 23.40 -39.38 3.64
N HIS B 234 23.55 -40.04 4.77
CA HIS B 234 22.97 -39.55 5.99
C HIS B 234 23.51 -38.15 6.35
N ASN B 235 24.79 -37.95 6.13
CA ASN B 235 25.42 -36.73 6.42
C ASN B 235 24.93 -35.64 5.46
N LYS B 236 24.94 -35.95 4.18
CA LYS B 236 24.49 -34.98 3.16
C LYS B 236 23.00 -34.63 3.29
N LEU B 237 22.23 -35.62 3.69
CA LEU B 237 20.83 -35.44 3.92
C LEU B 237 20.56 -34.48 5.09
N VAL B 238 21.30 -34.63 6.18
CA VAL B 238 21.12 -33.80 7.35
C VAL B 238 21.50 -32.38 7.02
N LYS B 239 22.62 -32.22 6.33
CA LYS B 239 23.04 -30.89 5.88
C LYS B 239 21.97 -30.27 5.00
N ALA B 240 21.40 -31.05 4.10
CA ALA B 240 20.33 -30.53 3.23
C ALA B 240 19.08 -30.11 4.01
N LEU B 241 18.65 -30.94 4.96
CA LEU B 241 17.45 -30.65 5.78
C LEU B 241 17.65 -29.40 6.59
N VAL B 242 18.85 -29.25 7.15
CA VAL B 242 19.19 -28.05 7.93
C VAL B 242 19.20 -26.82 7.01
N GLY B 243 19.87 -26.92 5.86
CA GLY B 243 19.87 -25.86 4.86
C GLY B 243 18.46 -25.38 4.52
N SER B 244 17.58 -26.34 4.34
N SER B 244 17.58 -26.35 4.33
CA SER B 244 16.21 -26.05 3.99
CA SER B 244 16.20 -26.09 3.98
C SER B 244 15.49 -25.27 5.10
C SER B 244 15.48 -25.28 5.10
N GLY B 245 15.80 -25.58 6.36
CA GLY B 245 15.25 -24.83 7.48
C GLY B 245 15.74 -23.38 7.52
N ILE B 246 17.02 -23.20 7.25
CA ILE B 246 17.60 -21.88 7.12
C ILE B 246 16.93 -21.10 6.00
N ALA B 247 16.71 -21.75 4.85
CA ALA B 247 16.00 -21.10 3.74
C ALA B 247 14.63 -20.58 4.14
N ILE B 248 13.89 -21.38 4.87
CA ILE B 248 12.60 -20.97 5.39
C ILE B 248 12.75 -19.71 6.28
N ALA B 249 13.74 -19.72 7.16
CA ALA B 249 13.93 -18.63 8.12
C ALA B 249 14.20 -17.33 7.42
N ILE B 250 15.07 -17.44 6.47
CA ILE B 250 15.58 -16.32 5.72
C ILE B 250 14.53 -15.71 4.81
N ALA B 251 13.66 -16.55 4.26
CA ALA B 251 12.54 -16.10 3.42
C ALA B 251 11.35 -15.69 4.24
N ASN B 252 11.40 -16.00 5.52
CA ASN B 252 10.29 -15.71 6.40
CA ASN B 252 10.29 -15.72 6.42
C ASN B 252 8.97 -16.37 5.95
N SER B 253 9.11 -17.57 5.43
CA SER B 253 8.01 -18.30 4.83
C SER B 253 8.40 -19.73 4.60
N SER B 254 7.45 -20.62 4.72
CA SER B 254 7.66 -22.01 4.33
C SER B 254 7.70 -22.22 2.79
N ARG B 255 7.45 -21.16 2.05
CA ARG B 255 7.40 -21.23 0.60
C ARG B 255 8.58 -21.97 -0.08
N PRO B 256 9.82 -21.73 0.36
CA PRO B 256 10.89 -22.45 -0.36
C PRO B 256 10.96 -23.94 -0.10
N ALA B 257 10.16 -24.42 0.85
CA ALA B 257 10.27 -25.80 1.26
C ALA B 257 8.96 -26.56 1.26
N SER B 258 7.88 -25.86 1.03
CA SER B 258 6.57 -26.46 1.12
C SER B 258 5.63 -25.84 0.09
N GLY B 259 5.11 -26.67 -0.79
CA GLY B 259 4.16 -26.29 -1.82
C GLY B 259 3.05 -27.32 -2.00
N SER B 260 2.59 -27.47 -3.25
CA SER B 260 1.48 -28.39 -3.53
C SER B 260 1.74 -29.81 -3.06
N GLU B 261 2.98 -30.27 -3.17
CA GLU B 261 3.34 -31.59 -2.70
C GLU B 261 3.04 -31.80 -1.20
N HIS B 262 3.24 -30.77 -0.40
CA HIS B 262 2.99 -30.81 1.02
C HIS B 262 1.50 -30.75 1.26
N LEU B 263 0.79 -30.00 0.45
CA LEU B 263 -0.66 -29.96 0.53
C LEU B 263 -1.22 -31.35 0.33
N PHE B 264 -0.69 -32.03 -0.67
CA PHE B 264 -1.07 -33.39 -0.96
C PHE B 264 -0.85 -34.26 0.22
N SER B 265 0.32 -34.14 0.83
CA SER B 265 0.64 -34.92 2.01
C SER B 265 -0.31 -34.67 3.19
N HIS B 266 -0.60 -33.39 3.45
CA HIS B 266 -1.59 -33.04 4.51
C HIS B 266 -2.96 -33.62 4.23
N ALA B 267 -3.37 -33.56 2.97
CA ALA B 267 -4.61 -34.17 2.58
C ALA B 267 -4.63 -35.67 2.91
N LEU B 268 -3.55 -36.37 2.55
CA LEU B 268 -3.44 -37.77 2.94
C LEU B 268 -3.63 -37.93 4.45
N ASP B 269 -2.99 -37.08 5.24
CA ASP B 269 -3.07 -37.16 6.69
C ASP B 269 -4.49 -36.97 7.18
N LYS B 270 -5.19 -36.00 6.60
CA LYS B 270 -6.59 -35.74 6.92
C LYS B 270 -7.44 -36.96 6.64
N LEU B 271 -7.22 -37.61 5.51
CA LEU B 271 -7.97 -38.79 5.14
C LEU B 271 -7.69 -40.03 6.02
N LYS B 272 -6.45 -40.17 6.46
CA LYS B 272 -6.08 -41.25 7.38
C LYS B 272 -6.88 -41.15 8.66
N GLU B 273 -6.90 -39.94 9.22
CA GLU B 273 -7.66 -39.66 10.42
C GLU B 273 -9.15 -39.89 10.21
N GLU B 274 -9.64 -39.39 9.08
CA GLU B 274 -11.05 -39.44 8.78
C GLU B 274 -11.56 -40.86 8.58
N TYR B 275 -10.89 -41.65 7.77
CA TYR B 275 -11.30 -43.05 7.52
C TYR B 275 -10.69 -44.02 8.51
N ASN B 276 -10.05 -43.47 9.52
CA ASN B 276 -9.41 -44.28 10.53
C ASN B 276 -8.58 -45.41 9.92
N LEU B 277 -7.79 -45.06 8.92
CA LEU B 277 -6.90 -46.03 8.27
C LEU B 277 -5.72 -46.27 9.17
N ASN B 278 -5.22 -47.48 9.19
CA ASN B 278 -4.02 -47.79 10.01
C ASN B 278 -2.85 -47.93 9.03
N ILE B 279 -2.27 -46.81 8.67
CA ILE B 279 -1.21 -46.78 7.68
C ILE B 279 -0.04 -46.02 8.26
N ASN B 280 1.07 -46.72 8.43
CA ASN B 280 2.25 -46.15 9.05
C ASN B 280 3.13 -45.37 8.06
N SER B 281 2.52 -44.59 7.17
CA SER B 281 3.29 -43.82 6.23
C SER B 281 3.88 -42.59 6.89
N LEU B 282 5.09 -42.23 6.47
CA LEU B 282 5.77 -41.06 7.01
C LEU B 282 5.54 -39.86 6.16
N HIS B 283 5.63 -38.71 6.79
CA HIS B 283 5.51 -37.42 6.17
C HIS B 283 6.40 -37.22 4.93
N GLY B 284 7.65 -37.55 5.05
CA GLY B 284 8.61 -37.42 3.96
C GLY B 284 8.27 -38.28 2.76
N GLU B 285 7.80 -39.49 3.05
CA GLU B 285 7.38 -40.44 2.03
C GLU B 285 6.27 -39.89 1.18
N GLN B 286 5.27 -39.32 1.87
CA GLN B 286 4.11 -38.75 1.21
C GLN B 286 4.49 -37.52 0.38
N CYS B 287 5.34 -36.66 0.93
CA CYS B 287 5.88 -35.52 0.19
C CYS B 287 6.66 -35.93 -1.07
N GLY B 288 7.45 -37.00 -0.97
CA GLY B 288 8.23 -37.50 -2.11
C GLY B 288 7.32 -37.87 -3.29
N ILE B 289 6.27 -38.60 -2.98
CA ILE B 289 5.32 -39.03 -3.98
C ILE B 289 4.53 -37.85 -4.54
N GLY B 290 4.16 -36.96 -3.65
CA GLY B 290 3.55 -35.69 -4.01
C GLY B 290 4.42 -34.95 -5.01
N THR B 291 5.72 -34.95 -4.77
CA THR B 291 6.63 -34.19 -5.58
C THR B 291 6.69 -34.70 -6.98
N ILE B 292 6.72 -36.02 -7.08
CA ILE B 292 6.69 -36.67 -8.37
C ILE B 292 5.54 -36.12 -9.20
N MET B 293 4.34 -36.15 -8.61
CA MET B 293 3.09 -35.77 -9.34
C MET B 293 2.98 -34.29 -9.64
N MET B 294 3.32 -33.46 -8.65
CA MET B 294 3.29 -32.00 -8.85
C MET B 294 4.33 -31.50 -9.85
N SER B 295 5.48 -32.14 -9.87
CA SER B 295 6.49 -31.82 -10.88
C SER B 295 5.92 -32.04 -12.28
N TYR B 296 5.24 -33.14 -12.43
CA TYR B 296 4.66 -33.52 -13.68
C TYR B 296 3.61 -32.48 -14.14
N LEU B 297 2.79 -31.99 -13.20
CA LEU B 297 1.90 -30.88 -13.55
C LEU B 297 2.64 -29.63 -14.04
N HIS B 298 3.75 -29.29 -13.42
CA HIS B 298 4.56 -28.15 -13.88
C HIS B 298 5.15 -28.46 -15.28
N GLU B 299 5.50 -29.70 -15.49
CA GLU B 299 6.07 -30.13 -16.77
C GLU B 299 5.12 -29.91 -17.96
N LYS B 300 3.86 -30.24 -17.77
CA LYS B 300 2.81 -30.01 -18.77
C LYS B 300 2.77 -28.60 -19.29
N GLU B 301 3.04 -27.63 -18.43
CA GLU B 301 3.03 -26.20 -18.83
C GLU B 301 4.35 -25.61 -19.19
N ASN B 302 5.43 -26.31 -18.92
CA ASN B 302 6.76 -25.83 -19.22
C ASN B 302 7.65 -26.99 -19.63
N LYS B 303 7.78 -27.12 -20.94
CA LYS B 303 8.43 -28.27 -21.56
C LYS B 303 9.92 -28.33 -21.24
N LYS B 304 10.48 -27.18 -20.86
CA LYS B 304 11.87 -27.08 -20.43
C LYS B 304 12.13 -27.92 -19.16
N LEU B 305 11.10 -28.15 -18.37
CA LEU B 305 11.21 -29.00 -17.20
C LEU B 305 10.99 -30.49 -17.48
N SER B 306 10.68 -30.80 -18.70
CA SER B 306 10.24 -32.17 -19.05
C SER B 306 11.24 -33.24 -18.62
N GLY B 307 10.77 -34.21 -17.88
CA GLY B 307 11.63 -35.26 -17.33
C GLY B 307 12.13 -35.09 -15.90
N LEU B 308 11.85 -33.91 -15.39
CA LEU B 308 12.20 -33.58 -13.99
C LEU B 308 11.59 -34.61 -13.03
N HIS B 309 10.34 -34.92 -13.23
CA HIS B 309 9.64 -35.84 -12.34
C HIS B 309 10.24 -37.24 -12.37
N GLU B 310 10.82 -37.62 -13.49
CA GLU B 310 11.45 -38.95 -13.62
C GLU B 310 12.79 -39.02 -12.91
N LYS B 311 13.54 -37.95 -12.98
CA LYS B 311 14.77 -37.81 -12.23
C LYS B 311 14.54 -37.86 -10.68
N ILE B 312 13.48 -37.20 -10.24
CA ILE B 312 13.11 -37.15 -8.86
C ILE B 312 12.71 -38.54 -8.42
N LYS B 313 11.88 -39.18 -9.23
CA LYS B 313 11.49 -40.56 -8.98
C LYS B 313 12.72 -41.44 -8.84
N MET B 314 13.63 -41.33 -9.78
CA MET B 314 14.86 -42.13 -9.72
C MET B 314 15.65 -41.92 -8.44
N SER B 315 15.77 -40.67 -8.04
CA SER B 315 16.54 -40.35 -6.84
C SER B 315 15.88 -40.97 -5.63
N LEU B 316 14.57 -40.93 -5.59
CA LEU B 316 13.84 -41.53 -4.49
C LEU B 316 14.03 -43.06 -4.45
N LYS B 317 13.92 -43.70 -5.60
CA LYS B 317 14.18 -45.13 -5.72
C LYS B 317 15.59 -45.50 -5.28
N LYS B 318 16.55 -44.70 -5.67
CA LYS B 318 17.90 -44.98 -5.29
C LYS B 318 18.13 -45.04 -3.75
N VAL B 319 17.35 -44.30 -2.97
CA VAL B 319 17.50 -44.35 -1.51
C VAL B 319 16.39 -45.15 -0.87
N ASP B 320 15.62 -45.83 -1.69
CA ASP B 320 14.58 -46.76 -1.24
C ASP B 320 13.36 -46.09 -0.65
N ALA B 321 13.11 -44.83 -1.03
CA ALA B 321 11.90 -44.16 -0.63
C ALA B 321 10.76 -44.65 -1.55
N PRO B 322 9.53 -44.70 -1.02
CA PRO B 322 8.50 -45.20 -1.92
C PRO B 322 8.17 -44.22 -3.05
N THR B 323 7.77 -44.76 -4.19
CA THR B 323 7.34 -43.94 -5.31
C THR B 323 5.95 -44.26 -5.84
N THR B 324 5.32 -45.25 -5.25
CA THR B 324 3.96 -45.63 -5.66
C THR B 324 3.05 -45.76 -4.44
N ALA B 325 1.76 -45.66 -4.72
CA ALA B 325 0.74 -45.72 -3.69
C ALA B 325 0.79 -47.05 -2.97
N LYS B 326 1.04 -48.09 -3.76
CA LYS B 326 1.14 -49.43 -3.20
C LYS B 326 2.31 -49.55 -2.22
N GLU B 327 3.47 -49.07 -2.59
CA GLU B 327 4.62 -49.12 -1.66
C GLU B 327 4.32 -48.29 -0.42
N LEU B 328 3.60 -47.19 -0.61
CA LEU B 328 3.28 -46.26 0.49
C LEU B 328 2.24 -46.79 1.46
N GLY B 329 1.41 -47.73 0.98
CA GLY B 329 0.38 -48.38 1.79
C GLY B 329 -1.03 -47.87 1.53
N PHE B 330 -1.25 -47.13 0.47
CA PHE B 330 -2.59 -46.60 0.17
C PHE B 330 -3.25 -47.20 -1.02
N ASP B 331 -4.57 -47.27 -0.89
CA ASP B 331 -5.46 -47.58 -2.00
C ASP B 331 -5.50 -46.43 -2.97
N GLU B 332 -5.62 -46.73 -4.26
CA GLU B 332 -5.63 -45.68 -5.27
C GLU B 332 -6.72 -44.61 -5.07
N ASP B 333 -7.83 -44.96 -4.46
CA ASP B 333 -8.92 -43.99 -4.29
C ASP B 333 -8.56 -42.88 -3.29
N ILE B 334 -7.79 -43.25 -2.28
CA ILE B 334 -7.29 -42.27 -1.29
C ILE B 334 -6.31 -41.26 -1.94
N ILE B 335 -5.46 -41.77 -2.81
CA ILE B 335 -4.52 -40.93 -3.54
C ILE B 335 -5.30 -39.90 -4.32
N ILE B 336 -6.28 -40.39 -5.04
CA ILE B 336 -7.08 -39.57 -5.95
C ILE B 336 -7.89 -38.55 -5.15
N GLU B 337 -8.54 -39.01 -4.09
CA GLU B 337 -9.26 -38.08 -3.23
C GLU B 337 -8.32 -37.00 -2.62
N ALA B 338 -7.14 -37.42 -2.21
CA ALA B 338 -6.16 -36.49 -1.62
C ALA B 338 -5.77 -35.44 -2.64
N LEU B 339 -5.55 -35.88 -3.86
CA LEU B 339 -5.23 -34.94 -4.93
C LEU B 339 -6.29 -33.88 -5.14
N THR B 340 -7.55 -34.32 -5.14
CA THR B 340 -8.68 -33.42 -5.44
C THR B 340 -8.94 -32.45 -4.32
N MET B 341 -8.52 -32.80 -3.12
CA MET B 341 -8.72 -31.89 -1.98
C MET B 341 -7.50 -31.03 -1.60
N ALA B 342 -6.36 -31.32 -2.20
CA ALA B 342 -5.08 -30.74 -1.75
C ALA B 342 -5.06 -29.22 -1.79
N HIS B 343 -5.60 -28.66 -2.85
CA HIS B 343 -5.57 -27.19 -3.04
C HIS B 343 -6.35 -26.43 -1.95
N LYS B 344 -7.27 -27.13 -1.28
CA LYS B 344 -8.12 -26.53 -0.23
C LYS B 344 -7.49 -26.60 1.16
N ILE B 345 -6.42 -27.39 1.30
CA ILE B 345 -5.77 -27.61 2.59
C ILE B 345 -5.22 -26.32 3.17
N ARG B 346 -4.78 -25.42 2.33
CA ARG B 346 -4.35 -24.11 2.77
C ARG B 346 -4.47 -23.11 1.64
N ASN B 347 -4.54 -21.86 2.02
CA ASN B 347 -4.70 -20.76 1.09
C ASN B 347 -3.39 -20.31 0.42
N ARG B 348 -2.88 -21.18 -0.42
CA ARG B 348 -1.57 -21.03 -0.99
C ARG B 348 -1.65 -21.45 -2.42
N TRP B 349 -1.47 -20.48 -3.30
CA TRP B 349 -1.60 -20.74 -4.69
C TRP B 349 -0.46 -21.65 -5.16
N THR B 350 -0.84 -22.70 -5.88
CA THR B 350 0.11 -23.65 -6.45
C THR B 350 -0.36 -24.07 -7.83
N ILE B 351 0.45 -24.92 -8.46
CA ILE B 351 0.15 -25.49 -9.77
C ILE B 351 -1.24 -26.19 -9.77
N LEU B 352 -1.70 -26.60 -8.60
CA LEU B 352 -3.07 -27.13 -8.50
C LEU B 352 -4.16 -26.10 -8.82
N ARG B 353 -3.84 -24.83 -8.72
CA ARG B 353 -4.77 -23.74 -8.90
C ARG B 353 -6.08 -23.95 -8.18
N ASP B 354 -7.20 -23.94 -8.87
CA ASP B 354 -8.49 -24.11 -8.16
C ASP B 354 -8.91 -25.55 -7.97
N GLY B 355 -8.03 -26.47 -8.34
CA GLY B 355 -8.26 -27.85 -7.97
C GLY B 355 -8.40 -28.86 -9.10
N LEU B 356 -8.06 -30.09 -8.81
CA LEU B 356 -8.12 -31.17 -9.79
C LEU B 356 -9.44 -31.89 -9.71
N SER B 357 -10.00 -32.22 -10.85
CA SER B 357 -11.14 -33.14 -10.87
C SER B 357 -10.67 -34.52 -10.53
N ARG B 358 -11.58 -35.38 -10.11
CA ARG B 358 -11.17 -36.75 -9.83
C ARG B 358 -10.63 -37.45 -11.05
N GLU B 359 -11.08 -37.03 -12.22
CA GLU B 359 -10.66 -37.69 -13.46
C GLU B 359 -9.23 -37.24 -13.81
N GLU B 360 -8.98 -35.94 -13.68
CA GLU B 360 -7.63 -35.37 -13.77
C GLU B 360 -6.65 -35.99 -12.76
N ALA B 361 -7.14 -36.16 -11.54
CA ALA B 361 -6.35 -36.70 -10.46
C ALA B 361 -5.90 -38.11 -10.81
N ARG B 362 -6.84 -38.89 -11.34
CA ARG B 362 -6.57 -40.27 -11.72
C ARG B 362 -5.54 -40.33 -12.84
N LYS B 363 -5.74 -39.51 -13.86
CA LYS B 363 -4.82 -39.46 -14.99
C LYS B 363 -3.39 -39.12 -14.55
N LEU B 364 -3.29 -38.08 -13.71
CA LEU B 364 -2.04 -37.63 -13.15
C LEU B 364 -1.30 -38.76 -12.41
N ALA B 365 -2.01 -39.37 -11.49
CA ALA B 365 -1.48 -40.49 -10.73
C ALA B 365 -1.11 -41.68 -11.62
N GLU B 366 -1.89 -41.89 -12.66
CA GLU B 366 -1.58 -42.99 -13.61
C GLU B 366 -0.36 -42.67 -14.48
N GLU B 367 -0.35 -41.49 -15.06
CA GLU B 367 0.74 -41.06 -15.93
C GLU B 367 2.12 -41.00 -15.27
N THR B 368 2.14 -40.88 -13.95
CA THR B 368 3.42 -40.75 -13.18
C THR B 368 3.81 -42.05 -12.52
N GLY B 369 2.96 -43.04 -12.71
CA GLY B 369 3.19 -44.37 -12.16
C GLY B 369 2.91 -44.52 -10.68
N VAL B 370 2.21 -43.55 -10.10
CA VAL B 370 1.91 -43.61 -8.65
C VAL B 370 0.83 -44.67 -8.39
N ILE B 371 -0.08 -44.77 -9.35
CA ILE B 371 -1.06 -45.87 -9.38
C ILE B 371 -1.06 -46.50 -10.76
N ILE C 38 -30.12 30.85 -8.11
CA ILE C 38 -28.95 31.14 -7.23
C ILE C 38 -28.71 30.09 -6.11
N ILE C 39 -27.48 29.59 -6.04
CA ILE C 39 -27.11 28.57 -5.11
C ILE C 39 -26.09 29.10 -4.11
N VAL C 40 -26.41 28.89 -2.84
CA VAL C 40 -25.64 29.36 -1.73
C VAL C 40 -25.12 28.15 -1.01
N THR C 41 -23.82 28.00 -1.00
CA THR C 41 -23.17 26.90 -0.31
C THR C 41 -22.23 27.41 0.77
N PRO C 42 -21.81 26.50 1.67
CA PRO C 42 -20.73 26.91 2.57
C PRO C 42 -19.47 27.28 1.84
N ARG C 43 -18.74 28.19 2.44
CA ARG C 43 -17.44 28.61 1.94
C ARG C 43 -16.35 27.72 2.49
N TYR C 44 -16.42 27.48 3.80
CA TYR C 44 -15.42 26.67 4.48
C TYR C 44 -16.07 25.52 5.24
N THR C 45 -15.49 24.35 5.08
CA THR C 45 -15.93 23.17 5.78
C THR C 45 -14.72 22.51 6.38
N ILE C 46 -14.76 22.35 7.70
N ILE C 46 -14.76 22.33 7.69
CA ILE C 46 -13.72 21.67 8.47
CA ILE C 46 -13.70 21.63 8.40
C ILE C 46 -14.31 20.52 9.31
C ILE C 46 -14.29 20.53 9.30
N ILE C 47 -13.78 19.33 9.12
CA ILE C 47 -14.22 18.19 9.91
C ILE C 47 -13.00 17.45 10.40
N GLU C 48 -12.69 17.64 11.67
CA GLU C 48 -11.50 17.07 12.27
C GLU C 48 -11.45 17.26 13.76
N ASP C 49 -10.61 16.47 14.39
CA ASP C 49 -10.41 16.53 15.84
C ASP C 49 -9.80 17.90 16.20
N GLY C 50 -10.40 18.56 17.17
CA GLY C 50 -9.94 19.90 17.56
C GLY C 50 -10.36 21.06 16.69
N ALA C 51 -11.26 20.80 15.76
CA ALA C 51 -11.71 21.85 14.83
C ALA C 51 -12.30 23.07 15.54
N ILE C 52 -12.82 22.88 16.76
CA ILE C 52 -13.41 23.98 17.47
C ILE C 52 -12.41 25.12 17.64
N ASN C 53 -11.13 24.79 17.66
CA ASN C 53 -10.06 25.81 17.85
C ASN C 53 -9.77 26.65 16.63
N LYS C 54 -10.42 26.29 15.53
CA LYS C 54 -10.27 27.01 14.27
C LYS C 54 -11.31 28.10 14.00
N ILE C 55 -12.21 28.34 14.95
CA ILE C 55 -13.20 29.40 14.80
C ILE C 55 -12.59 30.73 14.43
N GLU C 56 -11.61 31.16 15.20
CA GLU C 56 -11.02 32.48 14.95
C GLU C 56 -10.36 32.52 13.57
N GLU C 57 -9.63 31.46 13.21
CA GLU C 57 -8.96 31.39 11.92
C GLU C 57 -9.97 31.56 10.79
N ILE C 58 -11.14 30.93 10.93
CA ILE C 58 -12.17 31.01 9.95
C ILE C 58 -12.80 32.40 9.92
N LEU C 59 -13.10 32.95 11.10
CA LEU C 59 -13.63 34.33 11.17
C LEU C 59 -12.71 35.32 10.46
N LYS C 60 -11.43 35.12 10.64
CA LYS C 60 -10.46 36.00 10.02
C LYS C 60 -10.46 35.92 8.49
N LYS C 61 -10.50 34.70 8.01
CA LYS C 61 -10.61 34.45 6.60
C LYS C 61 -11.82 35.04 5.98
N LEU C 62 -12.90 35.06 6.73
CA LEU C 62 -14.13 35.70 6.28
C LEU C 62 -14.25 37.17 6.62
N ASN C 63 -13.21 37.75 7.19
CA ASN C 63 -13.23 39.15 7.60
C ASN C 63 -14.43 39.46 8.54
N LEU C 64 -14.58 38.63 9.56
CA LEU C 64 -15.65 38.79 10.55
C LEU C 64 -15.00 38.92 11.91
N LYS C 65 -15.60 39.73 12.77
CA LYS C 65 -14.95 40.10 14.04
C LYS C 65 -15.78 40.16 15.27
N ASN C 66 -17.10 40.11 15.15
CA ASN C 66 -17.93 40.25 16.32
C ASN C 66 -19.11 39.29 16.30
N PRO C 67 -18.84 38.01 16.52
CA PRO C 67 -19.94 37.07 16.47
C PRO C 67 -20.82 37.06 17.72
N LEU C 68 -22.08 36.75 17.53
CA LEU C 68 -22.94 36.38 18.60
C LEU C 68 -23.03 34.86 18.62
N VAL C 69 -22.73 34.27 19.75
CA VAL C 69 -22.76 32.82 19.91
C VAL C 69 -24.08 32.39 20.50
N ILE C 70 -24.70 31.42 19.85
CA ILE C 70 -25.93 30.81 20.34
C ILE C 70 -25.66 29.36 20.68
N THR C 71 -26.00 28.99 21.92
CA THR C 71 -25.67 27.67 22.43
C THR C 71 -26.73 27.18 23.41
N GLY C 72 -26.49 25.97 23.94
CA GLY C 72 -27.36 25.31 24.94
C GLY C 72 -26.63 25.19 26.29
N LYS C 73 -27.39 24.93 27.33
CA LYS C 73 -26.81 24.79 28.68
C LYS C 73 -25.87 23.61 28.77
N ASN C 74 -26.20 22.51 28.09
CA ASN C 74 -25.34 21.31 28.10
C ASN C 74 -24.13 21.40 27.19
N THR C 75 -24.12 22.40 26.33
CA THR C 75 -23.01 22.54 25.38
C THR C 75 -22.19 23.78 25.59
N LYS C 76 -22.61 24.62 26.53
CA LYS C 76 -21.86 25.85 26.83
C LYS C 76 -20.41 25.57 27.26
N LYS C 77 -20.19 24.43 27.88
CA LYS C 77 -18.84 24.00 28.28
C LYS C 77 -17.84 23.93 27.13
N TYR C 78 -18.32 23.84 25.90
CA TYR C 78 -17.42 23.81 24.75
C TYR C 78 -17.10 25.20 24.22
N CYS C 79 -17.71 26.22 24.78
CA CYS C 79 -17.55 27.62 24.34
C CYS C 79 -16.46 28.32 25.11
N ARG C 80 -15.24 28.21 24.61
CA ARG C 80 -14.08 28.79 25.23
C ARG C 80 -13.48 29.95 24.41
N PHE C 81 -14.01 31.14 24.61
CA PHE C 81 -13.57 32.31 23.86
C PHE C 81 -14.24 33.51 24.46
N PHE C 82 -13.96 34.69 23.92
CA PHE C 82 -14.48 35.93 24.51
C PHE C 82 -15.83 36.41 23.97
N TYR C 83 -16.38 35.72 22.99
CA TYR C 83 -17.55 36.21 22.31
C TYR C 83 -18.74 36.19 23.24
N ASP C 84 -19.69 37.07 22.97
CA ASP C 84 -20.97 37.04 23.69
C ASP C 84 -21.71 35.76 23.42
N ILE C 85 -22.41 35.29 24.46
CA ILE C 85 -23.14 34.02 24.41
C ILE C 85 -24.55 34.15 24.92
N VAL C 86 -25.46 33.55 24.18
CA VAL C 86 -26.87 33.52 24.49
C VAL C 86 -27.37 32.08 24.34
N TYR C 87 -28.29 31.66 25.21
CA TYR C 87 -28.91 30.37 25.09
C TYR C 87 -30.10 30.42 24.14
N TYR C 88 -30.31 29.37 23.38
CA TYR C 88 -31.38 29.40 22.39
C TYR C 88 -32.76 29.59 22.98
N ASP C 89 -33.02 28.98 24.11
CA ASP C 89 -34.34 29.08 24.75
C ASP C 89 -34.73 30.60 24.93
N GLU C 90 -33.73 31.39 25.31
CA GLU C 90 -33.78 32.86 25.55
C GLU C 90 -33.92 33.77 24.34
N ILE C 91 -33.94 33.18 23.18
CA ILE C 91 -34.21 33.83 21.91
C ILE C 91 -35.56 33.29 21.43
N LEU C 92 -35.77 32.01 21.72
CA LEU C 92 -36.86 31.23 21.07
C LEU C 92 -38.25 31.71 21.44
N ASN C 93 -38.33 32.45 22.55
CA ASN C 93 -39.51 33.18 22.93
C ASN C 93 -39.28 34.62 22.44
N ASN C 94 -38.99 35.49 23.40
CA ASN C 94 -38.83 36.92 23.18
C ASN C 94 -38.91 37.29 21.69
N LYS C 100 -34.28 44.09 18.43
CA LYS C 100 -32.94 44.11 17.89
C LYS C 100 -31.93 44.88 18.72
N LYS C 101 -31.63 44.25 19.83
CA LYS C 101 -30.45 44.48 20.60
C LYS C 101 -29.29 43.66 20.00
N TYR C 102 -29.32 43.40 18.69
CA TYR C 102 -28.30 42.55 18.00
C TYR C 102 -27.52 43.26 16.90
N THR C 103 -27.70 44.55 16.85
CA THR C 103 -27.10 45.43 15.87
C THR C 103 -25.59 45.32 15.77
N ALA C 104 -24.95 45.07 16.89
CA ALA C 104 -23.48 45.06 16.96
C ALA C 104 -22.78 43.86 16.28
N TYR C 105 -23.50 42.77 16.11
CA TYR C 105 -22.89 41.54 15.60
C TYR C 105 -22.78 41.49 14.09
N ASP C 106 -21.64 41.02 13.61
CA ASP C 106 -21.48 40.83 12.17
C ASP C 106 -21.67 39.37 11.73
N CYS C 107 -21.95 38.48 12.68
CA CYS C 107 -22.30 37.10 12.36
C CYS C 107 -22.83 36.37 13.58
N VAL C 108 -23.36 35.19 13.32
CA VAL C 108 -23.88 34.33 14.35
C VAL C 108 -23.18 32.99 14.28
N ILE C 109 -22.76 32.49 15.44
CA ILE C 109 -22.16 31.20 15.53
C ILE C 109 -23.06 30.30 16.37
N GLY C 110 -23.56 29.24 15.77
CA GLY C 110 -24.38 28.27 16.48
C GLY C 110 -23.49 27.10 16.95
N ILE C 111 -23.40 26.92 18.26
CA ILE C 111 -22.59 25.86 18.85
C ILE C 111 -23.42 24.90 19.68
N GLY C 112 -23.51 23.68 19.20
CA GLY C 112 -24.18 22.67 19.97
C GLY C 112 -24.98 21.68 19.16
N GLY C 113 -26.14 21.35 19.72
CA GLY C 113 -27.06 20.43 19.10
C GLY C 113 -27.93 21.06 18.03
N GLY C 114 -28.84 20.25 17.48
CA GLY C 114 -29.71 20.68 16.39
C GLY C 114 -30.45 21.98 16.62
N ARG C 115 -30.92 22.16 17.85
CA ARG C 115 -31.70 23.33 18.21
C ARG C 115 -30.85 24.60 18.29
N SER C 116 -29.65 24.48 18.82
CA SER C 116 -28.72 25.62 18.91
C SER C 116 -28.42 26.12 17.49
N ILE C 117 -28.17 25.16 16.62
CA ILE C 117 -27.83 25.44 15.25
C ILE C 117 -28.99 26.01 14.48
N ASP C 118 -30.11 25.36 14.59
CA ASP C 118 -31.33 25.83 13.94
C ASP C 118 -31.68 27.26 14.39
N THR C 119 -31.53 27.53 15.68
CA THR C 119 -31.89 28.84 16.24
C THR C 119 -30.94 29.93 15.74
N GLY C 120 -29.66 29.62 15.78
CA GLY C 120 -28.65 30.56 15.26
C GLY C 120 -28.84 30.86 13.77
N LYS C 121 -29.16 29.81 13.02
CA LYS C 121 -29.39 29.92 11.57
C LYS C 121 -30.55 30.84 11.29
N TYR C 122 -31.61 30.67 12.06
CA TYR C 122 -32.79 31.52 11.94
C TYR C 122 -32.47 32.99 12.30
N LEU C 123 -31.78 33.15 13.41
CA LEU C 123 -31.35 34.47 13.86
C LEU C 123 -30.47 35.19 12.84
N ALA C 124 -29.46 34.50 12.32
CA ALA C 124 -28.61 35.07 11.31
C ALA C 124 -29.42 35.55 10.11
N TYR C 125 -30.35 34.74 9.69
CA TYR C 125 -31.26 35.07 8.60
C TYR C 125 -32.07 36.34 8.93
N LYS C 126 -32.66 36.39 10.10
CA LYS C 126 -33.38 37.58 10.54
C LYS C 126 -32.51 38.84 10.57
N LEU C 127 -31.26 38.72 11.00
CA LEU C 127 -30.32 39.86 11.05
C LEU C 127 -29.60 40.19 9.72
N GLY C 128 -29.81 39.37 8.71
CA GLY C 128 -29.06 39.50 7.45
C GLY C 128 -27.56 39.30 7.53
N ILE C 129 -27.10 38.42 8.40
CA ILE C 129 -25.63 38.25 8.60
C ILE C 129 -25.25 36.79 8.45
N PRO C 130 -23.98 36.53 8.16
CA PRO C 130 -23.63 35.11 7.98
C PRO C 130 -23.77 34.24 9.24
N PHE C 131 -24.01 32.96 9.00
CA PHE C 131 -24.10 31.97 10.04
C PHE C 131 -22.97 30.94 9.93
N ILE C 132 -22.34 30.69 11.07
CA ILE C 132 -21.35 29.66 11.21
C ILE C 132 -21.89 28.53 12.08
N SER C 133 -21.81 27.32 11.55
CA SER C 133 -22.35 26.13 12.21
C SER C 133 -21.25 25.32 12.85
N VAL C 134 -21.39 25.12 14.15
CA VAL C 134 -20.39 24.44 14.95
C VAL C 134 -21.08 23.32 15.74
N PRO C 135 -21.42 22.21 15.06
CA PRO C 135 -22.08 21.13 15.78
C PRO C 135 -21.24 20.39 16.83
N THR C 136 -21.83 20.15 17.96
CA THR C 136 -21.21 19.33 19.02
C THR C 136 -21.79 17.87 19.06
N THR C 137 -22.70 17.56 18.14
CA THR C 137 -23.14 16.19 17.87
C THR C 137 -23.45 15.99 16.38
N ALA C 138 -23.92 14.81 16.03
CA ALA C 138 -24.18 14.41 14.67
C ALA C 138 -25.57 13.76 14.58
N SER C 139 -26.59 14.56 14.79
CA SER C 139 -27.93 14.02 15.02
C SER C 139 -28.92 14.21 13.90
N ASN C 140 -28.61 15.12 13.00
CA ASN C 140 -29.35 15.33 11.78
C ASN C 140 -28.67 16.25 10.83
N ASP C 141 -29.24 16.39 9.65
CA ASP C 141 -28.54 17.10 8.60
C ASP C 141 -28.75 18.62 8.56
N GLY C 142 -29.38 19.17 9.58
CA GLY C 142 -29.40 20.62 9.79
C GLY C 142 -28.03 21.28 9.94
N ILE C 143 -27.01 20.49 10.22
CA ILE C 143 -25.67 20.98 10.43
C ILE C 143 -25.18 21.87 9.33
N ALA C 144 -25.41 21.45 8.11
CA ALA C 144 -24.91 22.20 6.96
C ALA C 144 -25.98 22.56 5.96
N SER C 145 -27.23 22.32 6.31
CA SER C 145 -28.33 22.55 5.38
C SER C 145 -28.83 23.97 5.39
N PRO C 146 -29.45 24.36 4.29
CA PRO C 146 -30.09 25.64 4.26
C PRO C 146 -31.49 25.62 4.84
N ILE C 147 -31.82 24.58 5.59
CA ILE C 147 -33.13 24.46 6.15
C ILE C 147 -33.24 24.97 7.57
N VAL C 148 -34.24 25.79 7.79
CA VAL C 148 -34.59 26.21 9.13
C VAL C 148 -35.84 25.48 9.52
N SER C 149 -35.75 24.80 10.66
CA SER C 149 -36.75 23.88 11.15
C SER C 149 -37.27 24.29 12.52
N ILE C 150 -37.34 25.57 12.79
CA ILE C 150 -37.76 26.05 14.10
C ILE C 150 -39.12 25.50 14.45
N ARG C 151 -40.06 25.81 13.57
CA ARG C 151 -41.42 25.29 13.65
C ARG C 151 -41.81 24.97 12.23
N GLN C 152 -42.54 23.87 12.09
CA GLN C 152 -43.11 23.53 10.81
C GLN C 152 -44.03 24.69 10.40
N PRO C 153 -44.14 24.95 9.09
CA PRO C 153 -43.32 24.22 8.14
C PRO C 153 -41.92 24.84 8.05
N SER C 154 -41.01 23.99 7.63
CA SER C 154 -39.64 24.38 7.40
C SER C 154 -39.52 25.24 6.19
N PHE C 155 -38.55 26.15 6.20
CA PHE C 155 -38.24 26.96 5.01
C PHE C 155 -36.75 27.04 4.76
N MET C 156 -36.43 27.51 3.57
CA MET C 156 -35.08 27.57 3.09
C MET C 156 -34.49 28.95 3.37
N VAL C 157 -33.23 28.95 3.82
CA VAL C 157 -32.46 30.17 3.99
C VAL C 157 -31.14 29.89 3.31
N ASP C 158 -30.10 30.61 3.67
CA ASP C 158 -28.77 30.34 3.18
C ASP C 158 -28.15 29.16 3.93
N ALA C 159 -27.38 28.36 3.23
CA ALA C 159 -26.48 27.44 3.87
C ALA C 159 -25.53 28.22 4.81
N PRO C 160 -25.09 27.59 5.88
CA PRO C 160 -24.10 28.25 6.67
C PRO C 160 -22.84 28.59 5.89
N ILE C 161 -22.23 29.73 6.21
CA ILE C 161 -21.03 30.19 5.51
C ILE C 161 -19.81 29.34 5.87
N ALA C 162 -19.85 28.70 7.02
CA ALA C 162 -18.83 27.78 7.44
C ALA C 162 -19.40 26.71 8.34
N ILE C 163 -18.81 25.53 8.21
CA ILE C 163 -19.11 24.38 9.05
C ILE C 163 -17.85 23.96 9.71
N ILE C 164 -17.89 23.97 11.02
CA ILE C 164 -16.71 23.64 11.81
C ILE C 164 -17.13 22.50 12.74
N ALA C 165 -16.77 21.28 12.36
CA ALA C 165 -17.24 20.06 13.03
C ALA C 165 -16.10 19.34 13.74
N ASP C 166 -16.07 19.51 15.05
CA ASP C 166 -14.95 18.99 15.84
C ASP C 166 -15.30 17.56 16.16
N THR C 167 -14.66 16.63 15.50
CA THR C 167 -15.02 15.21 15.70
C THR C 167 -14.62 14.61 17.07
N GLU C 168 -13.66 15.25 17.75
CA GLU C 168 -13.30 14.91 19.13
CA GLU C 168 -13.31 14.90 19.12
C GLU C 168 -14.49 15.22 20.06
N ILE C 169 -15.08 16.38 19.88
CA ILE C 169 -16.25 16.72 20.67
C ILE C 169 -17.42 15.85 20.32
N ILE C 170 -17.65 15.68 19.03
CA ILE C 170 -18.82 14.92 18.57
C ILE C 170 -18.76 13.44 19.03
N LYS C 171 -17.56 12.89 19.09
CA LYS C 171 -17.35 11.53 19.51
C LYS C 171 -17.89 11.27 20.90
N LYS C 172 -17.83 12.27 21.77
CA LYS C 172 -18.27 12.09 23.15
C LYS C 172 -19.67 12.63 23.40
N SER C 173 -20.40 12.99 22.35
CA SER C 173 -21.82 13.39 22.55
C SER C 173 -22.70 12.21 22.93
N PRO C 174 -23.90 12.46 23.44
CA PRO C 174 -24.72 11.32 23.86
C PRO C 174 -24.95 10.33 22.73
N ARG C 175 -24.76 9.04 23.05
CA ARG C 175 -24.86 7.98 22.07
C ARG C 175 -26.18 7.98 21.31
N ARG C 176 -27.25 8.26 22.02
CA ARG C 176 -28.56 8.25 21.40
C ARG C 176 -28.70 9.19 20.19
N LEU C 177 -28.04 10.34 20.29
CA LEU C 177 -28.05 11.34 19.23
C LEU C 177 -27.23 10.87 18.01
N LEU C 178 -26.09 10.24 18.25
CA LEU C 178 -25.29 9.68 17.14
C LEU C 178 -26.07 8.55 16.42
N SER C 179 -26.84 7.79 17.18
CA SER C 179 -27.63 6.69 16.61
C SER C 179 -28.72 7.27 15.76
N ALA C 180 -29.36 8.33 16.28
CA ALA C 180 -30.42 9.04 15.57
C ALA C 180 -29.91 9.64 14.23
N GLY C 181 -28.67 10.10 14.21
CA GLY C 181 -28.07 10.63 12.98
C GLY C 181 -28.17 9.63 11.80
N MET C 182 -28.03 8.34 12.10
CA MET C 182 -28.12 7.32 11.10
C MET C 182 -29.49 7.37 10.42
N GLY C 183 -30.50 7.59 11.23
CA GLY C 183 -31.85 7.72 10.76
C GLY C 183 -32.04 8.79 9.72
N ASP C 184 -31.41 9.93 9.96
CA ASP C 184 -31.49 11.05 9.03
C ASP C 184 -30.69 10.71 7.75
N ILE C 185 -29.52 10.07 7.85
CA ILE C 185 -28.78 9.66 6.66
C ILE C 185 -29.48 8.61 5.78
N VAL C 186 -29.96 7.52 6.37
CA VAL C 186 -30.60 6.47 5.51
C VAL C 186 -31.83 6.99 4.78
N SER C 187 -32.49 7.98 5.38
CA SER C 187 -33.63 8.60 4.76
C SER C 187 -33.33 9.23 3.38
N ASN C 188 -32.08 9.53 3.10
CA ASN C 188 -31.69 10.01 1.75
C ASN C 188 -32.08 9.01 0.68
N ILE C 189 -32.03 7.74 1.04
CA ILE C 189 -32.31 6.66 0.04
C ILE C 189 -33.72 6.69 -0.43
N THR C 190 -34.65 6.70 0.50
CA THR C 190 -36.05 6.83 0.13
C THR C 190 -36.37 8.21 -0.42
N ALA C 191 -35.71 9.24 0.10
CA ALA C 191 -35.93 10.61 -0.42
C ALA C 191 -35.61 10.68 -1.89
N VAL C 192 -34.47 10.13 -2.28
CA VAL C 192 -34.06 10.09 -3.68
C VAL C 192 -34.95 9.17 -4.51
N LEU C 193 -35.32 8.02 -3.98
CA LEU C 193 -36.29 7.13 -4.68
C LEU C 193 -37.59 7.84 -4.96
N ASP C 194 -38.06 8.57 -3.95
CA ASP C 194 -39.31 9.32 -4.07
C ASP C 194 -39.17 10.42 -5.10
N TRP C 195 -38.01 11.06 -5.12
CA TRP C 195 -37.76 12.20 -6.04
C TRP C 195 -37.81 11.71 -7.47
N LYS C 196 -37.09 10.62 -7.72
CA LYS C 196 -37.11 9.94 -9.03
C LYS C 196 -38.52 9.59 -9.46
N LEU C 197 -39.28 9.06 -8.52
CA LEU C 197 -40.64 8.66 -8.77
C LEU C 197 -41.50 9.86 -9.18
N ALA C 198 -41.30 10.96 -8.49
CA ALA C 198 -42.04 12.20 -8.76
C ALA C 198 -41.65 12.77 -10.11
N TYR C 199 -40.40 12.60 -10.49
CA TYR C 199 -39.98 13.01 -11.82
C TYR C 199 -40.70 12.17 -12.88
N LYS C 200 -40.61 10.86 -12.72
CA LYS C 200 -41.19 9.89 -13.63
C LYS C 200 -42.70 10.10 -13.77
N GLU C 201 -43.41 10.17 -12.65
CA GLU C 201 -44.87 10.15 -12.66
C GLU C 201 -45.55 11.52 -12.73
N LYS C 202 -44.86 12.58 -12.32
CA LYS C 202 -45.45 13.91 -12.29
C LYS C 202 -44.62 14.97 -12.98
N GLY C 203 -43.57 14.55 -13.68
CA GLY C 203 -42.65 15.47 -14.32
C GLY C 203 -42.03 16.52 -13.42
N GLU C 204 -41.86 16.22 -12.15
CA GLU C 204 -41.20 17.16 -11.22
C GLU C 204 -39.71 17.32 -11.58
N LYS C 205 -39.21 18.52 -11.35
CA LYS C 205 -37.83 18.82 -11.73
C LYS C 205 -36.86 18.02 -10.85
N TYR C 206 -35.85 17.51 -11.52
CA TYR C 206 -35.01 16.50 -10.99
C TYR C 206 -33.59 16.65 -11.45
N SER C 207 -32.67 16.40 -10.55
CA SER C 207 -31.24 16.43 -10.89
C SER C 207 -30.63 15.09 -10.53
N GLU C 208 -30.19 14.37 -11.54
CA GLU C 208 -29.65 13.03 -11.34
C GLU C 208 -28.34 13.09 -10.58
N SER C 209 -27.54 14.12 -10.83
CA SER C 209 -26.24 14.16 -10.20
C SER C 209 -26.38 14.53 -8.70
N SER C 210 -27.28 15.42 -8.34
CA SER C 210 -27.54 15.72 -6.92
C SER C 210 -28.12 14.52 -6.18
N ALA C 211 -29.07 13.89 -6.83
CA ALA C 211 -29.69 12.67 -6.29
C ALA C 211 -28.70 11.55 -6.07
N ILE C 212 -27.86 11.25 -7.04
CA ILE C 212 -26.91 10.15 -6.91
C ILE C 212 -25.88 10.47 -5.79
N PHE C 213 -25.55 11.74 -5.67
CA PHE C 213 -24.59 12.19 -4.65
C PHE C 213 -25.17 11.90 -3.28
N SER C 214 -26.39 12.37 -3.06
CA SER C 214 -27.11 12.17 -1.81
C SER C 214 -27.27 10.70 -1.49
N LYS C 215 -27.71 9.94 -2.46
CA LYS C 215 -27.91 8.52 -2.26
C LYS C 215 -26.64 7.78 -1.97
N THR C 216 -25.59 8.14 -2.67
CA THR C 216 -24.32 7.45 -2.49
C THR C 216 -23.72 7.76 -1.11
N ILE C 217 -23.95 8.96 -0.61
CA ILE C 217 -23.50 9.28 0.72
C ILE C 217 -24.10 8.30 1.73
N ALA C 218 -25.40 8.05 1.59
CA ALA C 218 -26.11 7.16 2.47
C ALA C 218 -25.63 5.71 2.29
N LYS C 219 -25.54 5.28 1.04
CA LYS C 219 -25.08 3.94 0.72
C LYS C 219 -23.71 3.64 1.30
N GLU C 220 -22.78 4.56 1.17
CA GLU C 220 -21.44 4.37 1.75
C GLU C 220 -21.48 4.28 3.26
N LEU C 221 -22.36 5.03 3.90
CA LEU C 221 -22.34 5.00 5.36
C LEU C 221 -22.96 3.67 5.82
N ILE C 222 -23.98 3.23 5.12
CA ILE C 222 -24.63 1.96 5.41
C ILE C 222 -23.62 0.84 5.29
N SER C 223 -22.91 0.89 4.19
CA SER C 223 -21.93 -0.11 3.90
C SER C 223 -20.81 -0.09 4.93
N TYR C 224 -20.37 1.09 5.33
CA TYR C 224 -19.40 1.19 6.41
C TYR C 224 -19.93 0.59 7.74
N VAL C 225 -21.15 0.93 8.08
CA VAL C 225 -21.76 0.49 9.32
C VAL C 225 -21.87 -1.04 9.34
N LEU C 226 -22.24 -1.64 8.22
CA LEU C 226 -22.42 -3.10 8.13
C LEU C 226 -21.15 -3.91 8.00
N ASN C 227 -20.05 -3.28 7.66
CA ASN C 227 -18.82 -4.01 7.42
C ASN C 227 -17.62 -3.65 8.27
N SER C 228 -17.77 -2.75 9.20
CA SER C 228 -16.63 -2.29 9.97
C SER C 228 -16.86 -2.59 11.42
N ASP C 229 -15.88 -2.24 12.24
CA ASP C 229 -16.00 -2.24 13.72
C ASP C 229 -16.59 -0.97 14.34
N LEU C 230 -16.95 -0.02 13.49
CA LEU C 230 -17.61 1.22 13.89
C LEU C 230 -16.71 2.23 14.59
N SER C 231 -15.42 2.00 14.56
CA SER C 231 -14.50 2.87 15.33
C SER C 231 -14.41 4.29 14.76
N GLU C 232 -14.77 4.47 13.49
CA GLU C 232 -14.83 5.78 12.86
C GLU C 232 -16.26 6.23 12.51
N TYR C 233 -17.24 5.65 13.17
CA TYR C 233 -18.65 5.91 12.84
C TYR C 233 -19.04 7.37 12.97
N HIS C 234 -18.65 7.95 14.08
CA HIS C 234 -18.99 9.35 14.35
C HIS C 234 -18.43 10.26 13.24
N ASN C 235 -17.21 9.96 12.79
N ASN C 235 -17.22 9.95 12.80
CA ASN C 235 -16.54 10.76 11.75
CA ASN C 235 -16.56 10.75 11.79
C ASN C 235 -17.27 10.62 10.43
C ASN C 235 -17.26 10.62 10.44
N LYS C 236 -17.51 9.38 10.04
CA LYS C 236 -18.17 9.10 8.78
C LYS C 236 -19.61 9.60 8.78
N LEU C 237 -20.25 9.55 9.93
CA LEU C 237 -21.58 10.08 10.08
C LEU C 237 -21.61 11.60 9.86
N VAL C 238 -20.67 12.31 10.45
CA VAL C 238 -20.63 13.77 10.32
C VAL C 238 -20.36 14.19 8.86
N LYS C 239 -19.43 13.51 8.23
CA LYS C 239 -19.13 13.73 6.82
C LYS C 239 -20.37 13.48 5.98
N ALA C 240 -21.08 12.42 6.30
CA ALA C 240 -22.32 12.13 5.64
C ALA C 240 -23.41 13.22 5.82
N LEU C 241 -23.58 13.66 7.05
CA LEU C 241 -24.59 14.68 7.32
C LEU C 241 -24.26 16.01 6.63
N VAL C 242 -22.99 16.38 6.63
CA VAL C 242 -22.55 17.62 5.98
C VAL C 242 -22.74 17.48 4.47
N GLY C 243 -22.32 16.36 3.90
CA GLY C 243 -22.55 16.07 2.47
C GLY C 243 -24.02 16.24 2.08
N SER C 244 -24.89 15.74 2.94
CA SER C 244 -26.31 15.80 2.70
CA SER C 244 -26.33 15.80 2.71
C SER C 244 -26.83 17.23 2.68
N GLY C 245 -26.28 18.07 3.55
CA GLY C 245 -26.65 19.49 3.56
C GLY C 245 -26.19 20.19 2.31
N ILE C 246 -24.99 19.88 1.86
CA ILE C 246 -24.47 20.39 0.61
C ILE C 246 -25.39 19.99 -0.52
N ALA C 247 -25.80 18.71 -0.53
CA ALA C 247 -26.70 18.18 -1.58
C ALA C 247 -27.99 19.00 -1.62
N ILE C 248 -28.54 19.30 -0.45
CA ILE C 248 -29.75 20.13 -0.37
C ILE C 248 -29.49 21.51 -1.00
N ALA C 249 -28.33 22.09 -0.69
CA ALA C 249 -27.98 23.46 -1.18
C ALA C 249 -27.83 23.49 -2.71
N ILE C 250 -27.14 22.49 -3.21
CA ILE C 250 -26.86 22.37 -4.63
CA ILE C 250 -26.86 22.39 -4.66
C ILE C 250 -28.10 22.08 -5.49
N ALA C 251 -29.03 21.30 -4.95
CA ALA C 251 -30.28 20.96 -5.61
C ALA C 251 -31.32 22.02 -5.39
N ASN C 252 -31.04 22.93 -4.49
CA ASN C 252 -31.97 23.99 -4.14
C ASN C 252 -33.32 23.45 -3.69
N SER C 253 -33.24 22.33 -3.00
CA SER C 253 -34.40 21.59 -2.57
C SER C 253 -34.03 20.63 -1.46
N SER C 254 -34.93 20.36 -0.56
CA SER C 254 -34.78 19.28 0.41
C SER C 254 -35.04 17.88 -0.19
N ARG C 255 -35.45 17.83 -1.44
CA ARG C 255 -35.74 16.56 -2.14
C ARG C 255 -34.68 15.48 -1.99
N PRO C 256 -33.38 15.83 -2.12
CA PRO C 256 -32.43 14.74 -1.97
C PRO C 256 -32.27 14.16 -0.57
N ALA C 257 -32.89 14.81 0.41
CA ALA C 257 -32.66 14.42 1.80
C ALA C 257 -33.93 14.15 2.57
N SER C 258 -35.05 14.44 1.96
CA SER C 258 -36.32 14.39 2.66
C SER C 258 -37.46 13.95 1.68
N GLY C 259 -38.11 12.84 2.00
CA GLY C 259 -39.24 12.29 1.22
C GLY C 259 -40.33 11.74 2.13
N SER C 260 -40.92 10.62 1.71
CA SER C 260 -42.04 10.04 2.41
C SER C 260 -41.72 9.74 3.86
N GLU C 261 -40.50 9.29 4.10
CA GLU C 261 -40.07 8.94 5.44
C GLU C 261 -40.09 10.14 6.39
N HIS C 262 -39.76 11.31 5.86
CA HIS C 262 -39.90 12.55 6.63
C HIS C 262 -41.37 12.93 6.83
N LEU C 263 -42.18 12.73 5.81
CA LEU C 263 -43.60 12.97 5.92
C LEU C 263 -44.18 12.15 7.04
N PHE C 264 -43.79 10.89 7.09
CA PHE C 264 -44.18 10.01 8.19
C PHE C 264 -43.73 10.53 9.55
N SER C 265 -42.49 10.92 9.64
CA SER C 265 -41.98 11.52 10.87
C SER C 265 -42.80 12.77 11.29
N HIS C 266 -43.12 13.66 10.35
CA HIS C 266 -43.91 14.88 10.67
C HIS C 266 -45.29 14.52 11.13
N ALA C 267 -45.87 13.53 10.49
CA ALA C 267 -47.14 13.02 10.93
C ALA C 267 -47.09 12.54 12.38
N LEU C 268 -46.07 11.78 12.73
CA LEU C 268 -45.87 11.37 14.13
C LEU C 268 -45.84 12.59 15.05
N ASP C 269 -45.09 13.60 14.66
CA ASP C 269 -44.99 14.84 15.46
C ASP C 269 -46.36 15.49 15.63
N LYS C 270 -47.12 15.54 14.55
CA LYS C 270 -48.47 16.11 14.58
C LYS C 270 -49.34 15.35 15.55
N LEU C 271 -49.25 14.03 15.53
CA LEU C 271 -50.05 13.19 16.43
C LEU C 271 -49.62 13.23 17.91
N LYS C 272 -48.34 13.43 18.15
CA LYS C 272 -47.86 13.65 19.52
C LYS C 272 -48.57 14.85 20.10
N GLU C 273 -48.59 15.92 19.33
CA GLU C 273 -49.24 17.17 19.72
C GLU C 273 -50.75 16.98 19.93
N GLU C 274 -51.37 16.34 18.96
CA GLU C 274 -52.80 16.17 18.94
C GLU C 274 -53.30 15.30 20.11
N TYR C 275 -52.65 14.18 20.38
CA TYR C 275 -53.03 13.32 21.52
C TYR C 275 -52.30 13.70 22.81
N ASN C 276 -51.53 14.78 22.76
CA ASN C 276 -50.78 15.20 23.92
C ASN C 276 -49.97 14.07 24.55
N LEU C 277 -49.28 13.31 23.72
CA LEU C 277 -48.44 12.22 24.19
C LEU C 277 -47.14 12.79 24.71
N ASN C 278 -46.56 12.18 25.73
CA ASN C 278 -45.19 12.52 26.17
C ASN C 278 -44.22 11.42 25.78
N ILE C 279 -43.63 11.56 24.61
CA ILE C 279 -42.72 10.56 24.06
C ILE C 279 -41.46 11.27 23.65
N ASN C 280 -40.35 10.88 24.23
CA ASN C 280 -39.06 11.56 23.96
C ASN C 280 -38.35 11.14 22.64
N SER C 281 -39.10 10.80 21.60
CA SER C 281 -38.48 10.30 20.37
C SER C 281 -37.78 11.42 19.62
N LEU C 282 -36.63 11.09 19.04
CA LEU C 282 -35.84 12.02 18.24
C LEU C 282 -36.21 11.95 16.76
N HIS C 283 -36.00 13.05 16.07
CA HIS C 283 -36.28 13.22 14.67
C HIS C 283 -35.64 12.13 13.83
N GLY C 284 -34.37 11.94 14.02
CA GLY C 284 -33.60 10.96 13.27
C GLY C 284 -34.18 9.55 13.45
N GLU C 285 -34.63 9.25 14.68
CA GLU C 285 -35.16 7.92 15.05
C GLU C 285 -36.42 7.64 14.28
N GLN C 286 -37.30 8.63 14.27
CA GLN C 286 -38.54 8.53 13.54
C GLN C 286 -38.29 8.39 12.01
N CYS C 287 -37.38 9.21 11.47
CA CYS C 287 -37.00 9.12 10.04
C CYS C 287 -36.42 7.72 9.66
N GLY C 288 -35.63 7.14 10.56
CA GLY C 288 -35.08 5.82 10.34
C GLY C 288 -36.17 4.78 10.16
N ILE C 289 -37.12 4.78 11.08
CA ILE C 289 -38.22 3.82 11.05
C ILE C 289 -39.09 4.07 9.83
N GLY C 290 -39.31 5.33 9.55
CA GLY C 290 -40.00 5.74 8.31
C GLY C 290 -39.31 5.17 7.10
N THR C 291 -38.00 5.22 7.11
CA THR C 291 -37.22 4.79 5.95
C THR C 291 -37.34 3.26 5.73
N ILE C 292 -37.34 2.51 6.83
CA ILE C 292 -37.59 1.08 6.79
C ILE C 292 -38.84 0.78 6.00
N MET C 293 -39.92 1.44 6.37
CA MET C 293 -41.21 1.18 5.76
C MET C 293 -41.32 1.65 4.33
N MET C 294 -40.87 2.87 4.07
CA MET C 294 -40.96 3.44 2.73
C MET C 294 -40.03 2.74 1.74
N SER C 295 -38.88 2.30 2.22
CA SER C 295 -37.95 1.55 1.36
C SER C 295 -38.64 0.21 0.93
N TYR C 296 -39.40 -0.39 1.84
CA TYR C 296 -40.12 -1.61 1.55
C TYR C 296 -41.17 -1.37 0.47
N LEU C 297 -41.89 -0.26 0.56
CA LEU C 297 -42.86 0.10 -0.48
C LEU C 297 -42.18 0.17 -1.85
N HIS C 298 -41.03 0.81 -1.91
CA HIS C 298 -40.32 0.92 -3.18
C HIS C 298 -39.84 -0.45 -3.64
N GLU C 299 -39.42 -1.27 -2.70
CA GLU C 299 -39.02 -2.66 -2.99
C GLU C 299 -40.10 -3.49 -3.71
N LYS C 300 -41.31 -3.44 -3.18
CA LYS C 300 -42.47 -4.13 -3.78
C LYS C 300 -42.62 -3.86 -5.26
N GLU C 301 -42.37 -2.61 -5.66
CA GLU C 301 -42.55 -2.17 -7.03
C GLU C 301 -41.33 -2.34 -7.89
N ASN C 302 -40.20 -2.67 -7.30
CA ASN C 302 -38.96 -2.73 -8.05
C ASN C 302 -38.02 -3.78 -7.50
N LYS C 303 -38.03 -4.93 -8.15
CA LYS C 303 -37.28 -6.13 -7.73
C LYS C 303 -35.79 -5.90 -7.70
N LYS C 304 -35.30 -4.93 -8.44
CA LYS C 304 -33.88 -4.55 -8.40
C LYS C 304 -33.43 -4.11 -7.02
N LEU C 305 -34.36 -3.55 -6.27
CA LEU C 305 -34.09 -3.05 -4.93
C LEU C 305 -34.28 -4.13 -3.83
N SER C 306 -34.53 -5.36 -4.25
CA SER C 306 -34.79 -6.45 -3.33
C SER C 306 -33.74 -6.53 -2.24
N GLY C 307 -34.20 -6.56 -1.00
CA GLY C 307 -33.31 -6.60 0.17
C GLY C 307 -33.04 -5.25 0.85
N LEU C 308 -33.43 -4.17 0.16
CA LEU C 308 -33.04 -2.82 0.58
C LEU C 308 -33.52 -2.49 1.98
N HIS C 309 -34.78 -2.77 2.25
CA HIS C 309 -35.36 -2.40 3.53
C HIS C 309 -34.70 -3.14 4.64
N GLU C 310 -34.24 -4.33 4.32
CA GLU C 310 -33.62 -5.17 5.31
C GLU C 310 -32.25 -4.65 5.66
N LYS C 311 -31.55 -4.23 4.63
CA LYS C 311 -30.24 -3.65 4.77
C LYS C 311 -30.31 -2.37 5.63
N ILE C 312 -31.30 -1.55 5.37
CA ILE C 312 -31.47 -0.33 6.13
C ILE C 312 -31.76 -0.64 7.59
N LYS C 313 -32.70 -1.56 7.79
CA LYS C 313 -33.03 -2.03 9.15
C LYS C 313 -31.82 -2.52 9.90
N MET C 314 -31.04 -3.36 9.23
CA MET C 314 -29.84 -3.89 9.86
C MET C 314 -28.86 -2.78 10.22
N SER C 315 -28.69 -1.82 9.32
CA SER C 315 -27.76 -0.76 9.56
C SER C 315 -28.18 0.04 10.77
N LEU C 316 -29.47 0.27 10.89
CA LEU C 316 -29.96 0.99 12.05
C LEU C 316 -29.72 0.21 13.35
N LYS C 317 -30.02 -1.10 13.31
CA LYS C 317 -29.76 -2.00 14.47
C LYS C 317 -28.31 -2.01 14.86
N LYS C 318 -27.45 -2.08 13.86
CA LYS C 318 -26.04 -2.10 14.13
C LYS C 318 -25.55 -0.87 14.97
N VAL C 319 -26.16 0.30 14.80
CA VAL C 319 -25.70 1.48 15.57
C VAL C 319 -26.62 1.78 16.73
N ASP C 320 -27.55 0.86 16.97
CA ASP C 320 -28.48 0.95 18.11
C ASP C 320 -29.59 1.96 17.97
N ALA C 321 -29.94 2.29 16.75
CA ALA C 321 -31.08 3.15 16.51
C ALA C 321 -32.35 2.27 16.60
N PRO C 322 -33.47 2.85 17.04
CA PRO C 322 -34.66 2.01 17.08
C PRO C 322 -35.20 1.60 15.70
N THR C 323 -35.76 0.40 15.62
CA THR C 323 -36.39 -0.10 14.41
C THR C 323 -37.86 -0.51 14.57
N THR C 324 -38.40 -0.42 15.77
CA THR C 324 -39.82 -0.75 16.01
C THR C 324 -40.51 0.35 16.75
N ALA C 325 -41.82 0.35 16.61
CA ALA C 325 -42.69 1.29 17.29
C ALA C 325 -42.50 1.20 18.84
N LYS C 326 -42.37 -0.01 19.33
CA LYS C 326 -42.21 -0.22 20.75
C LYS C 326 -40.91 0.43 21.24
N GLU C 327 -39.82 0.23 20.51
CA GLU C 327 -38.55 0.82 20.94
C GLU C 327 -38.63 2.33 20.90
N LEU C 328 -39.37 2.81 19.92
CA LEU C 328 -39.48 4.25 19.67
C LEU C 328 -40.40 4.93 20.68
N GLY C 329 -41.29 4.15 21.30
CA GLY C 329 -42.19 4.63 22.37
C GLY C 329 -43.66 4.78 21.97
N PHE C 330 -44.04 4.25 20.82
CA PHE C 330 -45.40 4.43 20.29
C PHE C 330 -46.24 3.18 20.25
N ASP C 331 -47.54 3.39 20.48
CA ASP C 331 -48.60 2.42 20.25
C ASP C 331 -48.73 2.17 18.77
N GLU C 332 -49.02 0.94 18.39
CA GLU C 332 -49.21 0.65 16.99
C GLU C 332 -50.25 1.47 16.25
N ASP C 333 -51.27 1.92 16.93
CA ASP C 333 -52.32 2.68 16.26
C ASP C 333 -51.81 4.03 15.78
N ILE C 334 -50.89 4.61 16.53
CA ILE C 334 -50.29 5.89 16.16
C ILE C 334 -49.45 5.74 14.88
N ILE C 335 -48.64 4.68 14.84
CA ILE C 335 -47.85 4.39 13.66
C ILE C 335 -48.75 4.34 12.45
N ILE C 336 -49.82 3.57 12.58
CA ILE C 336 -50.74 3.31 11.47
C ILE C 336 -51.41 4.61 11.04
N GLU C 337 -51.87 5.36 12.02
CA GLU C 337 -52.50 6.65 11.68
C GLU C 337 -51.54 7.60 11.00
N ALA C 338 -50.32 7.63 11.50
CA ALA C 338 -49.27 8.47 10.90
C ALA C 338 -49.06 8.08 9.44
N LEU C 339 -49.04 6.80 9.17
CA LEU C 339 -48.84 6.31 7.79
C LEU C 339 -49.96 6.77 6.84
N THR C 340 -51.21 6.71 7.33
CA THR C 340 -52.38 7.03 6.49
C THR C 340 -52.48 8.53 6.24
N MET C 341 -51.89 9.31 7.12
CA MET C 341 -51.94 10.77 6.94
C MET C 341 -50.68 11.40 6.30
N ALA C 342 -49.61 10.62 6.17
CA ALA C 342 -48.29 11.13 5.79
C ALA C 342 -48.31 11.88 4.43
N HIS C 343 -48.99 11.33 3.47
CA HIS C 343 -49.05 11.90 2.13
C HIS C 343 -49.69 13.33 2.10
N LYS C 344 -50.46 13.65 3.13
CA LYS C 344 -51.17 14.95 3.24
C LYS C 344 -50.37 16.01 3.95
N ILE C 345 -49.30 15.59 4.61
CA ILE C 345 -48.49 16.52 5.41
C ILE C 345 -47.90 17.64 4.56
N ARG C 346 -47.60 17.33 3.31
CA ARG C 346 -47.01 18.30 2.42
C ARG C 346 -47.35 17.89 1.01
N ASN C 347 -47.48 18.87 0.14
CA ASN C 347 -47.75 18.60 -1.26
C ASN C 347 -46.47 18.14 -1.94
N ARG C 348 -46.21 16.84 -1.86
CA ARG C 348 -45.00 16.31 -2.44
C ARG C 348 -45.23 14.86 -2.79
N TRP C 349 -45.19 14.56 -4.08
CA TRP C 349 -45.44 13.21 -4.55
C TRP C 349 -44.34 12.27 -4.07
N THR C 350 -44.75 11.16 -3.51
CA THR C 350 -43.88 10.08 -3.09
C THR C 350 -44.51 8.74 -3.39
N ILE C 351 -43.77 7.68 -3.05
CA ILE C 351 -44.25 6.30 -3.14
C ILE C 351 -45.61 6.11 -2.41
N LEU C 352 -45.90 6.94 -1.41
CA LEU C 352 -47.25 6.97 -0.84
C LEU C 352 -48.38 7.34 -1.84
N ARG C 353 -48.02 8.02 -2.89
CA ARG C 353 -48.99 8.51 -3.86
C ARG C 353 -50.21 9.14 -3.23
N ASP C 354 -51.41 8.70 -3.56
CA ASP C 354 -52.62 9.36 -3.00
C ASP C 354 -53.00 8.86 -1.64
N GLY C 355 -52.18 8.00 -1.06
CA GLY C 355 -52.32 7.68 0.34
C GLY C 355 -52.55 6.20 0.59
N LEU C 356 -52.14 5.78 1.77
CA LEU C 356 -52.35 4.41 2.21
C LEU C 356 -53.67 4.30 2.94
N SER C 357 -54.38 3.22 2.65
CA SER C 357 -55.51 2.85 3.48
C SER C 357 -55.01 2.40 4.85
N ARG C 358 -55.90 2.41 5.83
CA ARG C 358 -55.56 1.94 7.15
C ARG C 358 -55.13 0.49 7.11
N GLU C 359 -55.71 -0.29 6.21
CA GLU C 359 -55.43 -1.72 6.12
C GLU C 359 -54.02 -1.89 5.53
N GLU C 360 -53.75 -1.15 4.46
CA GLU C 360 -52.43 -1.13 3.83
C GLU C 360 -51.33 -0.67 4.82
N ALA C 361 -51.66 0.32 5.62
CA ALA C 361 -50.72 0.85 6.60
C ALA C 361 -50.33 -0.18 7.61
N ARG C 362 -51.35 -0.89 8.10
CA ARG C 362 -51.14 -1.96 9.09
C ARG C 362 -50.29 -3.05 8.50
N LYS C 363 -50.63 -3.45 7.29
CA LYS C 363 -49.87 -4.51 6.61
C LYS C 363 -48.40 -4.14 6.45
N LEU C 364 -48.17 -2.93 5.98
CA LEU C 364 -46.83 -2.42 5.78
C LEU C 364 -46.03 -2.46 7.07
N ALA C 365 -46.61 -1.86 8.12
CA ALA C 365 -45.96 -1.82 9.43
C ALA C 365 -45.75 -3.24 10.01
N GLU C 366 -46.69 -4.12 9.72
CA GLU C 366 -46.56 -5.55 10.11
C GLU C 366 -45.43 -6.27 9.33
N GLU C 367 -45.48 -6.16 8.03
CA GLU C 367 -44.51 -6.82 7.15
C GLU C 367 -43.07 -6.41 7.38
N THR C 368 -42.87 -5.21 7.89
CA THR C 368 -41.49 -4.64 8.10
C THR C 368 -41.01 -4.81 9.52
N GLY C 369 -41.87 -5.38 10.33
CA GLY C 369 -41.55 -5.60 11.73
C GLY C 369 -41.61 -4.36 12.61
N VAL C 370 -42.22 -3.30 12.13
CA VAL C 370 -42.27 -2.05 12.92
C VAL C 370 -43.30 -2.21 14.04
N ILE C 371 -44.35 -2.96 13.72
CA ILE C 371 -45.29 -3.45 14.72
C ILE C 371 -45.50 -4.96 14.59
N ILE D 38 -9.72 20.71 5.54
CA ILE D 38 -10.52 21.93 5.18
C ILE D 38 -10.94 21.99 3.67
N ILE D 39 -12.24 22.13 3.44
CA ILE D 39 -12.76 22.16 2.08
C ILE D 39 -13.27 23.56 1.77
N VAL D 40 -12.79 24.11 0.67
CA VAL D 40 -13.15 25.44 0.27
C VAL D 40 -14.00 25.34 -0.95
N THR D 41 -15.23 25.84 -0.84
CA THR D 41 -16.14 25.87 -1.94
C THR D 41 -16.62 27.28 -2.27
N PRO D 42 -17.25 27.46 -3.45
CA PRO D 42 -17.88 28.73 -3.68
C PRO D 42 -18.98 29.02 -2.68
N ARG D 43 -19.18 30.30 -2.46
CA ARG D 43 -20.28 30.75 -1.59
C ARG D 43 -21.54 30.97 -2.43
N TYR D 44 -21.38 31.64 -3.55
CA TYR D 44 -22.47 32.00 -4.42
C TYR D 44 -22.25 31.52 -5.81
N THR D 45 -23.28 30.93 -6.35
CA THR D 45 -23.28 30.42 -7.70
C THR D 45 -24.55 30.84 -8.40
N ILE D 46 -24.38 31.57 -9.50
CA ILE D 46 -25.50 32.12 -10.28
C ILE D 46 -25.33 31.72 -11.73
N ILE D 47 -26.32 31.04 -12.24
CA ILE D 47 -26.29 30.57 -13.60
C ILE D 47 -27.61 30.90 -14.26
N GLU D 48 -27.63 31.98 -15.00
CA GLU D 48 -28.84 32.48 -15.63
C GLU D 48 -28.63 33.63 -16.56
N ASP D 49 -29.66 33.93 -17.35
CA ASP D 49 -29.59 34.99 -18.36
C ASP D 49 -29.52 36.31 -17.62
N GLY D 50 -28.60 37.17 -18.04
CA GLY D 50 -28.39 38.49 -17.39
C GLY D 50 -27.62 38.45 -16.07
N ALA D 51 -27.04 37.31 -15.72
CA ALA D 51 -26.34 37.17 -14.42
C ALA D 51 -25.23 38.21 -14.25
N ILE D 52 -24.65 38.67 -15.35
CA ILE D 52 -23.54 39.60 -15.28
C ILE D 52 -23.93 40.85 -14.50
N ASN D 53 -25.21 41.21 -14.54
CA ASN D 53 -25.72 42.36 -13.81
C ASN D 53 -25.81 42.22 -12.31
N LYS D 54 -25.53 41.01 -11.82
CA LYS D 54 -25.55 40.72 -10.38
C LYS D 54 -24.20 40.90 -9.69
N ILE D 55 -23.17 41.30 -10.41
CA ILE D 55 -21.86 41.46 -9.81
C ILE D 55 -21.93 42.35 -8.54
N GLU D 56 -22.55 43.51 -8.68
CA GLU D 56 -22.61 44.49 -7.58
C GLU D 56 -23.34 43.92 -6.37
N GLU D 57 -24.42 43.25 -6.66
CA GLU D 57 -25.20 42.60 -5.65
C GLU D 57 -24.34 41.59 -4.88
N ILE D 58 -23.56 40.79 -5.58
CA ILE D 58 -22.75 39.74 -4.98
C ILE D 58 -21.62 40.35 -4.15
N LEU D 59 -20.92 41.34 -4.71
CA LEU D 59 -19.86 42.04 -3.97
C LEU D 59 -20.37 42.62 -2.68
N LYS D 60 -21.58 43.16 -2.72
CA LYS D 60 -22.18 43.74 -1.54
C LYS D 60 -22.44 42.69 -0.47
N LYS D 61 -23.02 41.58 -0.87
CA LYS D 61 -23.24 40.46 0.02
C LYS D 61 -21.98 39.93 0.62
N LEU D 62 -20.90 39.94 -0.14
CA LEU D 62 -19.60 39.48 0.38
C LEU D 62 -18.81 40.57 1.08
N ASN D 63 -19.40 41.76 1.25
CA ASN D 63 -18.71 42.91 1.85
C ASN D 63 -17.37 43.13 1.18
N LEU D 64 -17.42 43.19 -0.14
CA LEU D 64 -16.26 43.47 -0.93
C LEU D 64 -16.52 44.74 -1.73
N LYS D 65 -15.51 45.58 -1.84
CA LYS D 65 -15.69 47.02 -2.21
C LYS D 65 -14.85 47.51 -3.35
N ASN D 66 -13.77 46.82 -3.60
CA ASN D 66 -12.79 47.34 -4.48
C ASN D 66 -12.16 46.30 -5.38
N PRO D 67 -12.95 45.83 -6.38
CA PRO D 67 -12.34 44.76 -7.17
C PRO D 67 -11.38 45.21 -8.24
N LEU D 68 -10.45 44.34 -8.58
CA LEU D 68 -9.68 44.47 -9.79
C LEU D 68 -10.25 43.49 -10.82
N VAL D 69 -10.59 43.98 -12.00
CA VAL D 69 -11.13 43.16 -13.05
C VAL D 69 -10.01 42.74 -14.00
N ILE D 70 -9.95 41.44 -14.28
CA ILE D 70 -9.03 40.88 -15.25
C ILE D 70 -9.82 40.31 -16.41
N THR D 71 -9.49 40.74 -17.63
CA THR D 71 -10.24 40.32 -18.79
C THR D 71 -9.34 40.18 -20.04
N GLY D 72 -9.97 39.84 -21.16
CA GLY D 72 -9.32 39.76 -22.45
C GLY D 72 -9.84 40.82 -23.41
N LYS D 73 -9.10 41.00 -24.51
CA LYS D 73 -9.42 42.05 -25.50
C LYS D 73 -10.71 41.73 -26.22
N ASN D 74 -10.97 40.45 -26.47
CA ASN D 74 -12.24 40.05 -27.09
C ASN D 74 -13.45 39.97 -26.14
N THR D 75 -13.19 40.05 -24.86
CA THR D 75 -14.27 39.94 -23.88
C THR D 75 -14.50 41.21 -23.06
N LYS D 76 -13.65 42.19 -23.27
CA LYS D 76 -13.78 43.49 -22.60
C LYS D 76 -15.16 44.15 -22.82
N LYS D 77 -15.73 43.90 -23.99
CA LYS D 77 -17.07 44.41 -24.30
C LYS D 77 -18.14 44.03 -23.28
N TYR D 78 -17.92 42.96 -22.51
CA TYR D 78 -18.89 42.53 -21.50
C TYR D 78 -18.65 43.12 -20.12
N CYS D 79 -17.58 43.89 -19.98
CA CYS D 79 -17.27 44.55 -18.73
C CYS D 79 -17.96 45.88 -18.68
N ARG D 80 -19.23 45.88 -18.31
CA ARG D 80 -20.01 47.11 -18.25
C ARG D 80 -20.10 47.58 -16.80
N PHE D 81 -19.04 48.18 -16.32
CA PHE D 81 -18.99 48.73 -14.99
C PHE D 81 -17.78 49.65 -14.93
N PHE D 82 -17.59 50.29 -13.79
CA PHE D 82 -16.55 51.29 -13.68
C PHE D 82 -15.37 50.84 -12.84
N TYR D 83 -15.24 49.52 -12.64
CA TYR D 83 -14.09 48.97 -11.85
C TYR D 83 -12.82 49.09 -12.66
N ASP D 84 -11.67 49.08 -11.98
CA ASP D 84 -10.41 49.02 -12.71
C ASP D 84 -10.31 47.74 -13.49
N ILE D 85 -9.71 47.83 -14.66
CA ILE D 85 -9.60 46.70 -15.58
C ILE D 85 -8.21 46.53 -16.12
N VAL D 86 -7.76 45.29 -16.15
CA VAL D 86 -6.45 44.92 -16.65
C VAL D 86 -6.62 43.73 -17.56
N TYR D 87 -5.81 43.68 -18.62
CA TYR D 87 -5.79 42.52 -19.53
C TYR D 87 -4.85 41.44 -19.04
N TYR D 88 -5.22 40.18 -19.22
CA TYR D 88 -4.39 39.11 -18.68
C TYR D 88 -3.08 39.01 -19.43
N ASP D 89 -3.16 39.27 -20.73
CA ASP D 89 -2.05 39.24 -21.68
C ASP D 89 -1.07 40.33 -21.40
N GLU D 90 -1.33 41.23 -20.43
CA GLU D 90 -0.34 42.19 -19.94
C GLU D 90 0.37 41.72 -18.65
N ILE D 91 -0.38 41.37 -17.61
CA ILE D 91 0.22 40.91 -16.35
C ILE D 91 0.95 39.53 -16.48
N LEU D 92 0.68 38.79 -17.55
CA LEU D 92 1.16 37.41 -17.67
C LEU D 92 2.66 37.29 -17.95
N ASN D 93 3.24 38.35 -18.49
CA ASN D 93 4.69 38.36 -18.70
C ASN D 93 5.45 38.82 -17.49
N ASN D 94 4.86 39.74 -16.75
CA ASN D 94 5.58 40.39 -15.67
C ASN D 94 4.82 40.40 -14.38
N LEU D 95 4.61 39.23 -13.82
CA LEU D 95 3.81 39.10 -12.61
C LEU D 95 4.38 39.72 -11.31
N GLU D 96 5.28 39.01 -10.63
CA GLU D 96 5.63 39.38 -9.25
C GLU D 96 6.49 40.64 -9.27
N LEU D 99 3.53 44.16 -8.25
CA LEU D 99 2.74 43.32 -7.37
C LEU D 99 2.13 44.11 -6.22
N LYS D 100 2.93 44.94 -5.53
CA LYS D 100 2.37 45.91 -4.53
C LYS D 100 1.57 46.98 -5.28
N LYS D 101 1.65 46.89 -6.60
CA LYS D 101 0.76 47.60 -7.50
C LYS D 101 -0.71 47.28 -7.27
N TYR D 102 -0.99 46.21 -6.53
CA TYR D 102 -2.34 45.70 -6.39
C TYR D 102 -2.82 45.68 -4.96
N THR D 103 -2.03 46.27 -4.09
CA THR D 103 -2.22 46.16 -2.66
C THR D 103 -3.58 46.61 -2.21
N ALA D 104 -4.14 47.58 -2.90
CA ALA D 104 -5.42 48.18 -2.51
C ALA D 104 -6.68 47.31 -2.77
N TYR D 105 -6.67 46.45 -3.78
CA TYR D 105 -7.88 45.70 -4.17
C TYR D 105 -8.26 44.68 -3.10
N ASP D 106 -9.55 44.52 -2.83
CA ASP D 106 -9.96 43.53 -1.83
C ASP D 106 -10.46 42.24 -2.52
N CYS D 107 -10.46 42.23 -3.84
CA CYS D 107 -10.78 41.03 -4.59
C CYS D 107 -10.44 41.18 -6.08
N VAL D 108 -10.52 40.05 -6.77
CA VAL D 108 -10.28 39.99 -8.18
C VAL D 108 -11.49 39.39 -8.87
N ILE D 109 -11.88 39.99 -9.99
CA ILE D 109 -12.96 39.46 -10.79
C ILE D 109 -12.40 39.09 -12.14
N GLY D 110 -12.49 37.82 -12.47
CA GLY D 110 -12.06 37.34 -13.77
C GLY D 110 -13.24 37.24 -14.71
N ILE D 111 -13.16 37.98 -15.81
CA ILE D 111 -14.24 38.00 -16.79
C ILE D 111 -13.74 37.58 -18.17
N GLY D 112 -14.28 36.48 -18.63
CA GLY D 112 -14.00 36.05 -19.98
C GLY D 112 -13.83 34.58 -20.14
N GLY D 113 -12.84 34.23 -20.93
CA GLY D 113 -12.53 32.83 -21.23
C GLY D 113 -11.60 32.22 -20.19
N GLY D 114 -11.18 31.00 -20.48
CA GLY D 114 -10.37 30.21 -19.52
C GLY D 114 -9.15 30.94 -19.00
N ARG D 115 -8.50 31.66 -19.87
CA ARG D 115 -7.28 32.37 -19.53
C ARG D 115 -7.48 33.59 -18.65
N SER D 116 -8.54 34.32 -18.92
CA SER D 116 -8.90 35.45 -18.05
C SER D 116 -9.13 34.95 -16.62
N ILE D 117 -9.86 33.86 -16.54
CA ILE D 117 -10.28 33.28 -15.27
C ILE D 117 -9.09 32.69 -14.52
N ASP D 118 -8.31 31.93 -15.23
CA ASP D 118 -7.12 31.31 -14.69
C ASP D 118 -6.13 32.35 -14.19
N THR D 119 -5.96 33.40 -14.97
CA THR D 119 -5.06 34.50 -14.59
C THR D 119 -5.54 35.25 -13.34
N GLY D 120 -6.83 35.59 -13.33
CA GLY D 120 -7.43 36.27 -12.16
C GLY D 120 -7.37 35.42 -10.90
N LYS D 121 -7.65 34.13 -11.07
CA LYS D 121 -7.57 33.18 -9.97
C LYS D 121 -6.18 33.14 -9.38
N TYR D 122 -5.18 33.09 -10.25
CA TYR D 122 -3.78 33.08 -9.82
C TYR D 122 -3.40 34.37 -9.09
N LEU D 123 -3.77 35.47 -9.72
CA LEU D 123 -3.54 36.80 -9.12
C LEU D 123 -4.18 36.94 -7.74
N ALA D 124 -5.43 36.53 -7.61
CA ALA D 124 -6.13 36.55 -6.30
C ALA D 124 -5.38 35.75 -5.25
N TYR D 125 -4.90 34.60 -5.66
CA TYR D 125 -4.14 33.74 -4.78
C TYR D 125 -2.86 34.42 -4.33
N LYS D 126 -2.18 35.01 -5.27
CA LYS D 126 -0.96 35.71 -4.95
C LYS D 126 -1.17 36.83 -3.97
N LEU D 127 -2.26 37.56 -4.13
CA LEU D 127 -2.60 38.70 -3.28
C LEU D 127 -3.28 38.35 -1.98
N GLY D 128 -3.61 37.07 -1.78
CA GLY D 128 -4.40 36.62 -0.64
C GLY D 128 -5.83 37.15 -0.54
N ILE D 129 -6.49 37.35 -1.69
CA ILE D 129 -7.86 37.92 -1.69
C ILE D 129 -8.85 37.05 -2.47
N PRO D 130 -10.15 37.21 -2.24
CA PRO D 130 -11.10 36.35 -2.95
C PRO D 130 -11.18 36.58 -4.44
N PHE D 131 -11.54 35.54 -5.16
CA PHE D 131 -11.67 35.56 -6.61
C PHE D 131 -13.10 35.28 -7.02
N ILE D 132 -13.61 36.16 -7.87
CA ILE D 132 -14.92 35.98 -8.45
C ILE D 132 -14.78 35.61 -9.92
N SER D 133 -15.46 34.52 -10.28
CA SER D 133 -15.37 33.99 -11.61
C SER D 133 -16.59 34.31 -12.44
N VAL D 134 -16.34 34.97 -13.57
CA VAL D 134 -17.39 35.46 -14.45
C VAL D 134 -17.15 34.98 -15.91
N PRO D 135 -17.48 33.70 -16.19
CA PRO D 135 -17.19 33.19 -17.51
C PRO D 135 -18.09 33.73 -18.60
N THR D 136 -17.49 34.10 -19.73
CA THR D 136 -18.26 34.52 -20.92
C THR D 136 -18.37 33.40 -21.96
N THR D 137 -17.83 32.24 -21.62
CA THR D 137 -18.09 31.02 -22.39
C THR D 137 -18.08 29.78 -21.47
N ALA D 138 -18.24 28.62 -22.06
CA ALA D 138 -18.35 27.37 -21.33
C ALA D 138 -17.37 26.38 -21.99
N SER D 139 -16.08 26.68 -21.87
CA SER D 139 -15.06 25.97 -22.61
C SER D 139 -14.24 24.98 -21.81
N ASN D 140 -14.27 25.12 -20.50
CA ASN D 140 -13.67 24.18 -19.60
C ASN D 140 -14.12 24.31 -18.17
N ASP D 141 -13.59 23.45 -17.33
CA ASP D 141 -13.99 23.37 -15.94
C ASP D 141 -13.15 24.20 -15.00
N GLY D 142 -12.34 25.10 -15.54
CA GLY D 142 -11.63 26.10 -14.73
C GLY D 142 -12.60 27.12 -14.09
N ILE D 143 -13.80 27.19 -14.60
CA ILE D 143 -14.76 28.19 -14.20
C ILE D 143 -14.98 28.25 -12.71
N ALA D 144 -15.19 27.08 -12.10
CA ALA D 144 -15.49 26.98 -10.67
C ALA D 144 -14.48 26.16 -9.89
N SER D 145 -13.40 25.78 -10.53
CA SER D 145 -12.47 24.89 -9.91
C SER D 145 -11.41 25.60 -9.10
N PRO D 146 -10.86 24.90 -8.11
CA PRO D 146 -9.75 25.42 -7.38
C PRO D 146 -8.41 25.20 -8.08
N ILE D 147 -8.41 24.88 -9.34
CA ILE D 147 -7.17 24.64 -10.04
C ILE D 147 -6.67 25.86 -10.81
N VAL D 148 -5.41 26.16 -10.61
CA VAL D 148 -4.73 27.14 -11.42
C VAL D 148 -3.83 26.43 -12.41
N SER D 149 -3.99 26.77 -13.68
CA SER D 149 -3.22 26.21 -14.79
C SER D 149 -2.44 27.27 -15.57
N ILE D 150 -1.86 28.21 -14.86
CA ILE D 150 -1.20 29.37 -15.45
C ILE D 150 0.05 28.91 -16.21
N GLN D 152 1.92 24.82 -16.16
CA GLN D 152 2.16 23.48 -15.57
C GLN D 152 3.50 23.34 -14.85
N PRO D 153 3.53 22.60 -13.74
CA PRO D 153 2.39 21.83 -13.29
C PRO D 153 1.34 22.72 -12.60
N SER D 154 0.10 22.37 -12.84
CA SER D 154 -0.99 23.10 -12.25
C SER D 154 -1.09 22.78 -10.75
N PHE D 155 -1.62 23.72 -9.98
CA PHE D 155 -1.74 23.54 -8.52
C PHE D 155 -3.09 23.98 -8.01
N MET D 156 -3.33 23.65 -6.75
CA MET D 156 -4.60 23.90 -6.10
C MET D 156 -4.54 25.21 -5.34
N VAL D 157 -5.63 25.96 -5.44
CA VAL D 157 -5.83 27.18 -4.66
C VAL D 157 -7.23 27.08 -4.09
N ASP D 158 -7.82 28.20 -3.68
CA ASP D 158 -9.21 28.20 -3.25
C ASP D 158 -10.12 28.16 -4.46
N ALA D 159 -11.23 27.46 -4.36
CA ALA D 159 -12.34 27.65 -5.28
C ALA D 159 -12.76 29.11 -5.28
N PRO D 160 -13.22 29.59 -6.44
CA PRO D 160 -13.68 30.95 -6.41
C PRO D 160 -14.79 31.15 -5.37
N ILE D 161 -14.82 32.34 -4.78
CA ILE D 161 -15.83 32.67 -3.80
C ILE D 161 -17.20 32.87 -4.40
N ALA D 162 -17.23 33.25 -5.67
CA ALA D 162 -18.49 33.33 -6.43
C ALA D 162 -18.31 32.97 -7.88
N ILE D 163 -19.37 32.38 -8.45
CA ILE D 163 -19.46 32.03 -9.82
C ILE D 163 -20.67 32.72 -10.38
N ILE D 164 -20.45 33.57 -11.36
CA ILE D 164 -21.50 34.36 -11.97
C ILE D 164 -21.47 34.10 -13.47
N ALA D 165 -22.34 33.20 -13.90
CA ALA D 165 -22.35 32.67 -15.25
C ALA D 165 -23.60 33.14 -16.02
N ASP D 166 -23.39 34.13 -16.85
CA ASP D 166 -24.47 34.72 -17.61
C ASP D 166 -24.71 33.85 -18.84
N THR D 167 -25.78 33.07 -18.80
CA THR D 167 -26.03 32.15 -19.93
C THR D 167 -26.46 32.82 -21.26
N GLU D 168 -26.89 34.07 -21.19
CA GLU D 168 -27.18 34.90 -22.38
C GLU D 168 -25.90 35.26 -23.08
N ILE D 169 -24.91 35.66 -22.31
CA ILE D 169 -23.60 35.89 -22.89
C ILE D 169 -22.98 34.60 -23.41
N ILE D 170 -23.06 33.56 -22.61
CA ILE D 170 -22.42 32.28 -22.94
C ILE D 170 -23.01 31.65 -24.20
N LYS D 171 -24.30 31.80 -24.36
CA LYS D 171 -25.01 31.26 -25.50
C LYS D 171 -24.45 31.83 -26.82
N LYS D 172 -24.01 33.07 -26.77
CA LYS D 172 -23.58 33.79 -27.94
C LYS D 172 -22.11 33.65 -28.17
N SER D 173 -21.39 32.93 -27.32
CA SER D 173 -19.96 32.77 -27.51
C SER D 173 -19.66 31.94 -28.76
N PRO D 174 -18.47 32.05 -29.33
CA PRO D 174 -18.13 31.21 -30.48
C PRO D 174 -18.42 29.71 -30.25
N ARG D 175 -19.14 29.13 -31.19
CA ARG D 175 -19.67 27.78 -31.06
C ARG D 175 -18.55 26.77 -30.77
N ARG D 176 -17.39 26.99 -31.33
CA ARG D 176 -16.26 26.10 -31.14
C ARG D 176 -15.88 25.93 -29.66
N LEU D 177 -15.99 27.00 -28.90
CA LEU D 177 -15.72 26.98 -27.44
C LEU D 177 -16.76 26.17 -26.67
N LEU D 178 -18.01 26.28 -27.07
CA LEU D 178 -19.06 25.47 -26.48
C LEU D 178 -18.94 23.98 -26.80
N SER D 179 -18.46 23.70 -27.99
CA SER D 179 -18.22 22.32 -28.42
C SER D 179 -17.06 21.73 -27.64
N ALA D 180 -16.03 22.55 -27.44
CA ALA D 180 -14.88 22.16 -26.63
C ALA D 180 -15.24 21.81 -25.18
N GLY D 181 -16.18 22.55 -24.62
CA GLY D 181 -16.57 22.32 -23.24
C GLY D 181 -17.00 20.90 -23.02
N MET D 182 -17.63 20.31 -24.02
CA MET D 182 -18.09 18.92 -23.93
C MET D 182 -16.89 18.00 -23.66
N GLY D 183 -15.77 18.33 -24.26
CA GLY D 183 -14.54 17.57 -24.12
C GLY D 183 -14.05 17.52 -22.70
N ASP D 184 -14.16 18.65 -22.02
CA ASP D 184 -13.77 18.77 -20.63
C ASP D 184 -14.72 17.95 -19.75
N ILE D 185 -16.01 18.00 -20.08
CA ILE D 185 -16.98 17.20 -19.32
C ILE D 185 -16.85 15.68 -19.46
N VAL D 186 -16.76 15.17 -20.68
CA VAL D 186 -16.69 13.71 -20.83
C VAL D 186 -15.43 13.13 -20.19
N SER D 187 -14.39 13.92 -20.12
CA SER D 187 -13.17 13.50 -19.48
C SER D 187 -13.33 13.08 -18.01
N ASN D 188 -14.39 13.54 -17.35
CA ASN D 188 -14.65 13.12 -15.98
C ASN D 188 -14.76 11.60 -15.93
N ILE D 189 -15.29 11.01 -17.01
CA ILE D 189 -15.54 9.58 -17.01
C ILE D 189 -14.25 8.80 -16.89
N THR D 190 -13.30 9.13 -17.74
CA THR D 190 -12.02 8.46 -17.68
C THR D 190 -11.24 8.87 -16.43
N ALA D 191 -11.44 10.10 -16.00
CA ALA D 191 -10.72 10.61 -14.81
C ALA D 191 -11.14 9.76 -13.61
N VAL D 192 -12.43 9.53 -13.50
CA VAL D 192 -12.96 8.70 -12.44
C VAL D 192 -12.56 7.22 -12.60
N LEU D 193 -12.60 6.69 -13.81
CA LEU D 193 -12.06 5.32 -14.04
C LEU D 193 -10.60 5.16 -13.63
N ASP D 194 -9.80 6.17 -13.99
CA ASP D 194 -8.38 6.18 -13.61
C ASP D 194 -8.17 6.31 -12.07
N TRP D 195 -9.04 7.08 -11.43
CA TRP D 195 -8.98 7.30 -9.99
C TRP D 195 -9.24 6.01 -9.24
N LYS D 196 -10.33 5.34 -9.60
CA LYS D 196 -10.66 4.02 -9.11
C LYS D 196 -9.51 3.03 -9.30
N LEU D 197 -8.90 3.07 -10.48
CA LEU D 197 -7.76 2.21 -10.77
C LEU D 197 -6.55 2.48 -9.85
N ALA D 198 -6.26 3.75 -9.63
CA ALA D 198 -5.16 4.14 -8.76
C ALA D 198 -5.46 3.76 -7.32
N TYR D 199 -6.72 3.82 -6.94
CA TYR D 199 -7.11 3.37 -5.63
C TYR D 199 -6.86 1.85 -5.48
N LYS D 200 -7.34 1.11 -6.44
CA LYS D 200 -7.23 -0.35 -6.46
C LYS D 200 -5.76 -0.80 -6.47
N GLU D 201 -4.96 -0.22 -7.35
CA GLU D 201 -3.61 -0.73 -7.67
C GLU D 201 -2.50 -0.10 -6.88
N LYS D 202 -2.75 1.08 -6.33
CA LYS D 202 -1.71 1.77 -5.57
C LYS D 202 -2.22 2.31 -4.24
N GLY D 203 -3.43 1.94 -3.85
CA GLY D 203 -4.03 2.42 -2.60
C GLY D 203 -4.15 3.93 -2.47
N GLU D 204 -4.29 4.62 -3.59
CA GLU D 204 -4.45 6.07 -3.54
C GLU D 204 -5.83 6.47 -2.93
N LYS D 205 -5.84 7.58 -2.24
CA LYS D 205 -6.99 8.05 -1.53
C LYS D 205 -8.11 8.31 -2.52
N TYR D 206 -9.30 7.88 -2.16
CA TYR D 206 -10.42 7.84 -3.04
C TYR D 206 -11.72 8.16 -2.29
N SER D 207 -12.60 8.86 -2.96
CA SER D 207 -13.92 9.15 -2.44
C SER D 207 -14.99 8.69 -3.41
N GLU D 208 -15.79 7.73 -3.00
CA GLU D 208 -16.84 7.20 -3.86
C GLU D 208 -17.91 8.23 -4.19
N SER D 209 -18.26 9.04 -3.20
CA SER D 209 -19.35 9.98 -3.42
C SER D 209 -18.92 11.14 -4.36
N SER D 210 -17.69 11.58 -4.27
CA SER D 210 -17.20 12.59 -5.20
C SER D 210 -17.13 12.06 -6.62
N ALA D 211 -16.62 10.84 -6.72
CA ALA D 211 -16.35 10.19 -7.99
C ALA D 211 -17.66 9.96 -8.71
N ILE D 212 -18.65 9.46 -7.98
CA ILE D 212 -19.95 9.22 -8.57
C ILE D 212 -20.63 10.52 -9.03
N PHE D 213 -20.42 11.58 -8.27
CA PHE D 213 -20.95 12.89 -8.60
C PHE D 213 -20.37 13.34 -9.91
N SER D 214 -19.05 13.35 -9.97
CA SER D 214 -18.33 13.80 -11.15
C SER D 214 -18.72 13.01 -12.40
N LYS D 215 -18.71 11.70 -12.25
CA LYS D 215 -19.07 10.80 -13.30
C LYS D 215 -20.51 10.99 -13.78
N THR D 216 -21.42 11.16 -12.83
CA THR D 216 -22.83 11.27 -13.16
C THR D 216 -23.12 12.61 -13.84
N ILE D 217 -22.37 13.65 -13.51
CA ILE D 217 -22.51 14.92 -14.19
C ILE D 217 -22.26 14.70 -15.67
N ALA D 218 -21.19 13.98 -15.97
CA ALA D 218 -20.82 13.74 -17.34
C ALA D 218 -21.88 12.90 -18.05
N LYS D 219 -22.27 11.83 -17.40
CA LYS D 219 -23.31 10.95 -17.92
C LYS D 219 -24.64 11.64 -18.22
N GLU D 220 -25.09 12.48 -17.31
CA GLU D 220 -26.33 13.23 -17.52
C GLU D 220 -26.23 14.27 -18.67
N LEU D 221 -25.06 14.83 -18.89
CA LEU D 221 -24.91 15.76 -20.00
C LEU D 221 -24.84 14.98 -21.34
N ILE D 222 -24.16 13.85 -21.33
CA ILE D 222 -24.10 12.96 -22.51
C ILE D 222 -25.50 12.53 -22.91
N SER D 223 -26.26 12.12 -21.93
CA SER D 223 -27.61 11.70 -22.14
C SER D 223 -28.51 12.83 -22.65
N TYR D 224 -28.34 14.03 -22.12
CA TYR D 224 -29.04 15.19 -22.64
C TYR D 224 -28.63 15.47 -24.12
N VAL D 225 -27.35 15.44 -24.38
CA VAL D 225 -26.86 15.68 -25.71
C VAL D 225 -27.41 14.68 -26.73
N LEU D 226 -27.48 13.40 -26.36
CA LEU D 226 -27.93 12.35 -27.28
C LEU D 226 -29.45 12.26 -27.45
N ASN D 227 -30.21 12.83 -26.52
CA ASN D 227 -31.66 12.68 -26.53
C ASN D 227 -32.42 13.92 -26.93
N SER D 228 -31.79 15.06 -26.86
CA SER D 228 -32.52 16.31 -26.96
C SER D 228 -32.23 17.01 -28.28
N ASP D 229 -32.91 18.13 -28.47
CA ASP D 229 -32.68 19.03 -29.61
C ASP D 229 -31.59 20.04 -29.36
N LEU D 230 -30.95 19.98 -28.21
CA LEU D 230 -29.82 20.84 -27.87
C LEU D 230 -30.14 22.30 -27.59
N SER D 231 -31.41 22.63 -27.42
CA SER D 231 -31.79 24.01 -27.19
C SER D 231 -31.37 24.59 -25.84
N GLU D 232 -31.08 23.74 -24.85
CA GLU D 232 -30.53 24.21 -23.58
C GLU D 232 -29.09 23.71 -23.35
N TYR D 233 -28.39 23.37 -24.41
CA TYR D 233 -27.09 22.75 -24.29
C TYR D 233 -26.12 23.63 -23.54
N HIS D 234 -26.09 24.89 -23.93
CA HIS D 234 -25.16 25.84 -23.30
C HIS D 234 -25.38 25.95 -21.79
N ASN D 235 -26.62 25.98 -21.39
CA ASN D 235 -26.98 26.04 -20.01
C ASN D 235 -26.58 24.78 -19.26
N LYS D 236 -26.94 23.63 -19.81
CA LYS D 236 -26.60 22.34 -19.18
C LYS D 236 -25.08 22.10 -19.12
N LEU D 237 -24.39 22.58 -20.13
CA LEU D 237 -22.96 22.49 -20.18
C LEU D 237 -22.32 23.34 -19.04
N VAL D 238 -22.80 24.56 -18.84
CA VAL D 238 -22.26 25.45 -17.82
C VAL D 238 -22.50 24.85 -16.45
N LYS D 239 -23.69 24.34 -16.25
CA LYS D 239 -24.01 23.67 -14.99
C LYS D 239 -23.08 22.51 -14.75
N ALA D 240 -22.84 21.73 -15.79
CA ALA D 240 -21.95 20.59 -15.70
C ALA D 240 -20.52 20.99 -15.36
N LEU D 241 -20.04 22.02 -16.02
CA LEU D 241 -18.66 22.51 -15.78
C LEU D 241 -18.50 22.99 -14.35
N VAL D 242 -19.53 23.67 -13.87
CA VAL D 242 -19.49 24.22 -12.50
C VAL D 242 -19.55 23.05 -11.54
N GLY D 243 -20.45 22.12 -11.80
CA GLY D 243 -20.58 20.93 -10.96
C GLY D 243 -19.20 20.25 -10.82
N SER D 244 -18.52 20.15 -11.92
N SER D 244 -18.51 20.15 -11.93
CA SER D 244 -17.23 19.51 -11.96
CA SER D 244 -17.22 19.51 -11.97
C SER D 244 -16.19 20.23 -11.09
C SER D 244 -16.23 20.23 -11.04
N GLY D 245 -16.25 21.56 -11.06
CA GLY D 245 -15.38 22.34 -10.22
C GLY D 245 -15.67 22.11 -8.75
N ILE D 246 -16.92 22.04 -8.42
CA ILE D 246 -17.32 21.69 -7.06
C ILE D 246 -16.82 20.32 -6.67
N ALA D 247 -16.94 19.36 -7.58
CA ALA D 247 -16.44 17.99 -7.31
C ALA D 247 -14.95 17.99 -6.98
N ILE D 248 -14.19 18.76 -7.72
CA ILE D 248 -12.78 18.90 -7.43
C ILE D 248 -12.59 19.44 -5.99
N ALA D 249 -13.37 20.47 -5.65
CA ALA D 249 -13.20 21.16 -4.36
C ALA D 249 -13.52 20.22 -3.21
N ILE D 250 -14.56 19.46 -3.40
N ILE D 250 -14.58 19.45 -3.33
CA ILE D 250 -15.05 18.55 -2.40
CA ILE D 250 -14.97 18.57 -2.23
C ILE D 250 -14.14 17.36 -2.15
C ILE D 250 -14.09 17.33 -2.09
N ALA D 251 -13.50 16.88 -3.18
CA ALA D 251 -12.56 15.78 -3.13
C ALA D 251 -11.20 16.27 -2.74
N ASN D 252 -11.03 17.57 -2.81
CA ASN D 252 -9.74 18.17 -2.57
C ASN D 252 -8.65 17.64 -3.50
N SER D 253 -9.01 17.43 -4.75
CA SER D 253 -8.13 16.86 -5.76
C SER D 253 -8.71 17.04 -7.16
N SER D 254 -7.87 17.19 -8.18
CA SER D 254 -8.34 17.20 -9.56
C SER D 254 -8.71 15.80 -10.09
N ARG D 255 -8.53 14.78 -9.25
CA ARG D 255 -8.83 13.40 -9.63
C ARG D 255 -10.18 13.16 -10.25
N PRO D 256 -11.27 13.71 -9.69
CA PRO D 256 -12.53 13.44 -10.35
C PRO D 256 -12.71 14.03 -11.74
N ALA D 257 -11.82 14.90 -12.15
CA ALA D 257 -12.04 15.69 -13.38
C ALA D 257 -10.87 15.61 -14.33
N SER D 258 -9.78 15.01 -13.88
CA SER D 258 -8.58 15.01 -14.66
C SER D 258 -7.82 13.68 -14.47
N GLY D 259 -7.63 12.97 -15.57
CA GLY D 259 -6.88 11.70 -15.59
C GLY D 259 -5.99 11.57 -16.82
N SER D 260 -5.92 10.35 -17.35
CA SER D 260 -5.01 10.07 -18.49
C SER D 260 -5.34 10.94 -19.69
N GLU D 261 -6.62 11.22 -19.89
CA GLU D 261 -7.02 12.02 -21.04
C GLU D 261 -6.45 13.42 -20.97
N HIS D 262 -6.32 13.94 -19.77
CA HIS D 262 -5.73 15.25 -19.55
C HIS D 262 -4.20 15.16 -19.71
N LEU D 263 -3.60 14.07 -19.30
CA LEU D 263 -2.16 13.86 -19.51
C LEU D 263 -1.84 13.88 -20.99
N PHE D 264 -2.68 13.18 -21.75
CA PHE D 264 -2.58 13.20 -23.18
C PHE D 264 -2.65 14.61 -23.71
N SER D 265 -3.63 15.36 -23.25
CA SER D 265 -3.79 16.75 -23.71
C SER D 265 -2.57 17.62 -23.38
N HIS D 266 -2.04 17.49 -22.16
CA HIS D 266 -0.83 18.23 -21.77
C HIS D 266 0.36 17.82 -22.63
N ALA D 267 0.46 16.55 -22.97
CA ALA D 267 1.52 16.08 -23.85
C ALA D 267 1.40 16.77 -25.21
N LEU D 268 0.19 16.83 -25.75
CA LEU D 268 -0.04 17.57 -26.99
C LEU D 268 0.46 19.00 -26.88
N ASP D 269 0.14 19.65 -25.76
CA ASP D 269 0.58 21.02 -25.55
C ASP D 269 2.11 21.15 -25.52
N LYS D 270 2.76 20.22 -24.83
CA LYS D 270 4.24 20.17 -24.76
C LYS D 270 4.86 20.03 -26.14
N LEU D 271 4.28 19.17 -26.97
CA LEU D 271 4.73 18.97 -28.33
C LEU D 271 4.49 20.17 -29.26
N LYS D 272 3.38 20.88 -29.07
CA LYS D 272 3.09 22.09 -29.85
C LYS D 272 4.17 23.10 -29.63
N GLU D 273 4.50 23.32 -28.36
CA GLU D 273 5.54 24.26 -27.96
C GLU D 273 6.91 23.83 -28.49
N GLU D 274 7.20 22.55 -28.33
CA GLU D 274 8.48 21.96 -28.71
C GLU D 274 8.74 22.08 -30.21
N TYR D 275 7.79 21.62 -31.00
CA TYR D 275 7.93 21.65 -32.47
C TYR D 275 7.42 22.95 -33.08
N ASN D 276 7.10 23.88 -32.21
CA ASN D 276 6.62 25.18 -32.64
C ASN D 276 5.54 25.02 -33.73
N LEU D 277 4.60 24.13 -33.46
CA LEU D 277 3.48 23.92 -34.37
C LEU D 277 2.56 25.11 -34.18
N ASN D 278 1.92 25.51 -35.26
CA ASN D 278 0.93 26.56 -35.18
C ASN D 278 -0.46 25.91 -35.36
N ILE D 279 -0.86 25.17 -34.34
CA ILE D 279 -2.16 24.52 -34.34
C ILE D 279 -2.97 25.29 -33.34
N ASN D 280 -4.21 25.50 -33.70
CA ASN D 280 -5.10 26.34 -32.97
C ASN D 280 -6.14 25.49 -32.27
N SER D 281 -5.71 24.47 -31.53
CA SER D 281 -6.61 23.52 -30.88
C SER D 281 -6.90 23.96 -29.45
N LEU D 282 -8.12 23.71 -29.01
CA LEU D 282 -8.52 24.03 -27.65
C LEU D 282 -8.32 22.88 -26.69
N HIS D 283 -8.10 23.24 -25.44
CA HIS D 283 -7.90 22.32 -24.36
C HIS D 283 -8.99 21.27 -24.29
N GLY D 284 -10.24 21.70 -24.28
CA GLY D 284 -11.39 20.79 -24.24
C GLY D 284 -11.43 19.79 -25.38
N GLU D 285 -11.07 20.27 -26.56
CA GLU D 285 -11.07 19.44 -27.80
C GLU D 285 -10.09 18.29 -27.63
N GLN D 286 -8.91 18.64 -27.13
CA GLN D 286 -7.86 17.67 -26.92
C GLN D 286 -8.24 16.65 -25.88
N CYS D 287 -8.83 17.13 -24.78
CA CYS D 287 -9.33 16.24 -23.72
C CYS D 287 -10.41 15.28 -24.22
N GLY D 288 -11.30 15.79 -25.08
CA GLY D 288 -12.36 14.95 -25.64
C GLY D 288 -11.79 13.74 -26.40
N ILE D 289 -10.83 14.02 -27.23
CA ILE D 289 -10.21 12.97 -28.05
C ILE D 289 -9.42 12.02 -27.17
N GLY D 290 -8.72 12.60 -26.20
CA GLY D 290 -8.06 11.83 -25.16
C GLY D 290 -9.01 10.86 -24.48
N THR D 291 -10.20 11.33 -24.20
CA THR D 291 -11.17 10.53 -23.48
C THR D 291 -11.65 9.35 -24.29
N ILE D 292 -11.91 9.59 -25.56
CA ILE D 292 -12.27 8.51 -26.49
C ILE D 292 -11.28 7.34 -26.32
N MET D 293 -9.99 7.68 -26.43
CA MET D 293 -8.94 6.67 -26.45
C MET D 293 -8.73 6.01 -25.11
N MET D 294 -8.68 6.81 -24.05
CA MET D 294 -8.47 6.25 -22.69
C MET D 294 -9.62 5.41 -22.23
N SER D 295 -10.80 5.78 -22.66
CA SER D 295 -11.95 4.96 -22.36
C SER D 295 -11.79 3.57 -22.97
N TYR D 296 -11.23 3.56 -24.16
CA TYR D 296 -11.08 2.33 -24.90
C TYR D 296 -10.10 1.42 -24.20
N LEU D 297 -9.02 2.01 -23.67
CA LEU D 297 -8.07 1.26 -22.82
C LEU D 297 -8.74 0.61 -21.60
N HIS D 298 -9.62 1.35 -20.94
CA HIS D 298 -10.37 0.79 -19.81
C HIS D 298 -11.28 -0.34 -20.27
N GLU D 299 -11.85 -0.18 -21.43
CA GLU D 299 -12.75 -1.19 -22.03
C GLU D 299 -12.07 -2.54 -22.24
N LYS D 300 -10.84 -2.50 -22.73
CA LYS D 300 -10.04 -3.70 -22.95
C LYS D 300 -9.98 -4.57 -21.71
N GLU D 301 -9.85 -3.93 -20.57
CA GLU D 301 -9.72 -4.63 -19.27
C GLU D 301 -11.00 -4.85 -18.53
N ASN D 302 -12.07 -4.23 -18.98
CA ASN D 302 -13.36 -4.40 -18.31
C ASN D 302 -14.49 -4.36 -19.33
N LYS D 303 -14.92 -5.55 -19.69
CA LYS D 303 -15.85 -5.76 -20.79
C LYS D 303 -17.24 -5.18 -20.50
N LYS D 304 -17.56 -4.97 -19.23
CA LYS D 304 -18.82 -4.35 -18.90
C LYS D 304 -18.87 -2.88 -19.33
N LEU D 305 -17.72 -2.29 -19.60
CA LEU D 305 -17.65 -0.91 -20.13
C LEU D 305 -17.74 -0.86 -21.66
N SER D 306 -17.80 -2.01 -22.27
CA SER D 306 -17.61 -2.10 -23.72
C SER D 306 -18.62 -1.24 -24.46
N GLY D 307 -18.11 -0.38 -25.31
CA GLY D 307 -18.97 0.53 -26.06
C GLY D 307 -19.05 1.98 -25.52
N LEU D 308 -18.50 2.16 -24.35
CA LEU D 308 -18.47 3.45 -23.68
C LEU D 308 -17.79 4.48 -24.58
N HIS D 309 -16.65 4.13 -25.15
CA HIS D 309 -15.90 5.07 -25.94
C HIS D 309 -16.69 5.51 -27.18
N GLU D 310 -17.55 4.65 -27.68
CA GLU D 310 -18.32 4.95 -28.86
C GLU D 310 -19.41 5.91 -28.51
N LYS D 311 -19.96 5.73 -27.33
CA LYS D 311 -21.02 6.63 -26.84
C LYS D 311 -20.48 8.05 -26.62
N ILE D 312 -19.26 8.12 -26.11
CA ILE D 312 -18.60 9.37 -25.87
C ILE D 312 -18.35 10.04 -27.18
N LYS D 313 -17.83 9.26 -28.12
CA LYS D 313 -17.53 9.78 -29.46
C LYS D 313 -18.79 10.31 -30.10
N MET D 314 -19.86 9.57 -29.99
CA MET D 314 -21.13 10.04 -30.55
C MET D 314 -21.57 11.38 -29.91
N SER D 315 -21.43 11.50 -28.60
CA SER D 315 -21.87 12.69 -27.91
C SER D 315 -21.05 13.87 -28.38
N LEU D 316 -19.77 13.64 -28.60
CA LEU D 316 -18.88 14.70 -29.04
C LEU D 316 -19.27 15.15 -30.43
N LYS D 317 -19.53 14.19 -31.29
CA LYS D 317 -19.98 14.49 -32.66
C LYS D 317 -21.27 15.27 -32.67
N LYS D 318 -22.19 14.86 -31.82
CA LYS D 318 -23.47 15.52 -31.78
C LYS D 318 -23.35 17.03 -31.50
N VAL D 319 -22.32 17.43 -30.75
CA VAL D 319 -22.15 18.88 -30.48
C VAL D 319 -21.06 19.49 -31.31
N ASP D 320 -20.58 18.72 -32.25
CA ASP D 320 -19.60 19.16 -33.23
C ASP D 320 -18.21 19.32 -32.70
N ALA D 321 -17.90 18.64 -31.62
CA ALA D 321 -16.52 18.65 -31.11
C ALA D 321 -15.69 17.71 -31.99
N PRO D 322 -14.40 18.02 -32.16
CA PRO D 322 -13.66 17.07 -32.98
C PRO D 322 -13.46 15.69 -32.33
N THR D 323 -13.44 14.66 -33.15
CA THR D 323 -13.16 13.30 -32.68
C THR D 323 -11.97 12.61 -33.35
N THR D 324 -11.32 13.29 -34.28
CA THR D 324 -10.15 12.73 -34.98
C THR D 324 -9.05 13.72 -35.01
N ALA D 325 -7.86 13.18 -35.19
CA ALA D 325 -6.64 13.98 -35.23
C ALA D 325 -6.73 15.00 -36.36
N LYS D 326 -7.29 14.55 -37.47
CA LYS D 326 -7.43 15.39 -38.65
C LYS D 326 -8.36 16.54 -38.38
N GLU D 327 -9.52 16.26 -37.79
CA GLU D 327 -10.43 17.35 -37.42
C GLU D 327 -9.74 18.28 -36.41
N LEU D 328 -8.88 17.74 -35.56
CA LEU D 328 -8.22 18.53 -34.52
C LEU D 328 -7.07 19.37 -35.02
N GLY D 329 -6.51 18.99 -36.16
CA GLY D 329 -5.42 19.72 -36.75
C GLY D 329 -4.05 19.15 -36.44
N PHE D 330 -3.97 17.88 -36.09
CA PHE D 330 -2.66 17.24 -35.86
C PHE D 330 -2.37 16.11 -36.81
N ASP D 331 -1.09 15.93 -37.06
CA ASP D 331 -0.61 14.82 -37.87
C ASP D 331 -0.43 13.59 -36.96
N GLU D 332 -0.87 12.44 -37.47
CA GLU D 332 -0.95 11.23 -36.67
C GLU D 332 0.28 10.92 -35.82
N ASP D 333 1.43 11.36 -36.26
CA ASP D 333 2.66 11.16 -35.51
C ASP D 333 2.64 11.83 -34.16
N ILE D 334 2.13 13.06 -34.14
CA ILE D 334 2.08 13.85 -32.93
C ILE D 334 1.13 13.18 -31.91
N ILE D 335 0.00 12.69 -32.40
CA ILE D 335 -0.94 11.96 -31.59
C ILE D 335 -0.23 10.79 -30.90
N ILE D 336 0.50 10.04 -31.71
CA ILE D 336 1.19 8.83 -31.26
C ILE D 336 2.28 9.16 -30.27
N GLU D 337 3.09 10.14 -30.59
CA GLU D 337 4.11 10.58 -29.64
C GLU D 337 3.48 11.07 -28.31
N ALA D 338 2.37 11.79 -28.42
CA ALA D 338 1.70 12.33 -27.23
C ALA D 338 1.26 11.18 -26.34
N LEU D 339 0.69 10.18 -26.96
CA LEU D 339 0.23 8.99 -26.23
C LEU D 339 1.34 8.31 -25.46
N THR D 340 2.51 8.20 -26.09
CA THR D 340 3.65 7.49 -25.48
C THR D 340 4.30 8.28 -24.35
N MET D 341 4.17 9.59 -24.43
CA MET D 341 4.67 10.53 -23.43
C MET D 341 3.77 10.74 -22.22
N ALA D 342 2.48 10.50 -22.44
CA ALA D 342 1.45 11.03 -21.55
C ALA D 342 1.62 10.61 -20.08
N HIS D 343 1.99 9.37 -19.88
CA HIS D 343 2.14 8.81 -18.51
C HIS D 343 3.27 9.48 -17.70
N LYS D 344 4.22 10.09 -18.42
CA LYS D 344 5.37 10.78 -17.81
C LYS D 344 5.04 12.21 -17.42
N ILE D 345 3.96 12.76 -17.96
CA ILE D 345 3.62 14.19 -17.78
C ILE D 345 3.46 14.57 -16.31
N ARG D 346 2.95 13.63 -15.53
CA ARG D 346 2.78 13.87 -14.12
C ARG D 346 2.76 12.55 -13.42
N ASN D 347 3.08 12.62 -12.13
CA ASN D 347 3.18 11.43 -11.31
C ASN D 347 1.80 10.92 -10.80
N ARG D 348 0.98 10.48 -11.73
CA ARG D 348 -0.41 10.16 -11.44
C ARG D 348 -0.75 8.88 -12.14
N TRP D 349 -1.05 7.87 -11.35
CA TRP D 349 -1.30 6.57 -11.91
C TRP D 349 -2.64 6.56 -12.66
N THR D 350 -2.58 6.06 -13.89
CA THR D 350 -3.76 5.90 -14.73
C THR D 350 -3.68 4.60 -15.49
N ILE D 351 -4.71 4.35 -16.28
CA ILE D 351 -4.79 3.20 -17.19
C ILE D 351 -3.52 3.09 -18.09
N LEU D 352 -2.85 4.21 -18.33
CA LEU D 352 -1.61 4.15 -19.07
C LEU D 352 -0.53 3.38 -18.34
N ARG D 353 -0.68 3.23 -17.04
CA ARG D 353 0.32 2.55 -16.22
C ARG D 353 1.73 3.03 -16.50
N ASP D 354 2.64 2.14 -16.82
CA ASP D 354 4.03 2.54 -17.11
C ASP D 354 4.28 2.91 -18.55
N GLY D 355 3.24 2.97 -19.35
CA GLY D 355 3.36 3.65 -20.63
C GLY D 355 3.05 2.79 -21.84
N LEU D 356 2.68 3.48 -22.92
CA LEU D 356 2.37 2.84 -24.18
C LEU D 356 3.58 2.84 -25.09
N SER D 357 3.80 1.70 -25.74
CA SER D 357 4.75 1.67 -26.83
C SER D 357 4.20 2.44 -27.99
N ARG D 358 5.07 2.83 -28.91
CA ARG D 358 4.64 3.51 -30.11
C ARG D 358 3.65 2.69 -30.89
N GLU D 359 3.82 1.38 -30.86
CA GLU D 359 2.99 0.50 -31.66
C GLU D 359 1.60 0.43 -31.05
N GLU D 360 1.58 0.27 -29.74
CA GLU D 360 0.37 0.30 -28.95
C GLU D 360 -0.39 1.62 -29.12
N ALA D 361 0.36 2.72 -29.11
CA ALA D 361 -0.20 4.04 -29.30
C ALA D 361 -0.91 4.15 -30.66
N ARG D 362 -0.29 3.67 -31.72
N ARG D 362 -0.25 3.72 -31.72
CA ARG D 362 -0.88 3.74 -33.04
CA ARG D 362 -0.82 3.68 -33.06
C ARG D 362 -2.06 2.79 -33.21
C ARG D 362 -2.06 2.82 -33.15
N LYS D 363 -1.99 1.62 -32.61
CA LYS D 363 -3.13 0.73 -32.69
C LYS D 363 -4.34 1.31 -31.97
N LEU D 364 -4.08 1.85 -30.78
CA LEU D 364 -5.11 2.49 -29.98
C LEU D 364 -5.81 3.61 -30.78
N ALA D 365 -5.00 4.50 -31.28
CA ALA D 365 -5.46 5.61 -32.09
C ALA D 365 -6.21 5.12 -33.36
N GLU D 366 -5.73 4.04 -33.93
CA GLU D 366 -6.39 3.45 -35.11
C GLU D 366 -7.71 2.80 -34.78
N GLU D 367 -7.68 1.95 -33.77
CA GLU D 367 -8.87 1.22 -33.35
C GLU D 367 -10.04 2.12 -32.94
N THR D 368 -9.73 3.33 -32.50
CA THR D 368 -10.75 4.24 -31.99
C THR D 368 -11.15 5.26 -33.03
N GLY D 369 -10.40 5.28 -34.13
CA GLY D 369 -10.73 6.12 -35.25
C GLY D 369 -10.15 7.49 -35.13
N VAL D 370 -9.23 7.69 -34.20
CA VAL D 370 -8.64 9.00 -34.02
C VAL D 370 -7.70 9.27 -35.18
N ILE D 371 -7.08 8.21 -35.65
CA ILE D 371 -6.30 8.24 -36.90
C ILE D 371 -6.69 7.08 -37.81
#